data_4LHD
#
_entry.id   4LHD
#
_cell.length_a   159.992
_cell.length_b   159.992
_cell.length_c   159.680
_cell.angle_alpha   90.00
_cell.angle_beta   90.00
_cell.angle_gamma   120.00
#
_symmetry.space_group_name_H-M   'P 3 2 1'
#
loop_
_entity.id
_entity.type
_entity.pdbx_description
1 polymer 'Glycine dehydrogenase [decarboxylating]'
2 non-polymer GLYCINE
3 non-polymer 'BICARBONATE ION'
4 non-polymer 'PHOSPHATE ION'
5 non-polymer 1,2-ETHANEDIOL
6 water water
#
_entity_poly.entity_id   1
_entity_poly.type   'polypeptide(L)'
_entity_poly.pdbx_seq_one_letter_code
;MPNLEPAVVVPTSEAIAVDLTKLEEKLAPADSFLDRHLGPGETEQRQMLQTLGFDTLGDLIDQAVPPAIRFPRSLQLPAS
QSEYGAIAQLKSIASKNQVFRSYIGMGYYDTITPPVIQRNILENPGWYTAYTPYQAEIAQGRLEALLNFQTMVMDLTGLE
IANASLLDEGTAAAEAMALSYGVSKSKANAFFVAQDCHPQTIEVIKTRANPLGIEVIVGDHHTFSFSTSIFGALLQYPAT
DGAVYDYRSFIDKAHQHQALVTLAADPLSLTLLTPPGELGADIAVGSTQRFGIPLGYGGPHAAYFATKAEYQRKMPGRIV
GVSKDAHGNPALRLALQTREQHIRRDKATSNICTAQVLLAVMASMYGVYHGSTGLKNIALRIHQLTVLLAIGLKRLNYSL
NNDYFFDTLRVGVGEQSAPAILKAAEGRGINLRPLVPGEVGISLDETVTVQDLLDLWQVFAGKDNLPFTPEELWSEVKTS
FPADLTRQSLYLQDAVFNQYHSETELLRYLHQLESKDLALNTSMIPLGSCTMKLNATAEMMPVTWPEFGKIHPFAPAGQT
EGYQILFAQLEAWLGEITGFDAISLQPNAGSQGEYAGLQVIRQYHLSRGEEQRNICLIPESAHGTNPASAVMCGMQVVPV
KCDGEGNIDVEDLTSKAEKYGDRLAALMVTYPSTHGVFEATIGTICDIVHRFGGEVYMDGANMNAQVGLCRPADFGADVC
HLNLH(LLP)TFCIPHGGGGPGMGPIGVKSHLQAFLPRTSLNSTAELQAEDQSIGMISAAPYGSASILVISWMYIAMMGP
QGLTKATEVAILSANYMAKRLENYYPILFRGNNELVAHECILDLRPLKKQAAIEVEDVAKRLMDFGFHAPTVSWPVLGTM
MVEPTESESLGELDRFCDAMIAIYQEAQAITHGEIDPADNPLKNAPHTAQSLICGEWNHPYSQEEAAYPAPWTKQFKFWP
AVGRINNTYGDRHLVCSCEGMEAYKEG
;
_entity_poly.pdbx_strand_id   A,B
#
# COMPACT_ATOMS: atom_id res chain seq x y z
N ALA A 15 1.05 4.68 40.63
CA ALA A 15 1.01 3.80 41.80
C ALA A 15 0.89 2.35 41.35
N ILE A 16 -0.27 2.05 40.78
CA ILE A 16 -0.52 0.75 40.17
C ILE A 16 0.16 0.70 38.81
N ALA A 17 0.06 1.80 38.06
CA ALA A 17 0.78 1.95 36.81
C ALA A 17 2.29 1.86 37.04
N VAL A 18 2.74 2.47 38.13
CA VAL A 18 4.14 2.40 38.52
C VAL A 18 4.56 0.94 38.75
N ASP A 19 3.72 0.20 39.48
CA ASP A 19 3.96 -1.22 39.74
C ASP A 19 4.05 -2.01 38.44
N LEU A 20 3.11 -1.77 37.54
CA LEU A 20 3.09 -2.46 36.25
C LEU A 20 4.30 -2.14 35.39
N THR A 21 4.72 -0.88 35.40
CA THR A 21 5.91 -0.47 34.66
C THR A 21 7.13 -1.24 35.18
N LYS A 22 7.24 -1.34 36.49
CA LYS A 22 8.32 -2.07 37.13
C LYS A 22 8.33 -3.53 36.68
N LEU A 23 7.14 -4.14 36.66
CA LEU A 23 7.01 -5.53 36.26
C LEU A 23 7.40 -5.70 34.80
N GLU A 24 6.92 -4.79 33.95
CA GLU A 24 7.18 -4.87 32.51
C GLU A 24 8.68 -4.83 32.19
N GLU A 25 9.43 -4.09 33.00
CA GLU A 25 10.88 -3.98 32.79
C GLU A 25 11.61 -5.30 33.05
N LYS A 26 10.96 -6.19 33.80
CA LYS A 26 11.55 -7.48 34.15
C LYS A 26 11.48 -8.47 32.97
N LEU A 27 10.54 -8.22 32.07
CA LEU A 27 10.24 -9.14 30.98
C LEU A 27 11.32 -9.16 29.92
N ALA A 28 11.39 -10.25 29.15
CA ALA A 28 12.23 -10.29 27.97
C ALA A 28 11.94 -9.08 27.10
N PRO A 29 12.99 -8.51 26.46
CA PRO A 29 12.86 -7.29 25.66
C PRO A 29 11.83 -7.45 24.56
N ALA A 30 10.93 -6.48 24.40
CA ALA A 30 9.96 -6.54 23.32
C ALA A 30 10.50 -5.78 22.11
N ASP A 31 9.80 -5.89 20.98
CA ASP A 31 10.19 -5.19 19.75
C ASP A 31 10.20 -3.70 20.03
N SER A 32 11.39 -3.10 19.92
CA SER A 32 11.55 -1.67 20.13
C SER A 32 11.58 -0.94 18.78
N PHE A 33 10.73 0.08 18.63
CA PHE A 33 10.70 0.80 17.37
C PHE A 33 12.06 1.45 17.07
N LEU A 34 12.76 1.88 18.12
CA LEU A 34 14.09 2.47 17.92
C LEU A 34 15.00 1.57 17.08
N ASP A 35 14.92 0.27 17.34
CA ASP A 35 15.75 -0.69 16.62
C ASP A 35 15.31 -0.88 15.17
N ARG A 36 14.08 -0.49 14.84
CA ARG A 36 13.64 -0.53 13.45
C ARG A 36 13.97 0.77 12.75
N HIS A 37 13.94 1.87 13.49
CA HIS A 37 14.19 3.18 12.91
C HIS A 37 15.68 3.40 12.61
N LEU A 38 16.54 3.00 13.54
CA LEU A 38 17.99 3.09 13.32
C LEU A 38 18.46 2.08 12.30
N GLY A 39 19.42 2.48 11.47
CA GLY A 39 20.09 1.57 10.57
C GLY A 39 21.18 0.78 11.28
N PRO A 40 22.19 1.47 11.85
CA PRO A 40 23.27 0.75 12.52
C PRO A 40 22.89 0.27 13.92
N GLY A 41 23.01 -1.02 14.17
CA GLY A 41 22.82 -1.54 15.51
C GLY A 41 24.08 -1.33 16.34
N GLU A 42 24.08 -1.85 17.56
CA GLU A 42 25.22 -1.63 18.46
C GLU A 42 26.55 -2.12 17.90
N THR A 43 26.54 -3.27 17.22
CA THR A 43 27.77 -3.82 16.66
C THR A 43 28.29 -2.91 15.55
N GLU A 44 27.39 -2.50 14.66
CA GLU A 44 27.76 -1.58 13.59
C GLU A 44 28.24 -0.22 14.13
N GLN A 45 27.57 0.29 15.16
CA GLN A 45 28.00 1.55 15.77
C GLN A 45 29.42 1.44 16.34
N ARG A 46 29.72 0.33 17.00
CA ARG A 46 31.06 0.11 17.55
C ARG A 46 32.11 0.10 16.44
N GLN A 47 31.78 -0.53 15.31
CA GLN A 47 32.68 -0.56 14.16
C GLN A 47 32.98 0.84 13.64
N MET A 48 31.94 1.67 13.58
CA MET A 48 32.10 3.02 13.03
C MET A 48 32.92 3.87 13.99
N LEU A 49 32.70 3.69 15.29
CA LEU A 49 33.49 4.41 16.31
C LEU A 49 34.96 4.02 16.23
N GLN A 50 35.22 2.74 15.96
CA GLN A 50 36.59 2.24 15.83
C GLN A 50 37.27 2.92 14.64
N THR A 51 36.54 3.04 13.53
CA THR A 51 37.08 3.72 12.34
C THR A 51 37.41 5.18 12.66
N LEU A 52 36.59 5.79 13.51
CA LEU A 52 36.75 7.20 13.88
C LEU A 52 37.75 7.43 15.00
N GLY A 53 38.12 6.38 15.73
CA GLY A 53 39.08 6.50 16.81
C GLY A 53 38.48 6.95 18.12
N PHE A 54 37.17 6.74 18.29
CA PHE A 54 36.50 7.09 19.53
C PHE A 54 36.12 5.82 20.31
N ASP A 55 36.29 5.87 21.63
CA ASP A 55 36.01 4.71 22.47
C ASP A 55 34.51 4.50 22.65
N THR A 56 33.75 5.58 22.72
CA THR A 56 32.30 5.50 22.91
C THR A 56 31.56 6.57 22.10
N LEU A 57 30.28 6.33 21.87
CA LEU A 57 29.44 7.30 21.20
C LEU A 57 29.33 8.56 22.05
N GLY A 58 29.23 8.37 23.37
CA GLY A 58 29.19 9.48 24.30
C GLY A 58 30.38 10.43 24.14
N ASP A 59 31.57 9.87 23.96
CA ASP A 59 32.78 10.67 23.76
C ASP A 59 32.68 11.50 22.48
N LEU A 60 32.28 10.85 21.38
CA LEU A 60 32.12 11.55 20.11
C LEU A 60 31.15 12.73 20.23
N ILE A 61 30.00 12.48 20.84
CA ILE A 61 28.99 13.52 21.00
C ILE A 61 29.46 14.66 21.92
N ASP A 62 30.15 14.33 23.00
CA ASP A 62 30.72 15.35 23.89
C ASP A 62 31.74 16.23 23.15
N GLN A 63 32.42 15.66 22.16
CA GLN A 63 33.39 16.45 21.38
C GLN A 63 32.77 17.17 20.18
N ALA A 64 31.62 16.69 19.72
CA ALA A 64 30.93 17.33 18.60
C ALA A 64 30.14 18.57 19.03
N VAL A 65 29.35 18.43 20.09
CA VAL A 65 28.45 19.49 20.53
C VAL A 65 29.13 20.36 21.56
N PRO A 66 29.15 21.69 21.32
CA PRO A 66 29.75 22.62 22.29
C PRO A 66 29.13 22.41 23.67
N PRO A 67 29.96 22.06 24.66
CA PRO A 67 29.37 21.65 25.95
C PRO A 67 28.49 22.74 26.56
N ALA A 68 28.75 23.99 26.21
CA ALA A 68 27.98 25.13 26.73
C ALA A 68 26.49 25.11 26.34
N ILE A 69 26.18 24.78 25.09
CA ILE A 69 24.79 24.80 24.64
C ILE A 69 24.11 23.47 24.92
N ARG A 70 24.85 22.54 25.48
CA ARG A 70 24.35 21.20 25.72
C ARG A 70 23.18 21.18 26.72
N PHE A 71 22.13 20.45 26.36
CA PHE A 71 20.93 20.30 27.20
C PHE A 71 21.29 19.34 28.34
N PRO A 72 21.19 19.82 29.60
CA PRO A 72 21.77 19.12 30.75
C PRO A 72 20.94 17.98 31.35
N ARG A 73 19.80 17.63 30.76
CA ARG A 73 18.98 16.55 31.30
C ARG A 73 18.29 15.75 30.19
N SER A 74 17.55 14.72 30.57
CA SER A 74 16.73 13.98 29.62
C SER A 74 15.53 14.81 29.19
N LEU A 75 15.08 14.63 27.95
CA LEU A 75 13.85 15.27 27.50
C LEU A 75 12.69 14.72 28.33
N GLN A 76 11.79 15.60 28.74
CA GLN A 76 10.60 15.21 29.50
C GLN A 76 9.49 14.85 28.51
N LEU A 77 9.50 13.59 28.05
CA LEU A 77 8.52 13.09 27.08
C LEU A 77 8.05 11.72 27.54
N PRO A 78 6.85 11.29 27.10
CA PRO A 78 6.35 9.97 27.51
C PRO A 78 7.29 8.85 27.11
N ALA A 79 7.37 7.81 27.95
CA ALA A 79 8.22 6.66 27.65
C ALA A 79 7.78 6.04 26.33
N SER A 80 8.73 5.46 25.60
CA SER A 80 8.46 4.91 24.28
C SER A 80 7.38 3.84 24.33
N GLN A 81 6.59 3.78 23.27
CA GLN A 81 5.59 2.74 23.09
C GLN A 81 5.96 1.93 21.89
N SER A 82 5.49 0.68 21.86
CA SER A 82 5.72 -0.17 20.69
C SER A 82 4.89 0.37 19.52
N GLU A 83 5.15 -0.12 18.31
CA GLU A 83 4.33 0.30 17.18
C GLU A 83 2.87 -0.05 17.48
N TYR A 84 2.67 -1.25 18.00
CA TYR A 84 1.32 -1.74 18.29
C TYR A 84 0.63 -0.86 19.33
N GLY A 85 1.35 -0.53 20.40
CA GLY A 85 0.77 0.25 21.47
C GLY A 85 0.52 1.70 21.05
N ALA A 86 1.45 2.28 20.29
CA ALA A 86 1.27 3.66 19.84
C ALA A 86 0.07 3.79 18.88
N ILE A 87 -0.07 2.84 17.96
CA ILE A 87 -1.24 2.82 17.07
C ILE A 87 -2.52 2.74 17.89
N ALA A 88 -2.53 1.86 18.89
CA ALA A 88 -3.72 1.72 19.74
C ALA A 88 -4.03 3.03 20.47
N GLN A 89 -2.97 3.70 20.98
CA GLN A 89 -3.20 4.95 21.70
C GLN A 89 -3.77 6.01 20.77
N LEU A 90 -3.22 6.12 19.56
CA LEU A 90 -3.70 7.12 18.62
C LEU A 90 -5.11 6.77 18.11
N LYS A 91 -5.41 5.48 18.01
CA LYS A 91 -6.76 5.10 17.56
C LYS A 91 -7.78 5.57 18.58
N SER A 92 -7.42 5.46 19.86
CA SER A 92 -8.28 5.91 20.93
C SER A 92 -8.52 7.43 20.86
N ILE A 93 -7.46 8.16 20.54
CA ILE A 93 -7.56 9.61 20.34
C ILE A 93 -8.42 9.93 19.11
N ALA A 94 -8.15 9.24 18.02
CA ALA A 94 -8.88 9.46 16.76
C ALA A 94 -10.36 9.21 16.93
N SER A 95 -10.71 8.23 17.76
CA SER A 95 -12.11 7.85 17.95
C SER A 95 -12.92 8.99 18.57
N LYS A 96 -12.23 9.99 19.12
CA LYS A 96 -12.92 11.13 19.71
C LYS A 96 -13.41 12.15 18.67
N ASN A 97 -12.83 12.10 17.48
CA ASN A 97 -13.32 12.93 16.36
C ASN A 97 -14.62 12.35 15.85
N GLN A 98 -15.48 13.20 15.30
CA GLN A 98 -16.73 12.72 14.71
C GLN A 98 -16.73 13.04 13.22
N VAL A 99 -16.93 12.02 12.40
CA VAL A 99 -16.96 12.18 10.95
C VAL A 99 -18.39 12.57 10.53
N PHE A 100 -18.60 13.85 10.27
CA PHE A 100 -19.90 14.32 9.81
C PHE A 100 -19.97 14.39 8.29
N ARG A 101 -21.18 14.54 7.76
CA ARG A 101 -21.34 14.98 6.39
C ARG A 101 -21.26 16.50 6.42
N SER A 102 -20.10 17.04 6.06
CA SER A 102 -19.92 18.49 6.14
C SER A 102 -20.22 19.08 4.78
N TYR A 103 -21.20 19.97 4.75
CA TYR A 103 -21.56 20.69 3.55
C TYR A 103 -21.22 22.16 3.78
N ILE A 104 -20.14 22.37 4.53
CA ILE A 104 -19.70 23.71 4.93
C ILE A 104 -19.11 24.49 3.75
N GLY A 105 -18.43 23.79 2.85
CA GLY A 105 -17.81 24.45 1.72
C GLY A 105 -16.58 25.24 2.13
N MET A 106 -16.56 26.52 1.77
CA MET A 106 -15.46 27.41 2.11
C MET A 106 -14.12 26.90 1.59
N GLY A 107 -14.13 26.25 0.43
CA GLY A 107 -12.89 25.83 -0.18
C GLY A 107 -12.44 24.40 0.12
N TYR A 108 -13.28 23.65 0.82
CA TYR A 108 -12.99 22.24 1.14
C TYR A 108 -14.28 21.44 0.96
N TYR A 109 -14.23 20.39 0.15
CA TYR A 109 -15.44 19.64 -0.21
C TYR A 109 -15.10 18.17 -0.22
N ASP A 110 -15.93 17.34 0.42
CA ASP A 110 -15.61 15.92 0.45
C ASP A 110 -15.53 15.36 -0.96
N THR A 111 -14.73 14.31 -1.14
CA THR A 111 -14.42 13.84 -2.48
C THR A 111 -14.06 12.37 -2.32
N ILE A 112 -14.16 11.63 -3.41
CA ILE A 112 -13.90 10.21 -3.37
C ILE A 112 -12.52 9.93 -3.95
N THR A 113 -11.58 9.54 -3.09
CA THR A 113 -10.27 9.13 -3.54
C THR A 113 -10.43 7.74 -4.12
N PRO A 114 -10.18 7.59 -5.44
CA PRO A 114 -10.30 6.24 -6.01
C PRO A 114 -9.43 5.26 -5.22
N PRO A 115 -10.00 4.15 -4.75
CA PRO A 115 -9.21 3.20 -3.98
C PRO A 115 -7.87 2.85 -4.62
N VAL A 116 -7.82 2.69 -5.94
CA VAL A 116 -6.57 2.29 -6.58
C VAL A 116 -5.48 3.33 -6.38
N ILE A 117 -5.87 4.61 -6.33
CA ILE A 117 -4.93 5.68 -6.06
C ILE A 117 -4.54 5.76 -4.58
N GLN A 118 -5.51 5.57 -3.70
CA GLN A 118 -5.20 5.53 -2.27
C GLN A 118 -4.15 4.46 -1.95
N ARG A 119 -4.35 3.27 -2.48
CA ARG A 119 -3.48 2.15 -2.15
C ARG A 119 -2.11 2.27 -2.84
N ASN A 120 -2.11 2.64 -4.11
CA ASN A 120 -0.89 2.52 -4.90
C ASN A 120 -0.09 3.81 -5.07
N ILE A 121 -0.63 4.90 -4.53
CA ILE A 121 0.12 6.14 -4.47
C ILE A 121 0.24 6.60 -3.02
N LEU A 122 -0.88 6.96 -2.39
CA LEU A 122 -0.83 7.55 -1.04
C LEU A 122 -0.25 6.60 0.01
N GLU A 123 -0.48 5.30 -0.16
CA GLU A 123 0.00 4.29 0.79
C GLU A 123 1.12 3.45 0.21
N ASN A 124 1.86 4.04 -0.73
CA ASN A 124 2.96 3.35 -1.40
C ASN A 124 4.25 4.14 -1.21
N PRO A 125 5.20 3.60 -0.42
CA PRO A 125 6.43 4.36 -0.17
C PRO A 125 7.26 4.61 -1.43
N GLY A 126 6.99 3.84 -2.50
CA GLY A 126 7.64 4.13 -3.77
C GLY A 126 7.27 5.48 -4.37
N TRP A 127 6.11 6.02 -3.95
CA TRP A 127 5.67 7.34 -4.41
C TRP A 127 5.92 8.44 -3.38
N TYR A 128 6.00 8.09 -2.09
CA TYR A 128 6.07 9.17 -1.09
C TYR A 128 7.43 9.35 -0.39
N THR A 129 8.42 8.51 -0.71
CA THR A 129 9.71 8.63 0.01
C THR A 129 10.80 9.46 -0.67
N ALA A 130 10.75 9.63 -2.00
CA ALA A 130 11.77 10.45 -2.66
C ALA A 130 11.47 11.93 -2.39
N TYR A 131 12.39 12.82 -2.78
CA TYR A 131 12.16 14.24 -2.58
C TYR A 131 12.08 14.95 -3.93
N THR A 132 12.36 16.24 -3.91
CA THR A 132 12.32 17.09 -5.09
C THR A 132 13.15 16.46 -6.19
N PRO A 133 12.64 16.49 -7.43
CA PRO A 133 13.38 15.78 -8.49
C PRO A 133 14.61 16.55 -8.97
N TYR A 134 15.58 16.74 -8.08
CA TYR A 134 16.86 17.41 -8.40
C TYR A 134 17.67 16.59 -9.42
N GLN A 135 17.51 15.27 -9.39
CA GLN A 135 18.20 14.39 -10.32
C GLN A 135 17.16 13.83 -11.28
N ALA A 136 16.92 14.55 -12.35
CA ALA A 136 15.74 14.31 -13.18
C ALA A 136 15.73 12.94 -13.85
N GLU A 137 16.91 12.43 -14.21
CA GLU A 137 17.02 11.17 -14.92
C GLU A 137 16.48 9.97 -14.14
N ILE A 138 16.42 10.10 -12.82
CA ILE A 138 15.89 9.06 -11.94
C ILE A 138 14.62 9.53 -11.22
N ALA A 139 13.93 10.46 -11.86
CA ALA A 139 12.68 10.99 -11.33
C ALA A 139 11.64 11.24 -12.44
N GLN A 140 11.77 10.53 -13.56
CA GLN A 140 10.86 10.78 -14.70
C GLN A 140 9.42 10.44 -14.41
N GLY A 141 9.20 9.54 -13.46
CA GLY A 141 7.86 9.10 -13.11
C GLY A 141 7.06 10.21 -12.46
N ARG A 142 7.55 10.75 -11.35
CA ARG A 142 6.81 11.84 -10.72
C ARG A 142 6.88 13.10 -11.58
N LEU A 143 7.96 13.28 -12.33
CA LEU A 143 8.00 14.41 -13.26
C LEU A 143 6.87 14.33 -14.29
N GLU A 144 6.59 13.14 -14.80
CA GLU A 144 5.48 12.96 -15.74
C GLU A 144 4.14 13.23 -15.06
N ALA A 145 3.95 12.70 -13.86
CA ALA A 145 2.72 12.98 -13.12
C ALA A 145 2.53 14.48 -12.88
N LEU A 146 3.63 15.21 -12.62
CA LEU A 146 3.52 16.65 -12.45
C LEU A 146 3.23 17.33 -13.79
N LEU A 147 3.77 16.79 -14.89
CA LEU A 147 3.45 17.37 -16.19
C LEU A 147 1.96 17.19 -16.47
N ASN A 148 1.42 16.04 -16.09
CA ASN A 148 -0.01 15.81 -16.24
C ASN A 148 -0.81 16.82 -15.40
N PHE A 149 -0.32 17.10 -14.19
CA PHE A 149 -0.96 18.07 -13.29
C PHE A 149 -1.01 19.44 -13.96
N GLN A 150 0.13 19.89 -14.48
CA GLN A 150 0.21 21.19 -15.15
C GLN A 150 -0.75 21.25 -16.33
N THR A 151 -0.82 20.15 -17.08
CA THR A 151 -1.66 20.09 -18.27
C THR A 151 -3.13 20.17 -17.88
N MET A 152 -3.51 19.40 -16.88
CA MET A 152 -4.87 19.47 -16.34
C MET A 152 -5.23 20.91 -15.95
N VAL A 153 -4.32 21.57 -15.24
CA VAL A 153 -4.58 22.93 -14.76
C VAL A 153 -4.66 23.92 -15.92
N MET A 154 -3.72 23.84 -16.85
CA MET A 154 -3.79 24.67 -18.05
C MET A 154 -5.09 24.47 -18.85
N ASP A 155 -5.44 23.21 -19.12
CA ASP A 155 -6.66 22.90 -19.85
C ASP A 155 -7.90 23.47 -19.16
N LEU A 156 -8.01 23.26 -17.85
CA LEU A 156 -9.22 23.67 -17.15
C LEU A 156 -9.31 25.19 -17.01
N THR A 157 -8.18 25.84 -16.73
CA THR A 157 -8.18 27.29 -16.50
C THR A 157 -8.19 28.09 -17.79
N GLY A 158 -7.78 27.47 -18.89
CA GLY A 158 -7.70 28.18 -20.15
C GLY A 158 -6.50 29.11 -20.21
N LEU A 159 -5.51 28.88 -19.35
CA LEU A 159 -4.32 29.73 -19.31
C LEU A 159 -3.09 28.98 -19.85
N GLU A 160 -2.00 29.70 -20.09
CA GLU A 160 -0.91 29.21 -20.94
C GLU A 160 0.19 28.41 -20.23
N ILE A 161 0.37 28.66 -18.95
CA ILE A 161 1.38 27.94 -18.16
CA ILE A 161 1.38 27.94 -18.16
C ILE A 161 0.86 27.72 -16.74
N ALA A 162 1.32 26.63 -16.11
CA ALA A 162 0.92 26.35 -14.73
C ALA A 162 2.11 25.70 -14.05
N ASN A 163 2.21 25.84 -12.72
CA ASN A 163 3.35 25.25 -12.02
C ASN A 163 3.05 23.89 -11.41
N ALA A 164 4.02 23.34 -10.69
CA ALA A 164 3.92 21.98 -10.14
C ALA A 164 3.45 21.96 -8.70
N SER A 165 2.67 22.99 -8.34
CA SER A 165 1.83 23.13 -7.13
C SER A 165 2.29 24.24 -6.18
N LEU A 166 1.31 24.80 -5.48
CA LEU A 166 1.58 25.71 -4.36
C LEU A 166 0.93 25.11 -3.09
N LEU A 167 1.09 25.80 -1.95
CA LEU A 167 0.79 25.17 -0.65
C LEU A 167 -0.71 25.02 -0.33
N ASP A 168 -1.49 26.06 -0.61
CA ASP A 168 -2.95 26.05 -0.40
C ASP A 168 -3.57 27.21 -1.18
N GLU A 169 -4.88 27.32 -1.19
CA GLU A 169 -5.53 28.30 -2.05
C GLU A 169 -5.19 29.74 -1.68
N GLY A 170 -5.28 30.05 -0.38
CA GLY A 170 -5.02 31.39 0.09
C GLY A 170 -3.61 31.85 -0.18
N THR A 171 -2.64 30.99 0.09
CA THR A 171 -1.24 31.38 -0.21
C THR A 171 -1.00 31.47 -1.71
N ALA A 172 -1.67 30.65 -2.51
CA ALA A 172 -1.57 30.80 -3.97
C ALA A 172 -2.10 32.15 -4.40
N ALA A 173 -3.21 32.57 -3.80
CA ALA A 173 -3.76 33.88 -4.12
C ALA A 173 -2.79 34.99 -3.69
N ALA A 174 -2.12 34.80 -2.55
CA ALA A 174 -1.11 35.78 -2.12
C ALA A 174 0.08 35.81 -3.06
N GLU A 175 0.43 34.65 -3.63
CA GLU A 175 1.49 34.62 -4.63
C GLU A 175 1.03 35.36 -5.88
N ALA A 176 -0.26 35.27 -6.19
CA ALA A 176 -0.81 36.00 -7.33
C ALA A 176 -0.77 37.50 -7.09
N MET A 177 -1.03 37.91 -5.84
CA MET A 177 -0.91 39.32 -5.49
C MET A 177 0.54 39.77 -5.70
N ALA A 178 1.48 38.97 -5.23
CA ALA A 178 2.91 39.29 -5.38
C ALA A 178 3.32 39.39 -6.85
N LEU A 179 2.86 38.45 -7.67
CA LEU A 179 3.18 38.49 -9.10
C LEU A 179 2.60 39.76 -9.71
N SER A 180 1.36 40.08 -9.38
CA SER A 180 0.71 41.27 -9.93
C SER A 180 1.46 42.54 -9.53
N TYR A 181 1.95 42.56 -8.30
CA TYR A 181 2.65 43.73 -7.81
C TYR A 181 3.97 43.87 -8.58
N GLY A 182 4.62 42.73 -8.80
CA GLY A 182 5.90 42.68 -9.47
C GLY A 182 5.88 43.06 -10.94
N VAL A 183 4.75 42.85 -11.61
CA VAL A 183 4.66 43.22 -13.03
C VAL A 183 3.83 44.48 -13.26
N SER A 184 3.54 45.22 -12.19
CA SER A 184 2.69 46.41 -12.31
C SER A 184 3.39 47.54 -13.05
N LYS A 185 2.66 48.18 -13.95
CA LYS A 185 3.19 49.31 -14.70
C LYS A 185 2.98 50.64 -13.97
N SER A 186 2.08 50.64 -12.99
CA SER A 186 1.74 51.89 -12.30
C SER A 186 2.38 51.99 -10.91
N LYS A 187 2.10 53.07 -10.22
CA LYS A 187 2.55 53.25 -8.85
C LYS A 187 1.49 52.80 -7.87
N ALA A 188 0.45 52.14 -8.37
CA ALA A 188 -0.67 51.72 -7.53
C ALA A 188 -0.21 50.82 -6.38
N ASN A 189 -0.77 51.06 -5.19
CA ASN A 189 -0.33 50.35 -4.00
C ASN A 189 -1.44 49.49 -3.40
N ALA A 190 -2.61 49.49 -4.03
CA ALA A 190 -3.77 48.78 -3.48
C ALA A 190 -4.09 47.50 -4.26
N PHE A 191 -4.58 46.50 -3.54
CA PHE A 191 -5.00 45.23 -4.13
C PHE A 191 -6.46 45.01 -3.74
N PHE A 192 -7.34 44.88 -4.72
CA PHE A 192 -8.75 44.65 -4.42
C PHE A 192 -9.01 43.16 -4.18
N VAL A 193 -9.72 42.85 -3.10
CA VAL A 193 -10.12 41.47 -2.85
C VAL A 193 -11.62 41.46 -2.73
N ALA A 194 -12.31 40.68 -3.57
CA ALA A 194 -13.77 40.62 -3.49
C ALA A 194 -14.19 40.08 -2.13
N GLN A 195 -15.23 40.68 -1.56
CA GLN A 195 -15.66 40.30 -0.22
C GLN A 195 -16.28 38.91 -0.20
N ASP A 196 -16.57 38.36 -1.37
CA ASP A 196 -17.05 36.98 -1.40
C ASP A 196 -15.98 35.96 -1.80
N CYS A 197 -14.71 36.31 -1.63
CA CYS A 197 -13.69 35.26 -1.55
C CYS A 197 -13.88 34.50 -0.23
N HIS A 198 -13.34 33.29 -0.15
CA HIS A 198 -13.38 32.54 1.10
C HIS A 198 -12.72 33.42 2.19
N PRO A 199 -13.32 33.49 3.38
CA PRO A 199 -12.80 34.45 4.37
C PRO A 199 -11.37 34.16 4.81
N GLN A 200 -10.95 32.89 4.82
CA GLN A 200 -9.56 32.58 5.18
C GLN A 200 -8.59 33.05 4.10
N THR A 201 -9.04 33.06 2.85
CA THR A 201 -8.21 33.61 1.77
C THR A 201 -7.98 35.09 2.03
N ILE A 202 -9.05 35.80 2.38
CA ILE A 202 -8.93 37.22 2.65
C ILE A 202 -7.93 37.46 3.78
N GLU A 203 -8.00 36.66 4.84
CA GLU A 203 -7.06 36.84 5.94
C GLU A 203 -5.62 36.52 5.54
N VAL A 204 -5.41 35.49 4.75
CA VAL A 204 -4.05 35.17 4.29
C VAL A 204 -3.48 36.30 3.46
N ILE A 205 -4.30 36.87 2.59
CA ILE A 205 -3.85 38.00 1.78
CA ILE A 205 -3.90 38.02 1.76
C ILE A 205 -3.51 39.23 2.63
N LYS A 206 -4.39 39.55 3.58
CA LYS A 206 -4.13 40.71 4.44
C LYS A 206 -2.83 40.52 5.22
N THR A 207 -2.62 39.30 5.72
CA THR A 207 -1.40 39.00 6.46
C THR A 207 -0.16 39.15 5.59
N ARG A 208 -0.26 38.77 4.32
CA ARG A 208 0.88 38.94 3.39
C ARG A 208 1.08 40.39 2.94
N ALA A 209 0.01 41.14 2.80
CA ALA A 209 0.10 42.54 2.40
C ALA A 209 0.68 43.44 3.51
N ASN A 210 0.38 43.10 4.77
CA ASN A 210 0.74 43.97 5.91
C ASN A 210 2.22 44.40 5.93
N PRO A 211 3.17 43.45 5.88
CA PRO A 211 4.56 43.91 5.99
C PRO A 211 5.08 44.60 4.74
N LEU A 212 4.35 44.51 3.63
CA LEU A 212 4.77 45.14 2.38
C LEU A 212 4.13 46.50 2.19
N GLY A 213 3.25 46.89 3.12
CA GLY A 213 2.60 48.18 3.06
C GLY A 213 1.54 48.25 1.97
N ILE A 214 1.16 47.10 1.44
CA ILE A 214 0.11 47.02 0.42
C ILE A 214 -1.26 47.25 1.04
N GLU A 215 -2.06 48.13 0.43
CA GLU A 215 -3.41 48.39 0.92
C GLU A 215 -4.36 47.34 0.36
N VAL A 216 -5.04 46.61 1.23
CA VAL A 216 -6.02 45.62 0.75
C VAL A 216 -7.41 46.21 0.90
N ILE A 217 -8.12 46.32 -0.21
CA ILE A 217 -9.50 46.83 -0.19
C ILE A 217 -10.44 45.64 -0.33
N VAL A 218 -11.32 45.45 0.63
CA VAL A 218 -12.23 44.30 0.60
C VAL A 218 -13.65 44.82 0.42
N GLY A 219 -14.29 44.41 -0.67
CA GLY A 219 -15.63 44.93 -0.94
C GLY A 219 -16.37 44.18 -2.03
N ASP A 220 -17.57 44.65 -2.35
CA ASP A 220 -18.41 44.02 -3.37
C ASP A 220 -17.80 44.34 -4.74
N HIS A 221 -17.56 43.31 -5.55
CA HIS A 221 -16.93 43.56 -6.84
C HIS A 221 -17.88 44.34 -7.74
N HIS A 222 -19.18 44.21 -7.47
CA HIS A 222 -20.20 44.89 -8.27
C HIS A 222 -20.10 46.40 -8.15
N THR A 223 -19.64 46.84 -6.99
CA THR A 223 -19.69 48.25 -6.63
C THR A 223 -18.32 48.91 -6.49
N PHE A 224 -17.25 48.20 -6.84
CA PHE A 224 -15.92 48.80 -6.75
C PHE A 224 -15.78 49.92 -7.75
N SER A 225 -15.37 51.09 -7.25
CA SER A 225 -15.41 52.32 -8.02
C SER A 225 -14.22 52.51 -8.95
N PHE A 226 -13.12 51.80 -8.66
CA PHE A 226 -11.83 51.98 -9.33
C PHE A 226 -11.25 53.39 -9.12
N SER A 227 -11.78 54.08 -8.11
CA SER A 227 -11.37 55.45 -7.76
C SER A 227 -10.00 55.47 -7.08
N THR A 228 -9.72 54.44 -6.29
CA THR A 228 -8.39 54.24 -5.70
C THR A 228 -7.63 53.32 -6.65
N SER A 229 -6.43 53.72 -7.05
CA SER A 229 -5.66 52.93 -8.01
C SER A 229 -5.30 51.57 -7.42
N ILE A 230 -5.49 50.50 -8.21
CA ILE A 230 -5.12 49.16 -7.77
C ILE A 230 -4.15 48.54 -8.77
N PHE A 231 -3.30 47.61 -8.31
CA PHE A 231 -2.40 46.91 -9.24
C PHE A 231 -2.93 45.52 -9.55
N GLY A 232 -3.94 45.09 -8.80
CA GLY A 232 -4.52 43.79 -9.06
C GLY A 232 -5.83 43.61 -8.32
N ALA A 233 -6.60 42.62 -8.73
CA ALA A 233 -7.86 42.28 -8.08
C ALA A 233 -8.02 40.77 -8.01
N LEU A 234 -8.62 40.29 -6.92
CA LEU A 234 -8.88 38.86 -6.74
C LEU A 234 -10.39 38.63 -6.65
N LEU A 235 -10.90 37.75 -7.51
CA LEU A 235 -12.32 37.42 -7.56
C LEU A 235 -12.49 35.93 -7.36
N GLN A 236 -13.59 35.52 -6.71
CA GLN A 236 -13.81 34.11 -6.38
C GLN A 236 -14.87 33.49 -7.31
N TYR A 237 -14.61 32.30 -7.86
CA TYR A 237 -15.44 31.75 -8.95
C TYR A 237 -15.60 30.24 -8.82
N PRO A 238 -16.79 29.77 -8.41
CA PRO A 238 -17.94 30.54 -7.90
C PRO A 238 -17.59 31.19 -6.57
N ALA A 239 -18.42 32.11 -6.11
CA ALA A 239 -18.16 32.87 -4.89
C ALA A 239 -18.26 31.99 -3.65
N THR A 240 -17.78 32.50 -2.51
CA THR A 240 -17.81 31.71 -1.28
C THR A 240 -19.23 31.33 -0.87
N ASP A 241 -20.21 32.16 -1.22
CA ASP A 241 -21.60 31.86 -0.88
C ASP A 241 -22.28 31.09 -1.99
N GLY A 242 -21.51 30.74 -3.02
CA GLY A 242 -21.99 29.90 -4.10
C GLY A 242 -22.33 30.62 -5.40
N ALA A 243 -22.50 31.93 -5.35
CA ALA A 243 -23.00 32.64 -6.52
C ALA A 243 -22.00 32.58 -7.68
N VAL A 244 -22.52 32.29 -8.87
CA VAL A 244 -21.73 32.36 -10.09
C VAL A 244 -21.99 33.69 -10.79
N TYR A 245 -20.94 34.48 -10.95
CA TYR A 245 -21.05 35.78 -11.61
C TYR A 245 -20.29 35.78 -12.93
N ASP A 246 -20.72 36.67 -13.84
CA ASP A 246 -20.01 36.95 -15.07
C ASP A 246 -19.05 38.08 -14.77
N TYR A 247 -17.76 37.78 -14.75
CA TYR A 247 -16.76 38.74 -14.32
C TYR A 247 -16.12 39.52 -15.48
N ARG A 248 -16.63 39.35 -16.69
CA ARG A 248 -15.98 39.97 -17.85
C ARG A 248 -15.91 41.49 -17.75
N SER A 249 -17.01 42.10 -17.31
CA SER A 249 -17.08 43.56 -17.25
C SER A 249 -16.09 44.10 -16.22
N PHE A 250 -16.03 43.46 -15.05
CA PHE A 250 -15.05 43.85 -14.03
C PHE A 250 -13.64 43.69 -14.60
N ILE A 251 -13.38 42.56 -15.24
CA ILE A 251 -12.05 42.29 -15.77
C ILE A 251 -11.63 43.35 -16.79
N ASP A 252 -12.55 43.72 -17.69
CA ASP A 252 -12.26 44.77 -18.66
C ASP A 252 -11.90 46.08 -18.00
N LYS A 253 -12.64 46.46 -16.96
CA LYS A 253 -12.39 47.71 -16.27
C LYS A 253 -11.06 47.68 -15.53
N ALA A 254 -10.76 46.53 -14.92
CA ALA A 254 -9.49 46.40 -14.23
C ALA A 254 -8.34 46.58 -15.21
N HIS A 255 -8.49 46.03 -16.41
CA HIS A 255 -7.44 46.16 -17.41
C HIS A 255 -7.32 47.60 -17.89
N GLN A 256 -8.44 48.31 -17.97
CA GLN A 256 -8.43 49.72 -18.34
C GLN A 256 -7.64 50.51 -17.30
N HIS A 257 -7.65 50.02 -16.07
CA HIS A 257 -6.96 50.67 -14.97
C HIS A 257 -5.60 50.03 -14.67
N GLN A 258 -5.06 49.32 -15.65
CA GLN A 258 -3.70 48.77 -15.56
C GLN A 258 -3.49 47.78 -14.42
N ALA A 259 -4.53 46.99 -14.11
CA ALA A 259 -4.40 45.99 -13.04
C ALA A 259 -4.55 44.58 -13.62
N LEU A 260 -3.93 43.59 -12.96
CA LEU A 260 -4.15 42.19 -13.34
C LEU A 260 -5.28 41.61 -12.52
N VAL A 261 -6.05 40.71 -13.12
CA VAL A 261 -7.12 40.06 -12.38
C VAL A 261 -6.82 38.59 -12.15
N THR A 262 -6.89 38.17 -10.90
CA THR A 262 -6.72 36.78 -10.53
C THR A 262 -8.11 36.21 -10.19
N LEU A 263 -8.44 35.05 -10.72
CA LEU A 263 -9.66 34.36 -10.31
C LEU A 263 -9.23 33.18 -9.46
N ALA A 264 -9.82 33.06 -8.28
CA ALA A 264 -9.64 31.86 -7.48
C ALA A 264 -10.80 30.97 -7.92
N ALA A 265 -10.50 30.00 -8.77
CA ALA A 265 -11.55 29.25 -9.46
C ALA A 265 -11.58 27.78 -9.07
N ASP A 266 -12.76 27.30 -8.71
CA ASP A 266 -12.91 25.89 -8.36
C ASP A 266 -12.70 25.06 -9.62
N PRO A 267 -11.68 24.18 -9.63
CA PRO A 267 -11.33 23.53 -10.89
C PRO A 267 -12.34 22.48 -11.33
N LEU A 268 -13.11 21.92 -10.41
CA LEU A 268 -14.18 21.01 -10.82
C LEU A 268 -15.28 21.80 -11.52
N SER A 269 -15.58 22.99 -11.01
CA SER A 269 -16.63 23.81 -11.60
C SER A 269 -16.28 24.20 -13.04
N LEU A 270 -14.98 24.23 -13.34
CA LEU A 270 -14.53 24.65 -14.66
C LEU A 270 -14.81 23.61 -15.73
N THR A 271 -15.28 22.43 -15.34
CA THR A 271 -15.73 21.47 -16.34
C THR A 271 -17.02 21.97 -16.97
N LEU A 272 -17.73 22.83 -16.24
CA LEU A 272 -19.01 23.35 -16.72
C LEU A 272 -19.00 24.85 -17.06
N LEU A 273 -18.22 25.63 -16.32
CA LEU A 273 -18.26 27.09 -16.40
C LEU A 273 -17.17 27.66 -17.30
N THR A 274 -17.48 28.74 -18.02
CA THR A 274 -16.48 29.43 -18.85
C THR A 274 -15.26 29.72 -17.99
N PRO A 275 -14.06 29.30 -18.45
CA PRO A 275 -12.87 29.36 -17.58
C PRO A 275 -12.19 30.72 -17.55
N PRO A 276 -11.37 30.96 -16.52
CA PRO A 276 -10.68 32.25 -16.36
C PRO A 276 -10.02 32.78 -17.65
N GLY A 277 -9.32 31.91 -18.39
CA GLY A 277 -8.62 32.36 -19.58
C GLY A 277 -9.55 33.01 -20.59
N GLU A 278 -10.73 32.43 -20.73
CA GLU A 278 -11.70 32.91 -21.71
C GLU A 278 -12.41 34.16 -21.24
N LEU A 279 -12.46 34.35 -19.93
CA LEU A 279 -13.08 35.53 -19.33
C LEU A 279 -12.14 36.73 -19.38
N GLY A 280 -10.87 36.48 -19.69
CA GLY A 280 -9.89 37.56 -19.77
C GLY A 280 -9.01 37.69 -18.54
N ALA A 281 -9.19 36.78 -17.58
CA ALA A 281 -8.38 36.82 -16.36
C ALA A 281 -6.91 36.59 -16.68
N ASP A 282 -6.03 37.17 -15.87
CA ASP A 282 -4.58 37.05 -16.10
C ASP A 282 -3.92 35.91 -15.33
N ILE A 283 -4.50 35.57 -14.18
CA ILE A 283 -3.99 34.52 -13.31
C ILE A 283 -5.18 33.73 -12.78
N ALA A 284 -5.03 32.41 -12.61
CA ALA A 284 -6.02 31.61 -11.90
C ALA A 284 -5.33 30.83 -10.80
N VAL A 285 -5.93 30.79 -9.62
CA VAL A 285 -5.42 29.97 -8.53
C VAL A 285 -6.57 29.18 -7.94
N GLY A 286 -6.26 28.19 -7.13
CA GLY A 286 -7.32 27.43 -6.51
C GLY A 286 -6.74 26.20 -5.86
N SER A 287 -7.62 25.38 -5.32
CA SER A 287 -7.18 24.12 -4.73
C SER A 287 -7.59 22.97 -5.63
N THR A 288 -6.74 21.93 -5.70
CA THR A 288 -7.13 20.72 -6.41
C THR A 288 -7.57 19.65 -5.42
N GLN A 289 -7.90 20.07 -4.20
CA GLN A 289 -8.35 19.15 -3.16
C GLN A 289 -9.51 18.26 -3.62
N ARG A 290 -10.49 18.82 -4.33
CA ARG A 290 -11.64 17.97 -4.65
C ARG A 290 -11.40 17.09 -5.87
N PHE A 291 -10.15 17.04 -6.31
CA PHE A 291 -9.74 16.01 -7.26
C PHE A 291 -9.22 14.81 -6.47
N GLY A 292 -10.06 14.32 -5.56
CA GLY A 292 -9.79 13.08 -4.85
C GLY A 292 -8.79 13.14 -3.73
N ILE A 293 -8.62 14.31 -3.10
CA ILE A 293 -7.66 14.44 -1.99
C ILE A 293 -8.46 14.56 -0.70
N PRO A 294 -8.10 13.77 0.33
CA PRO A 294 -8.87 13.81 1.57
C PRO A 294 -8.94 15.22 2.16
N LEU A 295 -10.07 15.54 2.78
CA LEU A 295 -10.24 16.82 3.47
C LEU A 295 -9.07 17.11 4.39
N GLY A 296 -8.67 16.10 5.17
CA GLY A 296 -7.42 16.13 5.93
C GLY A 296 -7.41 17.14 7.07
N TYR A 297 -8.59 17.60 7.45
CA TYR A 297 -8.73 18.66 8.44
C TYR A 297 -7.88 19.87 8.06
N GLY A 298 -7.78 20.12 6.75
CA GLY A 298 -7.08 21.29 6.23
C GLY A 298 -6.03 21.01 5.18
N GLY A 299 -5.49 19.79 5.18
CA GLY A 299 -4.52 19.43 4.15
C GLY A 299 -3.82 18.13 4.46
N PRO A 300 -2.85 17.74 3.63
CA PRO A 300 -2.28 18.54 2.52
C PRO A 300 -3.07 18.43 1.23
N HIS A 301 -3.16 19.54 0.49
CA HIS A 301 -3.76 19.56 -0.83
C HIS A 301 -2.89 20.42 -1.72
N ALA A 302 -2.73 20.05 -2.99
CA ALA A 302 -1.98 20.89 -3.91
C ALA A 302 -2.84 22.03 -4.45
N ALA A 303 -2.38 23.26 -4.24
CA ALA A 303 -3.00 24.41 -4.89
C ALA A 303 -2.41 24.56 -6.26
N TYR A 304 -3.16 25.17 -7.17
CA TYR A 304 -2.66 25.42 -8.52
C TYR A 304 -2.44 26.90 -8.76
N PHE A 305 -1.63 27.21 -9.76
CA PHE A 305 -1.31 28.58 -10.12
C PHE A 305 -1.06 28.59 -11.62
N ALA A 306 -1.92 29.29 -12.36
CA ALA A 306 -1.81 29.36 -13.82
C ALA A 306 -1.82 30.79 -14.28
N THR A 307 -1.06 31.10 -15.33
CA THR A 307 -1.04 32.46 -15.83
C THR A 307 -0.60 32.50 -17.29
N LYS A 308 -0.26 33.69 -17.76
CA LYS A 308 0.14 33.88 -19.15
C LYS A 308 1.62 33.57 -19.34
N ALA A 309 1.97 33.05 -20.51
CA ALA A 309 3.35 32.68 -20.79
C ALA A 309 4.33 33.84 -20.57
N GLU A 310 3.86 35.05 -20.84
CA GLU A 310 4.72 36.23 -20.71
C GLU A 310 5.15 36.49 -19.25
N TYR A 311 4.50 35.84 -18.30
CA TYR A 311 4.88 36.00 -16.89
C TYR A 311 5.67 34.80 -16.35
N GLN A 312 6.19 33.96 -17.27
CA GLN A 312 6.98 32.76 -16.91
C GLN A 312 8.03 33.00 -15.86
N ARG A 313 8.83 34.04 -16.08
CA ARG A 313 10.00 34.29 -15.26
C ARG A 313 9.63 34.77 -13.87
N LYS A 314 8.37 35.15 -13.68
CA LYS A 314 7.88 35.61 -12.38
C LYS A 314 7.04 34.56 -11.65
N MET A 315 6.83 33.40 -12.26
CA MET A 315 6.05 32.33 -11.61
C MET A 315 6.70 31.86 -10.33
N PRO A 316 5.89 31.68 -9.28
CA PRO A 316 6.44 31.08 -8.06
C PRO A 316 6.56 29.56 -8.22
N GLY A 317 7.45 28.96 -7.45
CA GLY A 317 7.51 27.51 -7.35
C GLY A 317 8.21 26.82 -8.50
N ARG A 318 8.00 25.51 -8.57
CA ARG A 318 8.67 24.69 -9.57
C ARG A 318 7.79 24.52 -10.78
N ILE A 319 8.42 24.34 -11.94
CA ILE A 319 7.70 24.07 -13.18
CA ILE A 319 7.69 24.04 -13.16
C ILE A 319 8.38 22.93 -13.92
N VAL A 320 7.61 21.94 -14.36
CA VAL A 320 8.17 20.85 -15.14
C VAL A 320 8.14 21.20 -16.64
N GLY A 321 9.28 21.03 -17.30
CA GLY A 321 9.38 21.31 -18.71
C GLY A 321 9.89 20.11 -19.50
N VAL A 322 9.42 20.00 -20.74
CA VAL A 322 9.84 18.91 -21.60
C VAL A 322 11.15 19.29 -22.26
N SER A 323 12.15 18.42 -22.13
CA SER A 323 13.40 18.63 -22.83
C SER A 323 13.74 17.36 -23.61
N LYS A 324 15.02 17.14 -23.85
CA LYS A 324 15.43 15.92 -24.53
C LYS A 324 16.72 15.43 -23.89
N ASP A 325 17.02 14.15 -24.05
CA ASP A 325 18.21 13.60 -23.41
C ASP A 325 19.38 13.52 -24.38
N ALA A 326 20.46 12.91 -23.91
CA ALA A 326 21.68 12.78 -24.71
C ALA A 326 21.45 12.00 -26.00
N HIS A 327 20.40 11.18 -26.01
CA HIS A 327 20.08 10.35 -27.18
C HIS A 327 19.02 11.01 -28.06
N GLY A 328 18.62 12.24 -27.71
CA GLY A 328 17.62 12.96 -28.49
C GLY A 328 16.18 12.56 -28.16
N ASN A 329 16.02 11.73 -27.13
CA ASN A 329 14.70 11.29 -26.71
C ASN A 329 14.04 12.26 -25.75
N PRO A 330 12.69 12.31 -25.74
CA PRO A 330 11.97 13.23 -24.86
C PRO A 330 12.27 12.94 -23.40
N ALA A 331 12.40 13.98 -22.58
CA ALA A 331 12.69 13.78 -21.17
C ALA A 331 12.32 15.02 -20.39
N LEU A 332 11.90 14.83 -19.15
CA LEU A 332 11.36 15.92 -18.34
C LEU A 332 12.37 16.37 -17.30
N ARG A 333 12.25 17.63 -16.87
CA ARG A 333 13.15 18.18 -15.86
C ARG A 333 12.48 19.38 -15.23
N LEU A 334 12.95 19.80 -14.06
CA LEU A 334 12.49 21.08 -13.51
C LEU A 334 13.09 22.19 -14.36
N ALA A 335 12.26 23.17 -14.73
CA ALA A 335 12.71 24.23 -15.65
C ALA A 335 12.81 25.58 -14.97
N LEU A 336 13.59 26.47 -15.57
CA LEU A 336 13.70 27.87 -15.14
C LEU A 336 14.03 27.98 -13.65
N GLN A 337 15.07 27.29 -13.21
CA GLN A 337 15.33 27.17 -11.79
C GLN A 337 15.92 28.43 -11.11
N THR A 338 16.35 29.41 -11.91
CA THR A 338 16.88 30.66 -11.34
C THR A 338 15.80 31.50 -10.65
N ARG A 339 14.54 31.14 -10.85
CA ARG A 339 13.45 31.83 -10.16
C ARG A 339 13.45 31.47 -8.67
N GLU A 340 14.00 30.30 -8.35
CA GLU A 340 13.81 29.70 -7.04
C GLU A 340 14.85 30.09 -6.00
N GLN A 341 14.47 29.96 -4.73
CA GLN A 341 15.29 30.40 -3.60
C GLN A 341 16.70 29.81 -3.55
N HIS A 342 16.88 28.56 -3.97
CA HIS A 342 18.18 27.89 -3.80
C HIS A 342 19.30 28.44 -4.69
N ILE A 343 18.93 29.08 -5.80
CA ILE A 343 19.89 29.80 -6.63
C ILE A 343 19.87 31.28 -6.27
N ARG A 344 18.68 31.84 -6.26
CA ARG A 344 18.45 33.28 -6.33
C ARG A 344 18.31 33.96 -4.95
N ARG A 345 17.94 33.17 -3.94
CA ARG A 345 17.82 33.65 -2.55
C ARG A 345 16.85 34.82 -2.37
N ASP A 346 17.35 35.96 -1.91
CA ASP A 346 16.49 37.13 -1.67
C ASP A 346 15.84 37.67 -2.94
N LYS A 347 16.41 37.34 -4.09
CA LYS A 347 15.88 37.81 -5.37
C LYS A 347 14.96 36.78 -6.03
N ALA A 348 14.67 35.68 -5.32
CA ALA A 348 13.76 34.66 -5.83
C ALA A 348 12.32 35.20 -5.97
N THR A 349 11.48 34.47 -6.71
CA THR A 349 10.12 34.93 -6.99
C THR A 349 9.19 34.69 -5.81
N SER A 350 9.66 33.91 -4.86
CA SER A 350 8.89 33.58 -3.66
C SER A 350 9.87 32.86 -2.74
N ASN A 351 9.44 32.61 -1.50
CA ASN A 351 10.28 31.85 -0.58
C ASN A 351 9.98 30.37 -0.63
N ILE A 352 9.02 29.96 -1.47
CA ILE A 352 8.58 28.57 -1.47
C ILE A 352 9.68 27.59 -1.90
N CYS A 353 9.77 26.48 -1.18
CA CYS A 353 10.72 25.41 -1.48
C CYS A 353 9.92 24.11 -1.60
N THR A 354 9.82 23.36 -0.49
CA THR A 354 8.92 22.20 -0.44
C THR A 354 7.52 22.69 -0.79
N ALA A 355 6.81 21.96 -1.64
CA ALA A 355 5.44 22.34 -2.03
C ALA A 355 4.46 21.22 -1.66
N GLN A 356 3.70 20.73 -2.66
CA GLN A 356 2.70 19.68 -2.42
C GLN A 356 2.73 18.56 -3.47
N VAL A 357 3.92 18.13 -3.87
CA VAL A 357 4.06 17.22 -5.03
C VAL A 357 3.21 15.95 -4.94
N LEU A 358 3.23 15.27 -3.79
CA LEU A 358 2.53 14.00 -3.66
C LEU A 358 1.05 14.20 -3.95
N LEU A 359 0.53 15.34 -3.52
CA LEU A 359 -0.90 15.59 -3.66
C LEU A 359 -1.22 16.05 -5.08
N ALA A 360 -0.28 16.72 -5.72
CA ALA A 360 -0.43 17.05 -7.14
C ALA A 360 -0.45 15.77 -8.00
N VAL A 361 0.38 14.80 -7.63
CA VAL A 361 0.40 13.50 -8.31
C VAL A 361 -0.97 12.85 -8.16
N MET A 362 -1.50 12.84 -6.93
CA MET A 362 -2.81 12.26 -6.70
C MET A 362 -3.89 12.96 -7.50
N ALA A 363 -3.87 14.29 -7.52
CA ALA A 363 -4.88 15.04 -8.23
C ALA A 363 -4.81 14.79 -9.73
N SER A 364 -3.62 14.73 -10.29
CA SER A 364 -3.52 14.50 -11.72
C SER A 364 -3.92 13.07 -12.06
N MET A 365 -3.67 12.12 -11.16
CA MET A 365 -4.12 10.74 -11.40
C MET A 365 -5.64 10.62 -11.32
N TYR A 366 -6.26 11.46 -10.50
CA TYR A 366 -7.73 11.55 -10.48
C TYR A 366 -8.21 12.00 -11.86
N GLY A 367 -7.52 12.98 -12.44
CA GLY A 367 -7.86 13.44 -13.78
C GLY A 367 -7.61 12.37 -14.84
N VAL A 368 -6.49 11.66 -14.73
CA VAL A 368 -6.19 10.56 -15.64
C VAL A 368 -7.26 9.45 -15.57
N TYR A 369 -7.65 9.10 -14.34
CA TYR A 369 -8.58 7.98 -14.16
C TYR A 369 -10.00 8.33 -14.58
N HIS A 370 -10.43 9.56 -14.30
CA HIS A 370 -11.81 9.95 -14.64
C HIS A 370 -11.93 10.45 -16.08
N GLY A 371 -10.87 11.07 -16.59
CA GLY A 371 -10.91 11.64 -17.93
C GLY A 371 -11.83 12.85 -17.99
N SER A 372 -11.93 13.47 -19.17
CA SER A 372 -12.77 14.65 -19.32
C SER A 372 -14.24 14.33 -19.09
N THR A 373 -14.69 13.20 -19.63
CA THR A 373 -16.09 12.81 -19.50
C THR A 373 -16.44 12.48 -18.06
N GLY A 374 -15.57 11.75 -17.38
CA GLY A 374 -15.82 11.37 -16.01
C GLY A 374 -15.84 12.56 -15.08
N LEU A 375 -14.89 13.48 -15.29
CA LEU A 375 -14.83 14.69 -14.47
C LEU A 375 -16.09 15.51 -14.69
N LYS A 376 -16.49 15.68 -15.95
CA LYS A 376 -17.66 16.50 -16.23
C LYS A 376 -18.91 15.87 -15.62
N ASN A 377 -18.99 14.54 -15.66
CA ASN A 377 -20.17 13.87 -15.08
C ASN A 377 -20.23 14.01 -13.56
N ILE A 378 -19.07 14.01 -12.92
CA ILE A 378 -19.00 14.28 -11.48
C ILE A 378 -19.57 15.66 -11.19
N ALA A 379 -19.12 16.67 -11.93
CA ALA A 379 -19.61 18.04 -11.72
C ALA A 379 -21.10 18.21 -12.07
N LEU A 380 -21.52 17.61 -13.19
CA LEU A 380 -22.91 17.69 -13.61
C LEU A 380 -23.83 17.10 -12.55
N ARG A 381 -23.42 15.97 -12.00
CA ARG A 381 -24.26 15.29 -11.01
C ARG A 381 -24.37 16.14 -9.74
N ILE A 382 -23.23 16.70 -9.31
CA ILE A 382 -23.23 17.60 -8.18
C ILE A 382 -24.14 18.79 -8.44
N HIS A 383 -24.01 19.39 -9.62
CA HIS A 383 -24.85 20.53 -9.96
C HIS A 383 -26.34 20.16 -10.02
N GLN A 384 -26.67 18.99 -10.60
CA GLN A 384 -28.04 18.52 -10.65
C GLN A 384 -28.63 18.33 -9.26
N LEU A 385 -27.86 17.70 -8.37
CA LEU A 385 -28.31 17.51 -7.00
C LEU A 385 -28.54 18.84 -6.28
N THR A 386 -27.70 19.82 -6.58
CA THR A 386 -27.82 21.15 -5.96
C THR A 386 -29.06 21.88 -6.46
N VAL A 387 -29.33 21.77 -7.76
CA VAL A 387 -30.54 22.37 -8.32
C VAL A 387 -31.79 21.72 -7.73
N LEU A 388 -31.77 20.39 -7.60
CA LEU A 388 -32.87 19.66 -6.99
C LEU A 388 -33.08 20.12 -5.54
N LEU A 389 -32.00 20.19 -4.79
CA LEU A 389 -32.04 20.66 -3.40
C LEU A 389 -32.73 22.02 -3.35
N ALA A 390 -32.31 22.89 -4.26
CA ALA A 390 -32.84 24.25 -4.33
C ALA A 390 -34.34 24.28 -4.59
N ILE A 391 -34.79 23.50 -5.56
CA ILE A 391 -36.21 23.46 -5.91
C ILE A 391 -37.03 23.02 -4.70
N GLY A 392 -36.55 21.99 -4.01
CA GLY A 392 -37.21 21.49 -2.82
C GLY A 392 -37.27 22.53 -1.70
N LEU A 393 -36.16 23.23 -1.45
CA LEU A 393 -36.15 24.26 -0.42
C LEU A 393 -37.13 25.39 -0.75
N LYS A 394 -37.28 25.71 -2.03
CA LYS A 394 -38.25 26.73 -2.44
C LYS A 394 -39.68 26.29 -2.18
N ARG A 395 -39.96 25.00 -2.38
CA ARG A 395 -41.29 24.44 -2.08
C ARG A 395 -41.60 24.58 -0.60
N LEU A 396 -40.54 24.57 0.22
CA LEU A 396 -40.67 24.71 1.66
C LEU A 396 -40.71 26.17 2.08
N ASN A 397 -40.78 27.06 1.09
CA ASN A 397 -40.88 28.52 1.29
C ASN A 397 -39.63 29.24 1.77
N TYR A 398 -38.46 28.68 1.48
CA TYR A 398 -37.20 29.37 1.79
C TYR A 398 -36.76 30.27 0.64
N SER A 399 -36.02 31.31 0.99
CA SER A 399 -35.51 32.28 0.02
C SER A 399 -34.16 31.81 -0.52
N LEU A 400 -34.01 31.77 -1.84
CA LEU A 400 -32.73 31.31 -2.42
C LEU A 400 -32.03 32.44 -3.17
N ASN A 401 -30.90 32.88 -2.63
CA ASN A 401 -30.26 34.11 -3.06
C ASN A 401 -29.39 34.02 -4.33
N ASN A 402 -28.78 32.87 -4.58
CA ASN A 402 -27.91 32.73 -5.75
C ASN A 402 -28.71 32.60 -7.05
N ASP A 403 -28.48 33.51 -7.98
CA ASP A 403 -29.12 33.41 -9.29
C ASP A 403 -28.62 32.15 -9.97
N TYR A 404 -27.29 32.02 -10.04
CA TYR A 404 -26.67 30.82 -10.59
C TYR A 404 -25.63 30.30 -9.61
N PHE A 405 -25.44 28.99 -9.61
CA PHE A 405 -24.53 28.36 -8.66
C PHE A 405 -24.00 27.07 -9.27
N PHE A 406 -22.87 26.59 -8.76
CA PHE A 406 -22.38 25.26 -9.11
C PHE A 406 -22.91 24.26 -8.10
N ASP A 407 -22.34 24.28 -6.90
CA ASP A 407 -22.62 23.25 -5.90
C ASP A 407 -23.10 23.85 -4.57
N THR A 408 -23.27 25.17 -4.53
CA THR A 408 -23.43 25.84 -3.25
C THR A 408 -24.63 26.78 -3.23
N LEU A 409 -25.50 26.60 -2.25
CA LEU A 409 -26.68 27.43 -2.11
C LEU A 409 -26.56 28.37 -0.93
N ARG A 410 -27.12 29.57 -1.09
CA ARG A 410 -27.28 30.52 -0.01
C ARG A 410 -28.76 30.55 0.30
N VAL A 411 -29.14 30.14 1.51
CA VAL A 411 -30.55 29.94 1.84
C VAL A 411 -30.96 30.93 2.92
N GLY A 412 -31.98 31.74 2.61
CA GLY A 412 -32.50 32.70 3.56
C GLY A 412 -33.51 31.97 4.43
N VAL A 413 -33.25 31.93 5.73
CA VAL A 413 -34.14 31.19 6.63
C VAL A 413 -34.74 32.09 7.72
N GLY A 414 -34.10 33.22 7.99
CA GLY A 414 -34.53 34.10 9.07
C GLY A 414 -33.74 33.85 10.35
N GLU A 415 -33.45 34.93 11.10
CA GLU A 415 -32.67 34.82 12.34
C GLU A 415 -33.25 33.80 13.30
N GLN A 416 -34.58 33.72 13.32
CA GLN A 416 -35.27 32.88 14.28
C GLN A 416 -35.15 31.38 14.02
N SER A 417 -35.03 31.00 12.74
CA SER A 417 -34.98 29.58 12.39
C SER A 417 -33.57 29.03 12.20
N ALA A 418 -32.64 29.90 11.82
CA ALA A 418 -31.28 29.47 11.50
C ALA A 418 -30.60 28.56 12.54
N PRO A 419 -30.62 28.96 13.83
CA PRO A 419 -29.98 28.08 14.82
C PRO A 419 -30.65 26.71 14.91
N ALA A 420 -31.98 26.67 14.84
CA ALA A 420 -32.71 25.40 14.92
C ALA A 420 -32.45 24.49 13.72
N ILE A 421 -32.28 25.08 12.55
CA ILE A 421 -31.96 24.30 11.36
C ILE A 421 -30.55 23.73 11.48
N LEU A 422 -29.61 24.54 11.94
CA LEU A 422 -28.23 24.11 12.11
C LEU A 422 -28.17 22.98 13.13
N LYS A 423 -28.94 23.13 14.20
CA LYS A 423 -28.99 22.14 15.27
C LYS A 423 -29.63 20.84 14.81
N ALA A 424 -30.65 20.94 13.95
CA ALA A 424 -31.32 19.75 13.44
C ALA A 424 -30.39 18.98 12.49
N ALA A 425 -29.69 19.73 11.65
CA ALA A 425 -28.71 19.12 10.76
C ALA A 425 -27.66 18.35 11.59
N GLU A 426 -27.17 18.98 12.65
CA GLU A 426 -26.16 18.34 13.49
C GLU A 426 -26.66 17.05 14.10
N GLY A 427 -27.96 17.02 14.42
CA GLY A 427 -28.59 15.83 14.97
C GLY A 427 -28.57 14.66 14.00
N ARG A 428 -28.45 14.95 12.70
CA ARG A 428 -28.32 13.91 11.70
C ARG A 428 -26.89 13.77 11.20
N GLY A 429 -25.94 14.39 11.90
CA GLY A 429 -24.54 14.27 11.55
C GLY A 429 -24.20 15.06 10.30
N ILE A 430 -24.85 16.21 10.15
CA ILE A 430 -24.63 17.09 9.02
C ILE A 430 -24.22 18.48 9.52
N ASN A 431 -23.17 19.04 8.91
CA ASN A 431 -22.81 20.44 9.16
C ASN A 431 -23.17 21.33 7.98
N LEU A 432 -23.82 22.45 8.26
CA LEU A 432 -24.03 23.47 7.24
C LEU A 432 -23.17 24.67 7.56
N ARG A 433 -23.16 25.66 6.66
CA ARG A 433 -22.36 26.86 6.89
C ARG A 433 -23.19 28.04 7.41
N PRO A 434 -22.84 28.53 8.61
CA PRO A 434 -23.44 29.80 9.05
C PRO A 434 -22.89 30.91 8.16
N LEU A 435 -23.76 31.71 7.55
CA LEU A 435 -23.29 32.81 6.72
C LEU A 435 -23.39 34.11 7.47
N VAL A 436 -24.61 34.62 7.54
CA VAL A 436 -24.95 35.75 8.37
C VAL A 436 -26.15 35.27 9.16
N PRO A 437 -26.53 36.00 10.23
CA PRO A 437 -27.75 35.64 10.95
C PRO A 437 -28.92 35.50 9.97
N GLY A 438 -29.62 34.38 10.02
CA GLY A 438 -30.75 34.19 9.14
C GLY A 438 -30.42 33.66 7.75
N GLU A 439 -29.15 33.41 7.46
CA GLU A 439 -28.77 32.79 6.20
C GLU A 439 -27.84 31.61 6.44
N VAL A 440 -28.04 30.54 5.67
CA VAL A 440 -27.29 29.30 5.85
C VAL A 440 -26.76 28.85 4.49
N GLY A 441 -25.50 28.42 4.44
CA GLY A 441 -24.95 27.95 3.18
C GLY A 441 -24.89 26.43 3.13
N ILE A 442 -25.09 25.87 1.94
CA ILE A 442 -24.94 24.43 1.78
C ILE A 442 -24.12 24.15 0.53
N SER A 443 -23.01 23.43 0.68
CA SER A 443 -22.18 23.02 -0.45
C SER A 443 -22.24 21.51 -0.64
N LEU A 444 -22.75 21.07 -1.78
CA LEU A 444 -22.81 19.64 -2.08
C LEU A 444 -21.50 19.19 -2.74
N ASP A 445 -21.28 17.89 -2.81
CA ASP A 445 -19.99 17.38 -3.32
C ASP A 445 -20.14 15.99 -3.93
N GLU A 446 -19.01 15.41 -4.33
CA GLU A 446 -19.00 14.12 -5.01
C GLU A 446 -19.61 12.97 -4.18
N THR A 447 -19.63 13.11 -2.86
CA THR A 447 -20.16 12.03 -2.02
C THR A 447 -21.69 12.06 -1.89
N VAL A 448 -22.30 13.15 -2.33
CA VAL A 448 -23.73 13.37 -2.07
C VAL A 448 -24.63 12.44 -2.86
N THR A 449 -25.59 11.83 -2.18
CA THR A 449 -26.59 10.96 -2.81
C THR A 449 -27.99 11.58 -2.68
N VAL A 450 -28.97 11.01 -3.39
CA VAL A 450 -30.34 11.47 -3.25
C VAL A 450 -30.86 11.23 -1.82
N GLN A 451 -30.29 10.25 -1.13
CA GLN A 451 -30.65 10.04 0.27
C GLN A 451 -30.15 11.20 1.15
N ASP A 452 -28.99 11.75 0.83
CA ASP A 452 -28.50 12.92 1.56
C ASP A 452 -29.43 14.11 1.31
N LEU A 453 -29.92 14.23 0.08
CA LEU A 453 -30.87 15.28 -0.26
C LEU A 453 -32.12 15.19 0.60
N LEU A 454 -32.59 13.97 0.79
CA LEU A 454 -33.80 13.75 1.58
C LEU A 454 -33.58 14.22 3.01
N ASP A 455 -32.41 13.93 3.57
CA ASP A 455 -32.07 14.41 4.91
C ASP A 455 -32.10 15.93 4.99
N LEU A 456 -31.52 16.60 4.00
CA LEU A 456 -31.48 18.05 4.01
C LEU A 456 -32.89 18.65 3.94
N TRP A 457 -33.73 18.12 3.06
CA TRP A 457 -35.09 18.62 2.95
C TRP A 457 -35.86 18.42 4.24
N GLN A 458 -35.66 17.28 4.89
CA GLN A 458 -36.41 17.00 6.11
C GLN A 458 -35.93 17.89 7.24
N VAL A 459 -34.64 18.19 7.24
CA VAL A 459 -34.08 19.09 8.25
C VAL A 459 -34.69 20.48 8.08
N PHE A 460 -34.74 20.97 6.85
CA PHE A 460 -35.32 22.28 6.59
C PHE A 460 -36.85 22.28 6.74
N ALA A 461 -37.47 21.13 6.54
CA ALA A 461 -38.93 21.04 6.65
C ALA A 461 -39.39 20.96 8.10
N GLY A 462 -38.49 20.51 8.98
CA GLY A 462 -38.85 20.29 10.36
C GLY A 462 -39.72 19.07 10.55
N LYS A 463 -39.85 18.27 9.50
CA LYS A 463 -40.65 17.05 9.53
C LYS A 463 -40.23 16.11 8.42
N ASP A 464 -40.57 14.84 8.55
CA ASP A 464 -40.15 13.83 7.58
C ASP A 464 -41.03 13.74 6.34
N ASN A 465 -42.32 14.01 6.48
CA ASN A 465 -43.20 14.03 5.32
C ASN A 465 -43.12 15.36 4.57
N LEU A 466 -42.66 15.30 3.33
CA LEU A 466 -42.48 16.49 2.52
C LEU A 466 -43.70 16.76 1.64
N PRO A 467 -43.93 18.04 1.29
CA PRO A 467 -45.09 18.43 0.48
C PRO A 467 -44.87 18.14 -1.01
N PHE A 468 -43.84 17.36 -1.32
CA PHE A 468 -43.53 16.96 -2.68
C PHE A 468 -42.86 15.59 -2.66
N THR A 469 -42.81 14.91 -3.81
CA THR A 469 -41.94 13.74 -3.93
C THR A 469 -40.69 14.15 -4.72
N PRO A 470 -39.53 13.58 -4.36
CA PRO A 470 -38.25 13.86 -5.02
C PRO A 470 -38.25 13.76 -6.55
N GLU A 471 -38.75 12.67 -7.12
CA GLU A 471 -38.73 12.48 -8.57
C GLU A 471 -39.58 13.52 -9.29
N GLU A 472 -40.69 13.90 -8.64
CA GLU A 472 -41.59 14.94 -9.15
C GLU A 472 -40.85 16.25 -9.50
N LEU A 473 -39.82 16.57 -8.73
CA LEU A 473 -39.05 17.81 -8.91
C LEU A 473 -38.18 17.80 -10.17
N TRP A 474 -37.86 16.62 -10.67
CA TRP A 474 -36.91 16.51 -11.76
C TRP A 474 -37.34 17.24 -13.04
N SER A 475 -38.64 17.22 -13.33
CA SER A 475 -39.16 17.84 -14.54
C SER A 475 -39.05 19.37 -14.52
N GLU A 476 -38.67 19.93 -13.37
CA GLU A 476 -38.50 21.38 -13.23
C GLU A 476 -37.03 21.75 -13.20
N VAL A 477 -36.18 20.73 -13.15
CA VAL A 477 -34.75 20.97 -13.08
C VAL A 477 -34.22 21.56 -14.38
N LYS A 478 -33.79 22.81 -14.32
CA LYS A 478 -32.92 23.33 -15.37
C LYS A 478 -31.52 23.43 -14.81
N THR A 479 -30.60 22.69 -15.45
CA THR A 479 -29.22 22.61 -14.98
C THR A 479 -28.26 23.43 -15.83
N SER A 480 -28.78 24.09 -16.86
CA SER A 480 -27.91 24.87 -17.73
C SER A 480 -27.62 26.23 -17.12
N PHE A 481 -26.55 26.87 -17.62
CA PHE A 481 -26.20 28.21 -17.21
C PHE A 481 -26.45 29.13 -18.41
N PRO A 482 -26.42 30.46 -18.19
CA PRO A 482 -26.50 31.36 -19.36
C PRO A 482 -25.38 31.05 -20.35
N ALA A 483 -25.56 31.44 -21.62
CA ALA A 483 -24.56 31.17 -22.64
C ALA A 483 -23.20 31.76 -22.26
N ASP A 484 -23.21 32.95 -21.67
CA ASP A 484 -21.97 33.63 -21.32
C ASP A 484 -21.22 32.98 -20.15
N LEU A 485 -21.82 31.97 -19.53
CA LEU A 485 -21.16 31.24 -18.46
C LEU A 485 -21.01 29.77 -18.80
N THR A 486 -21.51 29.39 -19.97
CA THR A 486 -21.48 27.99 -20.39
C THR A 486 -20.22 27.67 -21.18
N ARG A 487 -19.39 26.79 -20.63
CA ARG A 487 -18.14 26.43 -21.28
C ARG A 487 -18.39 25.61 -22.55
N GLN A 488 -17.67 25.95 -23.62
CA GLN A 488 -17.72 25.18 -24.86
C GLN A 488 -16.38 24.49 -25.15
N SER A 489 -15.29 25.04 -24.64
CA SER A 489 -13.96 24.52 -24.96
C SER A 489 -13.68 23.18 -24.27
N LEU A 490 -12.90 22.35 -24.93
CA LEU A 490 -12.58 21.02 -24.42
C LEU A 490 -11.38 21.05 -23.48
N TYR A 491 -11.21 19.97 -22.72
CA TYR A 491 -10.12 19.85 -21.79
C TYR A 491 -9.75 18.38 -21.62
N LEU A 492 -8.52 18.13 -21.19
CA LEU A 492 -8.01 16.78 -20.95
C LEU A 492 -8.16 15.89 -22.19
N GLN A 493 -7.93 16.48 -23.36
CA GLN A 493 -8.01 15.77 -24.63
C GLN A 493 -6.75 14.97 -24.97
N ASP A 494 -5.66 15.21 -24.25
CA ASP A 494 -4.44 14.43 -24.51
C ASP A 494 -4.63 12.95 -24.20
N ALA A 495 -3.90 12.09 -24.91
CA ALA A 495 -4.08 10.64 -24.76
C ALA A 495 -3.97 10.15 -23.31
N VAL A 496 -3.10 10.75 -22.53
CA VAL A 496 -2.87 10.27 -21.16
C VAL A 496 -4.16 10.29 -20.32
N PHE A 497 -5.08 11.19 -20.66
CA PHE A 497 -6.34 11.31 -19.90
C PHE A 497 -7.43 10.40 -20.42
N ASN A 498 -7.12 9.67 -21.49
CA ASN A 498 -8.11 8.79 -22.12
C ASN A 498 -7.75 7.30 -22.03
N GLN A 499 -6.46 6.99 -21.89
CA GLN A 499 -5.95 5.62 -22.07
C GLN A 499 -5.96 4.70 -20.85
N TYR A 500 -6.21 5.22 -19.66
CA TYR A 500 -6.01 4.43 -18.46
C TYR A 500 -7.25 4.43 -17.58
N HIS A 501 -8.38 4.03 -18.13
CA HIS A 501 -9.61 4.09 -17.36
C HIS A 501 -10.02 2.79 -16.66
N SER A 502 -9.46 1.67 -17.07
CA SER A 502 -9.74 0.45 -16.30
C SER A 502 -8.81 0.46 -15.10
N GLU A 503 -9.18 -0.25 -14.03
CA GLU A 503 -8.31 -0.23 -12.85
C GLU A 503 -6.98 -0.89 -13.19
N THR A 504 -7.03 -1.92 -14.03
CA THR A 504 -5.80 -2.64 -14.36
C THR A 504 -4.88 -1.72 -15.18
N GLU A 505 -5.45 -0.94 -16.09
CA GLU A 505 -4.65 0.03 -16.85
C GLU A 505 -3.98 1.08 -15.97
N LEU A 506 -4.73 1.66 -15.04
CA LEU A 506 -4.15 2.65 -14.17
C LEU A 506 -3.12 2.04 -13.24
N LEU A 507 -3.41 0.86 -12.70
CA LEU A 507 -2.44 0.14 -11.88
C LEU A 507 -1.10 0.02 -12.60
N ARG A 508 -1.15 -0.37 -13.86
CA ARG A 508 0.06 -0.55 -14.67
C ARG A 508 0.76 0.77 -15.03
N TYR A 509 -0.02 1.81 -15.29
CA TYR A 509 0.57 3.12 -15.58
C TYR A 509 1.31 3.62 -14.35
N LEU A 510 0.68 3.51 -13.19
CA LEU A 510 1.28 3.91 -11.92
C LEU A 510 2.55 3.12 -11.69
N HIS A 511 2.47 1.82 -11.93
CA HIS A 511 3.64 0.95 -11.71
C HIS A 511 4.79 1.34 -12.62
N GLN A 512 4.49 1.62 -13.89
CA GLN A 512 5.54 1.97 -14.84
C GLN A 512 6.19 3.29 -14.46
N LEU A 513 5.39 4.26 -14.02
CA LEU A 513 5.97 5.55 -13.60
C LEU A 513 6.81 5.39 -12.35
N GLU A 514 6.27 4.65 -11.39
CA GLU A 514 6.95 4.38 -10.12
C GLU A 514 8.30 3.71 -10.34
N SER A 515 8.34 2.78 -11.30
CA SER A 515 9.56 2.01 -11.54
CA SER A 515 9.56 2.00 -11.53
C SER A 515 10.72 2.86 -12.07
N LYS A 516 10.39 4.03 -12.64
CA LYS A 516 11.40 4.93 -13.17
C LYS A 516 12.11 5.72 -12.09
N ASP A 517 11.53 5.76 -10.91
CA ASP A 517 11.98 6.68 -9.87
C ASP A 517 12.73 5.95 -8.77
N LEU A 518 13.86 6.52 -8.37
CA LEU A 518 14.65 5.95 -7.30
C LEU A 518 14.18 6.59 -6.00
N ALA A 519 13.60 5.79 -5.12
CA ALA A 519 13.11 6.26 -3.84
C ALA A 519 13.73 5.45 -2.71
N LEU A 520 13.26 5.66 -1.48
CA LEU A 520 13.94 5.06 -0.33
C LEU A 520 13.70 3.56 -0.18
N ASN A 521 12.80 3.02 -0.99
CA ASN A 521 12.66 1.56 -1.04
C ASN A 521 13.70 0.90 -1.96
N THR A 522 14.61 1.70 -2.50
CA THR A 522 15.72 1.17 -3.30
C THR A 522 17.07 1.35 -2.57
N SER A 523 17.46 2.59 -2.31
CA SER A 523 18.76 2.86 -1.68
C SER A 523 18.78 4.21 -0.97
N MET A 524 19.82 4.44 -0.17
CA MET A 524 19.94 5.68 0.61
C MET A 524 20.05 6.87 -0.33
N ILE A 525 19.34 7.94 0.01
CA ILE A 525 19.38 9.18 -0.74
C ILE A 525 19.94 10.22 0.22
N PRO A 526 21.27 10.39 0.23
CA PRO A 526 21.93 11.14 1.30
C PRO A 526 21.96 12.64 1.03
N LEU A 527 20.78 13.22 0.81
CA LEU A 527 20.67 14.63 0.46
C LEU A 527 20.93 15.53 1.66
N GLY A 528 22.05 16.25 1.64
CA GLY A 528 22.33 17.22 2.68
C GLY A 528 21.20 18.23 2.78
N SER A 529 20.91 18.67 4.01
CA SER A 529 19.85 19.66 4.28
C SER A 529 18.44 19.09 4.09
N CYS A 530 18.31 17.77 3.94
CA CYS A 530 17.00 17.18 3.66
C CYS A 530 16.56 16.10 4.65
N THR A 531 17.52 15.50 5.34
CA THR A 531 17.20 14.46 6.34
C THR A 531 16.29 13.34 5.82
N MET A 532 16.82 12.55 4.89
CA MET A 532 16.04 11.50 4.26
C MET A 532 16.02 10.24 5.14
N LYS A 533 15.38 10.36 6.30
CA LYS A 533 15.32 9.28 7.28
C LYS A 533 14.08 8.40 7.06
N LEU A 534 13.92 7.37 7.88
CA LEU A 534 12.80 6.44 7.74
C LEU A 534 11.44 7.11 7.91
N ASN A 535 10.57 6.88 6.94
CA ASN A 535 9.17 7.24 7.07
C ASN A 535 8.46 5.94 7.39
N ALA A 536 8.29 5.69 8.69
CA ALA A 536 7.89 4.36 9.14
C ALA A 536 6.43 4.09 8.80
N THR A 537 6.13 2.83 8.46
CA THR A 537 4.78 2.47 8.10
C THR A 537 3.78 2.82 9.21
N ALA A 538 4.13 2.56 10.46
CA ALA A 538 3.24 2.87 11.57
C ALA A 538 2.95 4.37 11.70
N GLU A 539 3.93 5.19 11.33
CA GLU A 539 3.74 6.65 11.35
C GLU A 539 2.77 7.08 10.26
N MET A 540 2.86 6.41 9.11
CA MET A 540 2.06 6.78 7.94
C MET A 540 0.62 6.28 8.05
N MET A 541 0.44 5.14 8.70
CA MET A 541 -0.86 4.48 8.74
C MET A 541 -2.06 5.36 9.12
N PRO A 542 -1.96 6.14 10.22
CA PRO A 542 -3.12 6.93 10.67
C PRO A 542 -3.53 8.06 9.75
N VAL A 543 -2.64 8.50 8.85
CA VAL A 543 -2.98 9.59 7.91
C VAL A 543 -4.28 9.28 7.17
N THR A 544 -4.44 8.02 6.78
CA THR A 544 -5.63 7.64 6.03
C THR A 544 -6.79 7.06 6.86
N TRP A 545 -6.72 7.14 8.19
CA TRP A 545 -7.90 6.80 8.98
C TRP A 545 -8.93 7.90 8.74
N PRO A 546 -10.19 7.51 8.50
CA PRO A 546 -11.24 8.50 8.23
C PRO A 546 -11.37 9.52 9.36
N GLU A 547 -11.12 9.08 10.60
CA GLU A 547 -11.23 10.00 11.74
C GLU A 547 -10.23 11.15 11.69
N PHE A 548 -9.17 11.00 10.88
CA PHE A 548 -8.25 12.10 10.62
C PHE A 548 -8.44 12.66 9.21
N GLY A 549 -8.64 11.78 8.24
CA GLY A 549 -8.65 12.22 6.85
C GLY A 549 -9.94 12.84 6.35
N LYS A 550 -11.06 12.51 7.01
CA LYS A 550 -12.37 12.90 6.48
C LYS A 550 -13.01 14.08 7.23
N ILE A 551 -12.22 14.84 7.98
CA ILE A 551 -12.80 15.93 8.77
C ILE A 551 -12.60 17.26 8.03
N HIS A 552 -13.67 18.05 7.89
CA HIS A 552 -13.58 19.40 7.30
C HIS A 552 -12.84 20.34 8.28
N PRO A 553 -11.91 21.18 7.77
CA PRO A 553 -11.11 22.03 8.67
C PRO A 553 -11.92 23.05 9.47
N PHE A 554 -13.13 23.36 9.01
CA PHE A 554 -13.97 24.30 9.75
C PHE A 554 -15.20 23.63 10.37
N ALA A 555 -15.07 22.32 10.63
CA ALA A 555 -16.08 21.60 11.40
C ALA A 555 -16.12 22.17 12.81
N PRO A 556 -17.29 22.13 13.45
CA PRO A 556 -17.41 22.64 14.82
C PRO A 556 -16.45 21.95 15.80
N ALA A 557 -15.91 22.71 16.76
CA ALA A 557 -14.91 22.20 17.71
C ALA A 557 -15.34 20.93 18.45
N GLY A 558 -16.66 20.78 18.67
CA GLY A 558 -17.17 19.62 19.37
C GLY A 558 -17.00 18.32 18.63
N GLN A 559 -16.66 18.39 17.34
CA GLN A 559 -16.48 17.18 16.53
C GLN A 559 -15.02 16.84 16.31
N THR A 560 -14.14 17.67 16.85
CA THR A 560 -12.71 17.52 16.56
C THR A 560 -11.85 17.36 17.82
N GLU A 561 -12.42 16.79 18.89
CA GLU A 561 -11.72 16.61 20.17
CA GLU A 561 -11.70 16.66 20.14
C GLU A 561 -10.45 15.78 20.02
N GLY A 562 -10.47 14.83 19.08
CA GLY A 562 -9.33 13.98 18.84
C GLY A 562 -8.18 14.80 18.29
N TYR A 563 -8.48 15.66 17.33
CA TYR A 563 -7.45 16.56 16.83
C TYR A 563 -6.95 17.53 17.92
N GLN A 564 -7.86 18.00 18.77
CA GLN A 564 -7.44 18.90 19.84
CA GLN A 564 -7.45 18.90 19.86
C GLN A 564 -6.40 18.23 20.73
N ILE A 565 -6.63 16.96 21.03
CA ILE A 565 -5.70 16.21 21.86
C ILE A 565 -4.37 16.04 21.14
N LEU A 566 -4.43 15.69 19.85
CA LEU A 566 -3.22 15.50 19.04
C LEU A 566 -2.37 16.77 19.05
N PHE A 567 -3.02 17.89 18.81
CA PHE A 567 -2.34 19.18 18.76
C PHE A 567 -1.73 19.55 20.12
N ALA A 568 -2.49 19.36 21.20
CA ALA A 568 -1.99 19.72 22.53
C ALA A 568 -0.74 18.91 22.87
N GLN A 569 -0.77 17.62 22.52
CA GLN A 569 0.36 16.76 22.82
C GLN A 569 1.55 17.16 21.96
N LEU A 570 1.32 17.40 20.68
CA LEU A 570 2.42 17.79 19.80
C LEU A 570 3.00 19.12 20.23
N GLU A 571 2.14 20.05 20.65
CA GLU A 571 2.64 21.35 21.10
C GLU A 571 3.50 21.19 22.34
N ALA A 572 3.04 20.37 23.27
CA ALA A 572 3.81 20.11 24.48
C ALA A 572 5.15 19.47 24.15
N TRP A 573 5.13 18.47 23.27
CA TRP A 573 6.35 17.71 22.98
C TRP A 573 7.37 18.52 22.18
N LEU A 574 6.91 19.22 21.15
CA LEU A 574 7.83 20.06 20.37
C LEU A 574 8.34 21.23 21.21
N GLY A 575 7.50 21.71 22.13
CA GLY A 575 7.94 22.74 23.06
C GLY A 575 9.07 22.25 23.95
N GLU A 576 8.94 21.01 24.43
CA GLU A 576 9.98 20.42 25.25
C GLU A 576 11.26 20.18 24.44
N ILE A 577 11.11 19.74 23.21
CA ILE A 577 12.28 19.50 22.36
C ILE A 577 13.01 20.80 22.02
N THR A 578 12.27 21.87 21.75
CA THR A 578 12.89 23.14 21.33
C THR A 578 13.20 24.07 22.49
N GLY A 579 12.57 23.84 23.63
CA GLY A 579 12.71 24.72 24.78
C GLY A 579 11.78 25.94 24.76
N PHE A 580 10.98 26.06 23.71
CA PHE A 580 10.08 27.21 23.57
C PHE A 580 8.80 27.10 24.38
N ASP A 581 8.26 28.25 24.72
CA ASP A 581 7.10 28.36 25.60
C ASP A 581 5.78 28.14 24.87
N ALA A 582 5.78 28.35 23.57
CA ALA A 582 4.55 28.26 22.78
C ALA A 582 4.87 27.76 21.39
N ILE A 583 3.96 26.95 20.85
CA ILE A 583 4.16 26.35 19.54
C ILE A 583 2.96 26.67 18.65
N SER A 584 3.22 27.03 17.40
CA SER A 584 2.14 27.14 16.41
C SER A 584 2.30 26.05 15.37
N LEU A 585 1.27 25.22 15.21
CA LEU A 585 1.31 24.11 14.24
C LEU A 585 0.81 24.55 12.87
N GLN A 586 0.50 25.83 12.71
CA GLN A 586 -0.13 26.29 11.47
C GLN A 586 0.73 26.29 10.19
N PRO A 587 1.98 26.78 10.26
CA PRO A 587 2.67 26.95 8.97
C PRO A 587 2.95 25.64 8.23
N ASN A 588 2.65 25.63 6.94
CA ASN A 588 2.60 24.37 6.19
C ASN A 588 3.78 24.14 5.25
N ALA A 589 4.92 24.71 5.63
CA ALA A 589 6.21 24.42 4.99
C ALA A 589 7.27 25.10 5.85
N GLY A 590 8.53 24.72 5.67
CA GLY A 590 9.60 25.44 6.33
C GLY A 590 9.59 26.92 5.94
N SER A 591 9.38 27.22 4.66
CA SER A 591 9.36 28.60 4.19
C SER A 591 8.31 29.41 4.95
N GLN A 592 7.14 28.80 5.15
CA GLN A 592 6.05 29.44 5.88
C GLN A 592 6.40 29.63 7.35
N GLY A 593 7.15 28.68 7.92
CA GLY A 593 7.59 28.82 9.30
C GLY A 593 8.52 30.02 9.44
N GLU A 594 9.47 30.14 8.53
CA GLU A 594 10.39 31.28 8.54
C GLU A 594 9.60 32.57 8.45
N TYR A 595 8.68 32.58 7.50
CA TYR A 595 7.88 33.78 7.22
C TYR A 595 7.03 34.13 8.44
N ALA A 596 6.41 33.11 9.05
CA ALA A 596 5.62 33.32 10.26
C ALA A 596 6.50 33.83 11.42
N GLY A 597 7.68 33.25 11.57
CA GLY A 597 8.60 33.71 12.60
C GLY A 597 9.01 35.17 12.44
N LEU A 598 9.33 35.56 11.21
CA LEU A 598 9.69 36.95 10.94
C LEU A 598 8.49 37.87 11.15
N GLN A 599 7.30 37.42 10.76
CA GLN A 599 6.09 38.21 11.01
C GLN A 599 5.88 38.49 12.49
N VAL A 600 6.09 37.46 13.32
CA VAL A 600 5.94 37.64 14.77
C VAL A 600 7.03 38.56 15.35
N ILE A 601 8.25 38.46 14.84
CA ILE A 601 9.31 39.37 15.28
C ILE A 601 8.95 40.82 14.90
N ARG A 602 8.46 41.00 13.68
CA ARG A 602 8.04 42.33 13.21
C ARG A 602 6.95 42.89 14.13
N GLN A 603 5.96 42.05 14.44
CA GLN A 603 4.86 42.48 15.29
C GLN A 603 5.38 42.87 16.68
N TYR A 604 6.35 42.11 17.18
CA TYR A 604 6.99 42.42 18.45
C TYR A 604 7.64 43.80 18.43
N HIS A 605 8.40 44.12 17.38
CA HIS A 605 9.04 45.43 17.37
C HIS A 605 7.99 46.55 17.33
N LEU A 606 6.94 46.34 16.53
CA LEU A 606 5.86 47.32 16.48
C LEU A 606 5.21 47.50 17.85
N SER A 607 5.07 46.39 18.58
CA SER A 607 4.41 46.40 19.89
C SER A 607 5.23 47.17 20.94
N ARG A 608 6.52 47.33 20.68
CA ARG A 608 7.40 48.07 21.57
C ARG A 608 7.52 49.53 21.14
N GLY A 609 6.84 49.87 20.05
CA GLY A 609 6.94 51.22 19.51
C GLY A 609 8.26 51.41 18.75
N GLU A 610 8.79 50.32 18.22
CA GLU A 610 10.06 50.34 17.49
C GLU A 610 9.83 49.98 16.02
N GLU A 611 9.02 50.78 15.33
CA GLU A 611 8.63 50.52 13.95
C GLU A 611 9.78 50.60 12.93
N GLN A 612 10.86 51.30 13.30
CA GLN A 612 11.99 51.50 12.40
C GLN A 612 12.90 50.28 12.26
N ARG A 613 12.66 49.24 13.06
CA ARG A 613 13.52 48.06 12.99
C ARG A 613 13.12 47.15 11.83
N ASN A 614 13.87 47.22 10.74
CA ASN A 614 13.57 46.39 9.57
C ASN A 614 14.80 45.75 8.95
N ILE A 615 15.94 45.86 9.60
CA ILE A 615 17.15 45.20 9.10
C ILE A 615 17.23 43.76 9.56
N CYS A 616 17.45 42.84 8.63
CA CYS A 616 17.60 41.43 8.95
C CYS A 616 19.00 40.95 8.57
N LEU A 617 19.80 40.62 9.57
CA LEU A 617 21.14 40.06 9.35
C LEU A 617 21.01 38.60 8.93
N ILE A 618 21.69 38.23 7.84
CA ILE A 618 21.64 36.84 7.39
C ILE A 618 23.03 36.39 6.96
N PRO A 619 23.55 35.32 7.58
CA PRO A 619 24.87 34.81 7.17
C PRO A 619 24.83 34.28 5.74
N GLU A 620 25.95 34.41 5.04
CA GLU A 620 26.02 34.14 3.60
C GLU A 620 25.70 32.71 3.22
N SER A 621 25.84 31.80 4.18
CA SER A 621 25.66 30.40 3.91
C SER A 621 24.20 29.98 3.98
N ALA A 622 23.35 30.90 4.43
CA ALA A 622 21.96 30.55 4.75
C ALA A 622 21.17 30.02 3.56
N HIS A 623 20.19 29.17 3.87
CA HIS A 623 19.24 28.67 2.89
C HIS A 623 18.60 29.87 2.19
N GLY A 624 18.39 29.75 0.88
CA GLY A 624 17.81 30.83 0.10
C GLY A 624 16.42 31.21 0.58
N THR A 625 15.74 30.28 1.27
CA THR A 625 14.42 30.59 1.81
C THR A 625 14.52 31.76 2.80
N ASN A 626 15.62 31.82 3.55
CA ASN A 626 15.77 32.85 4.58
C ASN A 626 15.64 34.30 4.06
N PRO A 627 16.53 34.72 3.14
CA PRO A 627 16.39 36.10 2.70
C PRO A 627 15.12 36.36 1.90
N ALA A 628 14.62 35.35 1.18
CA ALA A 628 13.34 35.48 0.49
C ALA A 628 12.23 35.80 1.50
N SER A 629 12.18 35.04 2.59
CA SER A 629 11.19 35.25 3.64
C SER A 629 11.33 36.65 4.24
N ALA A 630 12.58 37.07 4.43
CA ALA A 630 12.83 38.37 5.04
C ALA A 630 12.29 39.53 4.19
N VAL A 631 12.54 39.46 2.88
CA VAL A 631 12.04 40.50 1.99
C VAL A 631 10.50 40.51 1.96
N MET A 632 9.88 39.32 1.96
CA MET A 632 8.42 39.22 1.99
C MET A 632 7.87 39.84 3.27
N CYS A 633 8.71 39.87 4.31
CA CYS A 633 8.31 40.46 5.58
C CYS A 633 8.75 41.92 5.69
N GLY A 634 9.09 42.51 4.56
CA GLY A 634 9.35 43.93 4.49
C GLY A 634 10.68 44.30 5.10
N MET A 635 11.56 43.31 5.26
CA MET A 635 12.87 43.59 5.85
C MET A 635 13.94 43.82 4.79
N GLN A 636 14.98 44.57 5.17
CA GLN A 636 16.12 44.78 4.31
C GLN A 636 17.22 43.80 4.71
N VAL A 637 17.64 42.95 3.77
CA VAL A 637 18.64 41.94 4.09
C VAL A 637 20.04 42.54 4.10
N VAL A 638 20.78 42.27 5.16
CA VAL A 638 22.19 42.64 5.26
C VAL A 638 22.96 41.35 5.50
N PRO A 639 23.81 40.97 4.52
CA PRO A 639 24.55 39.72 4.71
C PRO A 639 25.64 39.84 5.76
N VAL A 640 25.93 38.73 6.43
CA VAL A 640 27.03 38.65 7.38
C VAL A 640 28.04 37.65 6.82
N LYS A 641 29.31 38.02 6.81
CA LYS A 641 30.34 37.19 6.20
C LYS A 641 30.59 35.91 6.98
N CYS A 642 31.06 34.87 6.28
CA CYS A 642 31.60 33.72 6.97
C CYS A 642 33.12 33.84 6.98
N ASP A 643 33.77 33.36 8.03
CA ASP A 643 35.22 33.54 8.14
C ASP A 643 35.99 32.53 7.30
N GLY A 644 37.30 32.46 7.55
CA GLY A 644 38.17 31.55 6.80
C GLY A 644 37.74 30.10 6.89
N GLU A 645 37.22 29.69 8.04
CA GLU A 645 36.85 28.30 8.26
C GLU A 645 35.36 28.05 8.06
N GLY A 646 34.69 28.97 7.36
CA GLY A 646 33.28 28.80 7.03
C GLY A 646 32.31 29.19 8.12
N ASN A 647 32.85 29.60 9.27
CA ASN A 647 32.01 29.96 10.40
C ASN A 647 31.49 31.39 10.30
N ILE A 648 30.40 31.69 10.99
CA ILE A 648 29.95 33.07 11.09
C ILE A 648 31.06 33.97 11.68
N ASP A 649 31.37 35.05 10.96
CA ASP A 649 32.41 36.00 11.36
C ASP A 649 31.83 36.90 12.45
N VAL A 650 32.18 36.59 13.70
CA VAL A 650 31.62 37.31 14.84
C VAL A 650 31.96 38.79 14.78
N GLU A 651 33.19 39.07 14.36
CA GLU A 651 33.64 40.44 14.24
CA GLU A 651 33.65 40.45 14.22
C GLU A 651 32.77 41.19 13.22
N ASP A 652 32.45 40.53 12.12
CA ASP A 652 31.63 41.15 11.07
C ASP A 652 30.20 41.30 11.55
N LEU A 653 29.71 40.28 12.24
CA LEU A 653 28.36 40.34 12.84
C LEU A 653 28.26 41.55 13.77
N THR A 654 29.24 41.71 14.65
CA THR A 654 29.24 42.80 15.62
C THR A 654 29.26 44.18 14.93
N SER A 655 30.11 44.33 13.93
CA SER A 655 30.22 45.57 13.18
C SER A 655 28.87 45.96 12.58
N LYS A 656 28.21 45.01 11.93
CA LYS A 656 26.94 45.30 11.27
C LYS A 656 25.80 45.50 12.26
N ALA A 657 25.83 44.74 13.37
CA ALA A 657 24.84 44.95 14.43
C ALA A 657 24.96 46.35 15.00
N GLU A 658 26.20 46.78 15.24
CA GLU A 658 26.47 48.15 15.70
C GLU A 658 25.98 49.20 14.72
N LYS A 659 26.34 49.03 13.45
CA LYS A 659 26.00 49.98 12.41
C LYS A 659 24.49 50.15 12.26
N TYR A 660 23.77 49.04 12.34
CA TYR A 660 22.32 49.04 12.16
C TYR A 660 21.60 48.90 13.49
N GLY A 661 22.28 49.28 14.57
CA GLY A 661 21.75 49.17 15.91
C GLY A 661 20.32 49.66 16.08
N ASP A 662 20.05 50.87 15.63
CA ASP A 662 18.71 51.46 15.79
C ASP A 662 17.65 50.81 14.90
N ARG A 663 18.09 50.03 13.93
CA ARG A 663 17.19 49.51 12.89
C ARG A 663 17.20 48.00 12.83
N LEU A 664 17.95 47.37 13.74
CA LEU A 664 18.13 45.92 13.70
C LEU A 664 16.87 45.16 14.10
N ALA A 665 16.28 44.43 13.17
CA ALA A 665 15.09 43.65 13.46
C ALA A 665 15.42 42.23 13.93
N ALA A 666 16.33 41.57 13.21
CA ALA A 666 16.53 40.15 13.41
C ALA A 666 17.86 39.67 12.86
N LEU A 667 18.29 38.54 13.38
CA LEU A 667 19.30 37.72 12.74
C LEU A 667 18.60 36.41 12.42
N MET A 668 18.81 35.89 11.22
CA MET A 668 18.32 34.56 10.89
C MET A 668 19.53 33.65 10.83
N VAL A 669 19.54 32.60 11.63
CA VAL A 669 20.72 31.75 11.71
C VAL A 669 20.27 30.29 11.60
N THR A 670 21.05 29.48 10.90
CA THR A 670 20.77 28.05 10.86
C THR A 670 21.77 27.38 11.79
N TYR A 671 21.29 26.51 12.67
CA TYR A 671 22.20 25.85 13.62
C TYR A 671 21.90 24.34 13.72
N PRO A 672 22.92 23.49 13.56
CA PRO A 672 24.26 23.80 13.05
C PRO A 672 24.17 24.42 11.67
N SER A 673 25.26 25.02 11.19
CA SER A 673 25.22 25.81 9.97
C SER A 673 24.92 24.96 8.75
N THR A 674 24.66 25.61 7.62
CA THR A 674 24.45 24.89 6.36
C THR A 674 25.76 24.25 5.88
N HIS A 675 26.84 24.55 6.57
CA HIS A 675 28.13 23.92 6.31
C HIS A 675 28.28 22.62 7.10
N GLY A 676 27.28 22.29 7.91
CA GLY A 676 27.30 21.06 8.68
C GLY A 676 28.20 21.10 9.91
N VAL A 677 28.37 22.28 10.48
CA VAL A 677 29.25 22.41 11.64
C VAL A 677 28.59 23.04 12.88
N PHE A 678 28.91 22.50 14.06
CA PHE A 678 28.49 23.08 15.34
C PHE A 678 29.40 24.24 15.75
N GLU A 679 28.94 25.47 15.57
CA GLU A 679 29.77 26.61 15.95
C GLU A 679 29.63 26.88 17.45
N ALA A 680 30.75 27.00 18.15
CA ALA A 680 30.71 27.19 19.60
C ALA A 680 30.36 28.62 19.98
N THR A 681 30.25 29.49 18.99
CA THR A 681 30.01 30.91 19.22
C THR A 681 28.52 31.28 19.18
N ILE A 682 27.65 30.29 19.04
CA ILE A 682 26.23 30.59 18.78
C ILE A 682 25.59 31.43 19.90
N GLY A 683 25.96 31.17 21.14
CA GLY A 683 25.44 31.91 22.28
C GLY A 683 25.90 33.35 22.27
N THR A 684 27.19 33.54 22.00
CA THR A 684 27.77 34.88 21.93
C THR A 684 27.09 35.68 20.83
N ILE A 685 26.85 35.01 19.70
CA ILE A 685 26.19 35.60 18.55
C ILE A 685 24.79 36.09 18.93
N CYS A 686 24.01 35.26 19.61
CA CYS A 686 22.68 35.67 20.04
C CYS A 686 22.74 36.84 21.03
N ASP A 687 23.70 36.80 21.95
CA ASP A 687 23.87 37.89 22.92
C ASP A 687 24.10 39.23 22.21
N ILE A 688 24.95 39.21 21.18
CA ILE A 688 25.25 40.44 20.43
C ILE A 688 24.02 40.99 19.75
N VAL A 689 23.26 40.11 19.08
CA VAL A 689 22.03 40.54 18.43
C VAL A 689 21.06 41.17 19.44
N HIS A 690 20.87 40.52 20.58
CA HIS A 690 20.00 41.05 21.61
C HIS A 690 20.52 42.37 22.18
N ARG A 691 21.84 42.48 22.30
CA ARG A 691 22.47 43.70 22.81
C ARG A 691 22.04 44.90 21.98
N PHE A 692 21.91 44.69 20.67
CA PHE A 692 21.56 45.77 19.76
C PHE A 692 20.09 45.80 19.34
N GLY A 693 19.26 45.11 20.13
CA GLY A 693 17.82 45.27 20.05
C GLY A 693 17.12 44.36 19.07
N GLY A 694 17.86 43.41 18.49
CA GLY A 694 17.29 42.49 17.53
C GLY A 694 16.75 41.23 18.17
N GLU A 695 15.90 40.52 17.43
CA GLU A 695 15.44 39.20 17.84
C GLU A 695 16.25 38.16 17.07
N VAL A 696 16.33 36.95 17.60
CA VAL A 696 17.03 35.88 16.89
C VAL A 696 16.07 34.84 16.37
N TYR A 697 16.07 34.66 15.06
CA TYR A 697 15.30 33.61 14.42
C TYR A 697 16.22 32.44 14.05
N MET A 698 15.88 31.25 14.50
CA MET A 698 16.65 30.09 14.08
C MET A 698 15.94 29.20 13.06
N ASP A 699 16.58 29.02 11.91
CA ASP A 699 16.13 28.06 10.91
C ASP A 699 16.42 26.69 11.51
N GLY A 700 15.37 25.91 11.74
CA GLY A 700 15.55 24.62 12.41
C GLY A 700 15.61 23.41 11.49
N ALA A 701 16.03 23.62 10.25
CA ALA A 701 16.04 22.51 9.31
C ALA A 701 17.14 21.51 9.62
N ASN A 702 18.10 21.90 10.46
CA ASN A 702 19.17 21.00 10.86
C ASN A 702 18.95 20.47 12.27
N MET A 703 17.70 20.45 12.71
CA MET A 703 17.39 19.94 14.05
C MET A 703 17.71 18.46 14.22
N ASN A 704 17.98 17.75 13.13
CA ASN A 704 18.34 16.35 13.32
C ASN A 704 19.70 16.19 13.99
N ALA A 705 20.45 17.28 14.08
CA ALA A 705 21.70 17.28 14.83
C ALA A 705 21.51 17.75 16.27
N GLN A 706 20.29 18.19 16.61
CA GLN A 706 20.05 18.84 17.91
C GLN A 706 19.18 18.05 18.90
N VAL A 707 18.21 17.29 18.41
CA VAL A 707 17.16 16.74 19.28
C VAL A 707 17.72 15.96 20.48
N GLY A 708 17.43 16.45 21.69
CA GLY A 708 17.91 15.83 22.92
C GLY A 708 19.30 16.27 23.33
N LEU A 709 20.03 16.90 22.42
CA LEU A 709 21.39 17.35 22.70
C LEU A 709 21.48 18.84 22.99
N CYS A 710 20.63 19.64 22.35
CA CYS A 710 20.57 21.07 22.64
C CYS A 710 19.24 21.63 22.19
N ARG A 711 18.82 22.74 22.80
CA ARG A 711 17.51 23.32 22.49
C ARG A 711 17.68 24.78 22.14
N PRO A 712 17.19 25.18 20.96
CA PRO A 712 17.36 26.54 20.43
C PRO A 712 17.00 27.62 21.45
N ALA A 713 15.89 27.45 22.15
CA ALA A 713 15.45 28.46 23.12
C ALA A 713 16.46 28.66 24.25
N ASP A 714 17.22 27.61 24.56
CA ASP A 714 18.14 27.63 25.69
C ASP A 714 19.41 28.40 25.35
N PHE A 715 19.80 28.41 24.07
CA PHE A 715 21.05 29.09 23.75
C PHE A 715 20.90 30.40 22.98
N GLY A 716 19.68 30.94 22.97
CA GLY A 716 19.50 32.32 22.57
C GLY A 716 18.49 32.64 21.48
N ALA A 717 17.87 31.61 20.90
CA ALA A 717 16.89 31.85 19.84
C ALA A 717 15.61 32.37 20.48
N ASP A 718 14.94 33.32 19.81
CA ASP A 718 13.65 33.79 20.30
C ASP A 718 12.53 33.05 19.63
N VAL A 719 12.83 32.55 18.43
CA VAL A 719 11.86 31.78 17.66
C VAL A 719 12.62 30.83 16.74
N CYS A 720 12.01 29.69 16.42
CA CYS A 720 12.59 28.80 15.43
C CYS A 720 11.45 28.12 14.68
N HIS A 721 11.73 27.58 13.51
CA HIS A 721 10.77 26.66 12.90
C HIS A 721 11.39 25.28 12.89
N LEU A 722 10.55 24.26 12.82
CA LEU A 722 11.00 22.89 12.59
C LEU A 722 10.48 22.44 11.24
N ASN A 723 11.24 21.59 10.53
CA ASN A 723 10.70 20.95 9.34
C ASN A 723 10.30 19.54 9.74
N LEU A 724 9.00 19.29 9.91
CA LEU A 724 8.56 17.97 10.35
C LEU A 724 8.87 16.93 9.27
N HIS A 725 8.94 17.39 8.02
CA HIS A 725 9.27 16.54 6.88
C HIS A 725 10.77 16.33 6.71
N THR A 727 13.28 16.43 10.05
CA THR A 727 13.64 15.81 11.34
C THR A 727 12.59 14.84 11.91
N PHE A 728 11.31 15.08 11.61
CA PHE A 728 10.25 14.33 12.31
C PHE A 728 9.39 13.43 11.42
N CYS A 729 9.98 12.96 10.31
CA CYS A 729 9.50 11.80 9.56
C CYS A 729 8.34 11.98 8.59
N ILE A 730 7.75 13.18 8.51
CA ILE A 730 6.80 13.41 7.41
C ILE A 730 7.55 13.12 6.10
N PRO A 731 6.93 12.31 5.20
CA PRO A 731 7.69 11.86 4.03
C PRO A 731 7.94 12.97 3.04
N HIS A 732 8.98 12.81 2.24
CA HIS A 732 9.42 13.88 1.36
C HIS A 732 8.49 14.07 0.16
N GLY A 733 7.71 13.02 -0.15
CA GLY A 733 6.59 13.12 -1.07
C GLY A 733 6.90 13.43 -2.53
N GLY A 734 8.19 13.34 -2.89
CA GLY A 734 8.61 13.75 -4.22
C GLY A 734 8.76 15.27 -4.33
N GLY A 735 8.67 15.95 -3.19
CA GLY A 735 8.76 17.40 -3.15
C GLY A 735 7.61 18.09 -2.40
N GLY A 736 7.15 17.45 -1.33
CA GLY A 736 5.98 17.92 -0.58
C GLY A 736 5.07 16.72 -0.33
N PRO A 737 4.33 16.72 0.79
CA PRO A 737 4.06 17.88 1.66
C PRO A 737 4.99 18.02 2.83
N GLY A 738 5.02 19.21 3.41
CA GLY A 738 5.74 19.43 4.65
C GLY A 738 4.88 20.18 5.66
N MET A 739 5.45 20.34 6.85
CA MET A 739 4.85 21.20 7.88
C MET A 739 6.01 21.90 8.57
N GLY A 740 5.81 23.17 8.89
CA GLY A 740 6.88 23.99 9.44
C GLY A 740 6.44 24.72 10.70
N PRO A 741 6.12 23.97 11.76
CA PRO A 741 5.63 24.62 12.99
C PRO A 741 6.70 25.53 13.58
N ILE A 742 6.29 26.58 14.29
CA ILE A 742 7.26 27.45 14.94
C ILE A 742 7.11 27.39 16.44
N GLY A 743 8.24 27.57 17.13
CA GLY A 743 8.24 27.70 18.58
C GLY A 743 8.69 29.11 18.89
N VAL A 744 8.10 29.72 19.91
CA VAL A 744 8.48 31.07 20.28
C VAL A 744 8.59 31.23 21.80
N LYS A 745 9.37 32.21 22.22
CA LYS A 745 9.43 32.60 23.63
C LYS A 745 8.14 33.31 24.01
N SER A 746 7.90 33.42 25.32
CA SER A 746 6.66 34.01 25.83
C SER A 746 6.38 35.41 25.27
N HIS A 747 7.43 36.22 25.14
CA HIS A 747 7.24 37.60 24.71
C HIS A 747 6.73 37.75 23.28
N LEU A 748 6.67 36.64 22.56
CA LEU A 748 6.21 36.64 21.17
C LEU A 748 4.88 35.90 21.00
N GLN A 749 4.43 35.23 22.04
CA GLN A 749 3.30 34.32 21.92
C GLN A 749 2.00 35.01 21.49
N ALA A 750 1.84 36.26 21.93
CA ALA A 750 0.62 37.01 21.64
C ALA A 750 0.39 37.21 20.14
N PHE A 751 1.45 37.08 19.36
CA PHE A 751 1.37 37.43 17.94
C PHE A 751 1.16 36.23 17.03
N LEU A 752 1.11 35.02 17.60
CA LEU A 752 1.02 33.80 16.80
C LEU A 752 -0.24 33.80 15.91
N PRO A 753 -0.16 33.11 14.75
CA PRO A 753 -1.31 33.01 13.83
C PRO A 753 -2.57 32.49 14.51
N ARG A 754 -3.72 32.99 14.06
CA ARG A 754 -5.00 32.58 14.60
C ARG A 754 -5.30 31.11 14.33
N THR A 755 -5.86 30.47 15.36
CA THR A 755 -6.07 29.04 15.36
C THR A 755 -7.58 28.73 15.32
N ASP A 767 -6.81 41.30 18.38
CA ASP A 767 -6.14 42.46 18.95
C ASP A 767 -4.65 42.43 18.63
N GLN A 768 -4.08 41.22 18.56
CA GLN A 768 -2.63 41.07 18.50
C GLN A 768 -2.06 40.05 17.51
N SER A 769 -2.85 39.07 17.06
CA SER A 769 -2.34 38.06 16.13
C SER A 769 -1.91 38.68 14.80
N ILE A 770 -0.89 38.11 14.18
CA ILE A 770 -0.48 38.55 12.85
C ILE A 770 -1.51 38.20 11.79
N GLY A 771 -2.44 37.31 12.14
CA GLY A 771 -3.48 36.89 11.21
C GLY A 771 -3.34 35.42 10.87
N MET A 772 -3.37 35.09 9.57
CA MET A 772 -3.24 33.69 9.12
C MET A 772 -2.11 33.53 8.13
N ILE A 773 -1.28 32.53 8.38
CA ILE A 773 -0.13 32.23 7.54
C ILE A 773 -0.51 31.15 6.52
N SER A 774 -1.27 30.15 7.00
CA SER A 774 -1.78 29.09 6.14
C SER A 774 -3.28 29.29 6.03
N ALA A 775 -3.89 28.71 4.99
CA ALA A 775 -5.34 28.85 4.80
C ALA A 775 -6.16 28.14 5.87
N ALA A 776 -5.66 27.01 6.35
CA ALA A 776 -6.36 26.25 7.36
C ALA A 776 -5.68 26.51 8.70
N PRO A 777 -6.46 26.60 9.79
CA PRO A 777 -5.87 27.00 11.06
C PRO A 777 -4.75 26.09 11.56
N TYR A 778 -4.78 24.80 11.22
CA TYR A 778 -3.67 23.92 11.58
C TYR A 778 -2.96 23.36 10.35
N GLY A 779 -2.99 24.12 9.26
CA GLY A 779 -2.29 23.74 8.05
C GLY A 779 -2.71 22.36 7.59
N SER A 780 -1.76 21.54 7.17
CA SER A 780 -2.08 20.17 6.75
C SER A 780 -2.15 19.30 7.97
N ALA A 781 -3.26 19.41 8.70
CA ALA A 781 -3.38 18.76 10.00
C ALA A 781 -3.22 17.25 9.97
N SER A 782 -3.77 16.60 8.93
CA SER A 782 -3.79 15.14 8.92
C SER A 782 -2.40 14.54 8.96
N ILE A 783 -1.40 15.22 8.42
CA ILE A 783 -0.07 14.62 8.41
C ILE A 783 0.71 14.86 9.70
N LEU A 784 0.15 15.66 10.60
CA LEU A 784 0.81 15.86 11.89
C LEU A 784 0.83 14.57 12.71
N VAL A 785 -0.03 13.61 12.36
CA VAL A 785 -0.04 12.34 13.09
C VAL A 785 1.26 11.57 12.89
N ILE A 786 1.94 11.82 11.78
CA ILE A 786 3.19 11.13 11.48
C ILE A 786 4.26 11.46 12.52
N SER A 787 4.42 12.75 12.79
CA SER A 787 5.40 13.20 13.78
C SER A 787 4.98 12.83 15.20
N TRP A 788 3.67 12.83 15.47
CA TRP A 788 3.17 12.36 16.77
C TRP A 788 3.59 10.90 16.97
N MET A 789 3.36 10.07 15.96
CA MET A 789 3.73 8.65 16.04
C MET A 789 5.23 8.47 16.26
N TYR A 790 6.04 9.26 15.59
CA TYR A 790 7.50 9.17 15.73
C TYR A 790 7.90 9.43 17.17
N ILE A 791 7.42 10.54 17.73
CA ILE A 791 7.77 10.88 19.10
C ILE A 791 7.28 9.82 20.08
N ALA A 792 6.06 9.34 19.85
CA ALA A 792 5.46 8.39 20.78
C ALA A 792 6.20 7.06 20.79
N MET A 793 6.68 6.64 19.61
CA MET A 793 7.35 5.35 19.52
C MET A 793 8.82 5.42 19.90
N MET A 794 9.43 6.61 19.79
CA MET A 794 10.85 6.75 20.08
C MET A 794 11.12 7.06 21.54
N GLY A 795 10.27 7.88 22.15
CA GLY A 795 10.51 8.30 23.52
C GLY A 795 11.73 9.20 23.64
N PRO A 796 12.00 9.72 24.84
CA PRO A 796 13.06 10.72 25.00
C PRO A 796 14.46 10.15 24.73
N GLN A 797 14.75 8.96 25.23
CA GLN A 797 16.06 8.38 25.00
C GLN A 797 16.24 7.99 23.54
N GLY A 798 15.19 7.46 22.95
CA GLY A 798 15.21 7.06 21.55
C GLY A 798 15.44 8.23 20.61
N LEU A 799 14.69 9.32 20.83
CA LEU A 799 14.87 10.51 20.00
C LEU A 799 16.30 11.04 20.06
N THR A 800 16.87 11.03 21.26
CA THR A 800 18.23 11.52 21.44
C THR A 800 19.25 10.58 20.79
N LYS A 801 19.02 9.27 20.91
CA LYS A 801 19.90 8.28 20.29
C LYS A 801 19.92 8.47 18.77
N ALA A 802 18.75 8.76 18.19
CA ALA A 802 18.64 9.03 16.74
C ALA A 802 19.56 10.17 16.32
N THR A 803 19.50 11.27 17.06
CA THR A 803 20.39 12.40 16.81
C THR A 803 21.85 12.00 16.88
N GLU A 804 22.22 11.25 17.91
CA GLU A 804 23.61 10.86 18.09
C GLU A 804 24.09 9.95 16.98
N VAL A 805 23.23 9.04 16.53
CA VAL A 805 23.60 8.12 15.46
C VAL A 805 23.69 8.86 14.11
N ALA A 806 22.81 9.84 13.90
CA ALA A 806 22.90 10.69 12.73
C ALA A 806 24.28 11.36 12.65
N ILE A 807 24.76 11.85 13.79
CA ILE A 807 26.07 12.50 13.83
C ILE A 807 27.19 11.50 13.61
N LEU A 808 27.06 10.32 14.24
CA LEU A 808 28.06 9.27 14.10
C LEU A 808 28.21 8.88 12.63
N SER A 809 27.09 8.68 11.97
CA SER A 809 27.10 8.18 10.60
C SER A 809 27.67 9.22 9.64
N ALA A 810 27.34 10.49 9.87
CA ALA A 810 27.89 11.57 9.05
C ALA A 810 29.40 11.65 9.22
N ASN A 811 29.85 11.59 10.46
CA ASN A 811 31.29 11.63 10.71
C ASN A 811 31.99 10.42 10.14
N TYR A 812 31.34 9.27 10.20
CA TYR A 812 31.91 8.04 9.64
C TYR A 812 32.16 8.18 8.14
N MET A 813 31.14 8.64 7.42
CA MET A 813 31.29 8.82 5.96
C MET A 813 32.38 9.84 5.65
N ALA A 814 32.42 10.94 6.40
CA ALA A 814 33.46 11.95 6.19
C ALA A 814 34.85 11.33 6.38
N LYS A 815 35.01 10.54 7.44
CA LYS A 815 36.28 9.88 7.71
C LYS A 815 36.67 8.93 6.56
N ARG A 816 35.70 8.19 6.04
CA ARG A 816 35.99 7.24 4.98
C ARG A 816 36.38 7.94 3.67
N LEU A 817 35.84 9.14 3.45
CA LEU A 817 36.02 9.80 2.16
C LEU A 817 37.04 10.94 2.14
N GLU A 818 37.53 11.32 3.32
CA GLU A 818 38.34 12.55 3.45
C GLU A 818 39.64 12.54 2.64
N ASN A 819 40.22 11.37 2.41
CA ASN A 819 41.44 11.28 1.61
C ASN A 819 41.18 11.33 0.10
N TYR A 820 39.91 11.26 -0.29
CA TYR A 820 39.54 11.26 -1.70
C TYR A 820 38.87 12.57 -2.09
N TYR A 821 38.01 13.06 -1.19
CA TYR A 821 37.32 14.33 -1.37
C TYR A 821 37.47 15.10 -0.08
N PRO A 822 38.22 16.22 -0.11
CA PRO A 822 38.44 17.02 1.11
C PRO A 822 37.13 17.39 1.80
N ILE A 823 37.08 17.24 3.13
CA ILE A 823 35.92 17.66 3.90
C ILE A 823 36.06 19.18 4.05
N LEU A 824 35.10 19.93 3.53
CA LEU A 824 35.34 21.37 3.32
C LEU A 824 35.33 22.16 4.62
N PHE A 825 34.42 21.81 5.53
CA PHE A 825 34.33 22.49 6.81
C PHE A 825 34.23 21.48 7.94
N ARG A 826 34.97 21.72 9.01
CA ARG A 826 34.84 20.90 10.21
C ARG A 826 34.77 21.82 11.41
N GLY A 827 34.16 21.33 12.48
CA GLY A 827 34.03 22.10 13.71
C GLY A 827 35.12 21.77 14.69
N ASN A 828 34.89 22.09 15.96
CA ASN A 828 35.88 21.76 16.98
C ASN A 828 36.12 20.27 17.04
N ASN A 829 37.35 19.89 17.37
CA ASN A 829 37.78 18.51 17.40
C ASN A 829 37.74 17.83 16.04
N GLU A 830 37.73 18.63 14.96
CA GLU A 830 37.71 18.13 13.58
C GLU A 830 36.48 17.28 13.24
N LEU A 831 35.38 17.54 13.94
CA LEU A 831 34.14 16.79 13.70
C LEU A 831 33.13 17.57 12.88
N VAL A 832 32.29 16.84 12.16
CA VAL A 832 31.13 17.46 11.54
C VAL A 832 29.92 17.18 12.40
N ALA A 833 28.79 17.75 12.01
CA ALA A 833 27.54 17.49 12.69
C ALA A 833 26.81 16.29 12.03
N HIS A 834 25.63 16.52 11.47
CA HIS A 834 24.82 15.46 10.90
C HIS A 834 25.04 15.36 9.38
N GLU A 835 25.95 16.18 8.86
CA GLU A 835 26.19 16.16 7.42
C GLU A 835 27.57 16.75 7.15
N CYS A 836 28.13 16.47 5.99
CA CYS A 836 29.44 17.02 5.64
C CYS A 836 29.46 17.47 4.20
N ILE A 837 30.35 18.42 3.90
CA ILE A 837 30.49 18.88 2.53
C ILE A 837 31.76 18.28 1.93
N LEU A 838 31.60 17.60 0.80
CA LEU A 838 32.75 17.04 0.11
C LEU A 838 33.18 18.01 -0.98
N ASP A 839 34.46 18.35 -1.01
CA ASP A 839 34.95 19.26 -2.03
C ASP A 839 35.31 18.48 -3.31
N LEU A 840 34.54 18.69 -4.37
CA LEU A 840 34.82 18.04 -5.65
C LEU A 840 35.55 18.97 -6.61
N ARG A 841 35.86 20.18 -6.14
CA ARG A 841 36.57 21.14 -6.99
C ARG A 841 37.96 20.68 -7.47
N PRO A 842 38.71 19.95 -6.63
CA PRO A 842 39.93 19.34 -7.18
C PRO A 842 39.69 18.43 -8.39
N LEU A 843 38.62 17.64 -8.40
CA LEU A 843 38.30 16.79 -9.54
C LEU A 843 38.09 17.60 -10.82
N LYS A 844 37.42 18.74 -10.68
CA LYS A 844 37.23 19.62 -11.83
C LYS A 844 38.56 20.14 -12.33
N LYS A 845 39.44 20.51 -11.40
CA LYS A 845 40.74 21.06 -11.77
C LYS A 845 41.63 19.99 -12.42
N GLN A 846 41.61 18.79 -11.86
CA GLN A 846 42.51 17.73 -12.31
C GLN A 846 42.01 17.03 -13.58
N ALA A 847 40.71 16.76 -13.63
CA ALA A 847 40.18 15.89 -14.68
C ALA A 847 39.07 16.53 -15.51
N ALA A 848 38.79 17.81 -15.26
CA ALA A 848 37.67 18.50 -15.89
C ALA A 848 36.35 17.77 -15.64
N ILE A 849 36.26 17.11 -14.48
CA ILE A 849 35.05 16.43 -14.08
C ILE A 849 34.18 17.39 -13.28
N GLU A 850 32.93 17.55 -13.70
CA GLU A 850 32.00 18.44 -13.01
C GLU A 850 31.23 17.71 -11.92
N VAL A 851 30.70 18.45 -10.95
CA VAL A 851 29.89 17.82 -9.92
C VAL A 851 28.70 17.07 -10.52
N GLU A 852 28.13 17.60 -11.59
CA GLU A 852 27.02 16.89 -12.22
C GLU A 852 27.45 15.56 -12.86
N ASP A 853 28.70 15.48 -13.32
CA ASP A 853 29.24 14.21 -13.83
C ASP A 853 29.18 13.15 -12.73
N VAL A 854 29.68 13.50 -11.55
CA VAL A 854 29.67 12.58 -10.43
C VAL A 854 28.24 12.21 -10.05
N ALA A 855 27.35 13.19 -10.04
CA ALA A 855 25.95 12.96 -9.70
C ALA A 855 25.30 11.96 -10.65
N LYS A 856 25.57 12.11 -11.95
CA LYS A 856 24.96 11.17 -12.90
C LYS A 856 25.61 9.80 -12.83
N ARG A 857 26.92 9.77 -12.62
CA ARG A 857 27.62 8.48 -12.54
C ARG A 857 27.15 7.66 -11.35
N LEU A 858 26.82 8.32 -10.25
CA LEU A 858 26.25 7.61 -9.10
C LEU A 858 24.98 6.83 -9.47
N MET A 859 24.24 7.31 -10.46
CA MET A 859 23.02 6.60 -10.89
C MET A 859 23.36 5.20 -11.38
N ASP A 860 24.51 5.07 -12.04
CA ASP A 860 24.94 3.78 -12.59
C ASP A 860 25.35 2.84 -11.45
N PHE A 861 25.63 3.40 -10.28
CA PHE A 861 25.95 2.61 -9.09
C PHE A 861 24.71 2.33 -8.26
N GLY A 862 23.57 2.84 -8.71
CA GLY A 862 22.31 2.61 -8.03
C GLY A 862 22.02 3.61 -6.93
N PHE A 863 22.63 4.79 -7.02
CA PHE A 863 22.44 5.84 -6.02
C PHE A 863 21.93 7.18 -6.56
N HIS A 864 21.01 7.79 -5.82
CA HIS A 864 20.65 9.19 -5.99
C HIS A 864 21.77 10.03 -5.39
N ALA A 865 22.15 11.10 -6.09
CA ALA A 865 23.25 11.93 -5.64
C ALA A 865 22.89 12.64 -4.34
N PRO A 866 23.91 13.02 -3.56
CA PRO A 866 23.60 13.90 -2.42
C PRO A 866 23.27 15.30 -2.94
N THR A 867 23.16 16.27 -2.03
CA THR A 867 22.85 17.63 -2.45
C THR A 867 24.03 18.22 -3.24
N VAL A 868 23.73 18.80 -4.41
CA VAL A 868 24.77 19.22 -5.34
C VAL A 868 24.91 20.74 -5.39
N SER A 869 26.15 21.22 -5.22
CA SER A 869 26.49 22.65 -5.39
C SER A 869 25.78 23.62 -4.44
N TRP A 870 25.30 23.12 -3.31
CA TRP A 870 24.73 23.98 -2.28
C TRP A 870 25.15 23.48 -0.89
N PRO A 871 25.58 24.40 0.00
CA PRO A 871 25.65 25.85 -0.17
C PRO A 871 26.88 26.30 -0.93
N VAL A 872 27.78 25.39 -1.27
CA VAL A 872 28.99 25.79 -1.98
C VAL A 872 29.05 25.17 -3.38
N LEU A 873 29.15 26.03 -4.41
CA LEU A 873 29.32 25.56 -5.79
C LEU A 873 30.48 24.61 -5.91
N GLY A 874 30.29 23.50 -6.64
CA GLY A 874 31.41 22.62 -6.91
C GLY A 874 31.61 21.56 -5.84
N THR A 875 30.63 21.42 -4.96
CA THR A 875 30.74 20.49 -3.84
C THR A 875 29.49 19.64 -3.73
N MET A 876 29.56 18.62 -2.87
CA MET A 876 28.39 17.81 -2.55
C MET A 876 28.17 17.79 -1.04
N MET A 877 26.92 17.94 -0.60
CA MET A 877 26.68 17.85 0.84
C MET A 877 25.93 16.57 1.13
N VAL A 878 26.53 15.74 1.97
CA VAL A 878 26.07 14.38 2.22
C VAL A 878 25.49 14.27 3.62
N GLU A 879 24.24 13.79 3.71
CA GLU A 879 23.61 13.57 5.00
C GLU A 879 22.96 12.19 5.01
N PRO A 880 23.58 11.22 5.72
CA PRO A 880 23.06 9.85 5.68
C PRO A 880 21.82 9.62 6.53
N THR A 881 21.65 10.42 7.58
CA THR A 881 20.70 10.17 8.67
C THR A 881 21.02 8.93 9.47
N GLU A 882 20.28 8.77 10.57
CA GLU A 882 20.47 7.65 11.48
C GLU A 882 19.81 6.36 10.98
N SER A 883 19.02 6.44 9.91
CA SER A 883 18.19 5.29 9.52
C SER A 883 18.86 4.31 8.55
N GLU A 884 20.06 4.65 8.09
CA GLU A 884 20.73 3.86 7.06
C GLU A 884 21.82 2.97 7.66
N SER A 885 21.88 1.71 7.22
CA SER A 885 22.76 0.71 7.82
C SER A 885 24.21 0.97 7.43
N LEU A 886 25.12 0.38 8.20
CA LEU A 886 26.54 0.50 7.89
C LEU A 886 26.83 -0.03 6.49
N GLY A 887 26.22 -1.16 6.14
CA GLY A 887 26.40 -1.75 4.82
C GLY A 887 26.08 -0.76 3.72
N GLU A 888 25.01 0.00 3.92
CA GLU A 888 24.57 0.97 2.93
C GLU A 888 25.50 2.18 2.88
N LEU A 889 25.91 2.67 4.05
CA LEU A 889 26.88 3.76 4.12
C LEU A 889 28.16 3.35 3.40
N ASP A 890 28.59 2.11 3.62
CA ASP A 890 29.82 1.63 2.99
C ASP A 890 29.68 1.50 1.47
N ARG A 891 28.52 1.05 0.99
CA ARG A 891 28.32 0.98 -0.46
C ARG A 891 28.38 2.37 -1.08
N PHE A 892 27.77 3.36 -0.42
CA PHE A 892 27.85 4.71 -0.95
C PHE A 892 29.28 5.23 -0.94
N CYS A 893 30.01 5.00 0.14
CA CYS A 893 31.40 5.44 0.17
C CYS A 893 32.20 4.72 -0.90
N ASP A 894 31.96 3.42 -1.05
CA ASP A 894 32.68 2.65 -2.06
C ASP A 894 32.40 3.16 -3.47
N ALA A 895 31.17 3.59 -3.70
CA ALA A 895 30.77 4.14 -5.00
C ALA A 895 31.54 5.43 -5.26
N MET A 896 31.62 6.30 -4.26
CA MET A 896 32.35 7.56 -4.41
C MET A 896 33.84 7.30 -4.61
N ILE A 897 34.37 6.27 -3.96
CA ILE A 897 35.78 5.94 -4.12
C ILE A 897 36.06 5.39 -5.53
N ALA A 898 35.16 4.55 -6.02
CA ALA A 898 35.30 4.02 -7.37
C ALA A 898 35.26 5.16 -8.39
N ILE A 899 34.37 6.11 -8.14
CA ILE A 899 34.23 7.26 -9.04
C ILE A 899 35.50 8.12 -8.99
N TYR A 900 36.07 8.27 -7.81
CA TYR A 900 37.37 8.93 -7.67
C TYR A 900 38.44 8.25 -8.53
N GLN A 901 38.47 6.93 -8.54
CA GLN A 901 39.45 6.20 -9.33
C GLN A 901 39.19 6.36 -10.83
N GLU A 902 37.92 6.43 -11.21
CA GLU A 902 37.56 6.72 -12.60
C GLU A 902 38.06 8.11 -13.01
N ALA A 903 37.92 9.07 -12.10
CA ALA A 903 38.41 10.43 -12.37
C ALA A 903 39.93 10.44 -12.47
N GLN A 904 40.60 9.64 -11.62
CA GLN A 904 42.06 9.54 -11.68
C GLN A 904 42.55 8.99 -13.00
N ALA A 905 41.80 8.07 -13.60
CA ALA A 905 42.16 7.53 -14.90
C ALA A 905 42.12 8.63 -15.96
N ILE A 906 41.12 9.50 -15.89
CA ILE A 906 41.08 10.65 -16.79
C ILE A 906 42.29 11.54 -16.54
N THR A 907 42.54 11.84 -15.27
CA THR A 907 43.65 12.69 -14.88
C THR A 907 44.99 12.18 -15.41
N HIS A 908 45.19 10.87 -15.32
CA HIS A 908 46.46 10.27 -15.72
C HIS A 908 46.48 9.92 -17.19
N GLY A 909 45.46 10.36 -17.92
CA GLY A 909 45.43 10.20 -19.37
C GLY A 909 45.22 8.76 -19.82
N GLU A 910 44.55 7.98 -18.98
CA GLU A 910 44.35 6.57 -19.25
C GLU A 910 43.04 6.30 -19.99
N ILE A 911 42.24 7.35 -20.21
CA ILE A 911 41.01 7.23 -21.00
C ILE A 911 40.61 8.61 -21.56
N ASP A 912 39.90 8.61 -22.69
CA ASP A 912 39.45 9.82 -23.37
C ASP A 912 38.72 10.72 -22.38
N PRO A 913 39.20 11.96 -22.21
CA PRO A 913 38.58 12.85 -21.21
C PRO A 913 37.15 13.24 -21.57
N ALA A 914 36.77 13.08 -22.84
CA ALA A 914 35.44 13.46 -23.29
C ALA A 914 34.50 12.27 -23.44
N ASP A 915 35.07 11.07 -23.54
CA ASP A 915 34.31 9.84 -23.76
C ASP A 915 34.70 8.80 -22.71
N ASN A 916 33.97 8.81 -21.60
CA ASN A 916 34.27 7.92 -20.48
C ASN A 916 32.98 7.78 -19.68
N PRO A 917 32.95 6.86 -18.69
CA PRO A 917 31.66 6.65 -18.00
C PRO A 917 31.11 7.89 -17.28
N LEU A 918 31.99 8.69 -16.69
CA LEU A 918 31.58 9.91 -16.00
C LEU A 918 30.87 10.89 -16.93
N LYS A 919 31.40 11.09 -18.13
CA LYS A 919 30.81 12.03 -19.08
C LYS A 919 29.52 11.53 -19.69
N ASN A 920 29.39 10.21 -19.83
CA ASN A 920 28.26 9.62 -20.55
C ASN A 920 27.16 9.08 -19.64
N ALA A 921 27.36 9.21 -18.33
CA ALA A 921 26.37 8.75 -17.36
C ALA A 921 25.14 9.68 -17.38
N PRO A 922 23.97 9.15 -17.03
CA PRO A 922 23.70 7.76 -16.67
C PRO A 922 23.51 6.91 -17.93
N HIS A 923 23.78 5.60 -17.81
CA HIS A 923 23.73 4.70 -18.96
C HIS A 923 22.43 3.90 -18.95
N THR A 924 21.55 4.15 -19.92
CA THR A 924 20.33 3.35 -20.02
C THR A 924 20.64 1.97 -20.59
N ALA A 925 19.78 1.01 -20.26
CA ALA A 925 19.92 -0.33 -20.82
C ALA A 925 19.87 -0.27 -22.34
N GLN A 926 18.97 0.53 -22.89
CA GLN A 926 18.87 0.62 -24.34
C GLN A 926 20.15 1.15 -24.97
N SER A 927 20.80 2.12 -24.31
CA SER A 927 22.03 2.70 -24.86
C SER A 927 23.16 1.66 -24.93
N LEU A 928 23.10 0.66 -24.06
CA LEU A 928 24.14 -0.35 -23.99
C LEU A 928 23.84 -1.50 -24.93
N ILE A 929 22.55 -1.76 -25.17
CA ILE A 929 22.12 -2.97 -25.85
C ILE A 929 21.84 -2.74 -27.33
N CYS A 930 21.35 -1.55 -27.66
CA CYS A 930 20.96 -1.24 -29.02
C CYS A 930 22.03 -0.42 -29.74
N GLY A 931 22.28 -0.78 -31.01
CA GLY A 931 23.19 -0.01 -31.85
C GLY A 931 24.64 -0.39 -31.64
N GLU A 932 25.54 0.22 -32.41
CA GLU A 932 26.95 -0.11 -32.30
C GLU A 932 27.54 0.55 -31.05
N TRP A 933 28.41 -0.18 -30.35
CA TRP A 933 29.06 0.32 -29.16
C TRP A 933 30.44 0.90 -29.49
N ASN A 934 30.55 2.22 -29.47
CA ASN A 934 31.81 2.88 -29.78
C ASN A 934 32.28 3.75 -28.63
N HIS A 935 32.81 3.10 -27.58
CA HIS A 935 33.34 3.79 -26.42
C HIS A 935 34.61 3.07 -26.02
N PRO A 936 35.54 3.78 -25.36
CA PRO A 936 36.79 3.14 -24.91
C PRO A 936 36.62 2.47 -23.55
N TYR A 937 35.38 2.12 -23.21
CA TYR A 937 35.10 1.35 -22.00
C TYR A 937 33.99 0.35 -22.31
N SER A 938 33.88 -0.70 -21.51
CA SER A 938 32.91 -1.77 -21.81
C SER A 938 31.52 -1.46 -21.28
N GLN A 939 30.52 -2.10 -21.87
CA GLN A 939 29.17 -1.98 -21.35
C GLN A 939 29.08 -2.46 -19.89
N GLU A 940 29.88 -3.46 -19.53
CA GLU A 940 29.89 -3.97 -18.15
C GLU A 940 30.41 -2.92 -17.18
N GLU A 941 31.47 -2.21 -17.58
CA GLU A 941 32.01 -1.13 -16.76
C GLU A 941 30.97 -0.02 -16.59
N ALA A 942 30.15 0.17 -17.61
CA ALA A 942 29.12 1.21 -17.56
C ALA A 942 27.98 0.85 -16.61
N ALA A 943 27.41 -0.34 -16.79
CA ALA A 943 26.21 -0.74 -16.05
C ALA A 943 26.46 -1.45 -14.72
N TYR A 944 27.59 -2.16 -14.61
CA TYR A 944 27.87 -2.91 -13.38
C TYR A 944 29.22 -2.57 -12.75
N PRO A 945 29.39 -1.29 -12.36
CA PRO A 945 30.70 -0.86 -11.86
C PRO A 945 30.97 -1.31 -10.42
N ALA A 946 29.97 -1.90 -9.77
CA ALA A 946 30.13 -2.38 -8.40
C ALA A 946 29.38 -3.68 -8.22
N PRO A 947 29.85 -4.54 -7.31
CA PRO A 947 29.27 -5.89 -7.25
C PRO A 947 27.79 -5.95 -6.86
N TRP A 948 27.33 -5.00 -6.04
CA TRP A 948 25.93 -5.01 -5.64
C TRP A 948 24.98 -4.78 -6.83
N THR A 949 25.48 -4.17 -7.91
CA THR A 949 24.60 -3.92 -9.06
C THR A 949 24.28 -5.21 -9.80
N LYS A 950 25.09 -6.23 -9.58
CA LYS A 950 24.83 -7.55 -10.19
C LYS A 950 23.87 -8.37 -9.35
N GLN A 951 23.56 -7.88 -8.17
CA GLN A 951 22.55 -8.50 -7.32
C GLN A 951 21.20 -7.84 -7.55
N PHE A 952 21.21 -6.52 -7.63
CA PHE A 952 20.00 -5.78 -7.96
C PHE A 952 20.41 -4.56 -8.75
N LYS A 953 19.84 -4.41 -9.94
CA LYS A 953 20.21 -3.28 -10.83
C LYS A 953 19.05 -2.30 -10.95
N PHE A 954 19.29 -1.06 -10.55
CA PHE A 954 18.33 0.00 -10.84
C PHE A 954 18.69 0.66 -12.17
N TRP A 955 17.76 0.65 -13.11
CA TRP A 955 18.02 1.19 -14.43
C TRP A 955 17.58 2.65 -14.55
N PRO A 956 18.52 3.54 -14.91
CA PRO A 956 18.16 4.92 -15.27
C PRO A 956 17.24 4.88 -16.49
N ALA A 957 16.12 5.61 -16.46
CA ALA A 957 15.13 5.50 -17.53
C ALA A 957 15.49 6.30 -18.77
N VAL A 958 16.29 7.35 -18.59
CA VAL A 958 16.70 8.19 -19.70
C VAL A 958 18.17 8.54 -19.56
N GLY A 959 18.80 8.97 -20.65
CA GLY A 959 20.16 9.45 -20.63
C GLY A 959 20.24 10.84 -20.06
N ARG A 960 21.44 11.44 -20.06
CA ARG A 960 21.60 12.74 -19.43
C ARG A 960 20.74 13.79 -20.11
N ILE A 961 20.03 14.55 -19.30
CA ILE A 961 19.09 15.54 -19.80
C ILE A 961 19.75 16.87 -20.13
N ASN A 962 19.45 17.39 -21.31
CA ASN A 962 19.93 18.70 -21.76
C ASN A 962 19.17 19.80 -21.03
N ASN A 963 19.82 20.48 -20.10
CA ASN A 963 19.16 21.50 -19.30
C ASN A 963 18.93 22.81 -20.06
N THR A 964 19.96 23.30 -20.76
CA THR A 964 19.84 24.58 -21.46
C THR A 964 18.77 24.54 -22.55
N TYR A 965 18.66 23.40 -23.24
CA TYR A 965 17.69 23.26 -24.31
C TYR A 965 16.27 23.38 -23.76
N GLY A 966 16.06 22.83 -22.57
CA GLY A 966 14.75 22.85 -21.95
C GLY A 966 14.32 24.24 -21.54
N ASP A 967 15.26 25.06 -21.08
CA ASP A 967 14.94 26.42 -20.63
C ASP A 967 14.75 27.34 -21.83
N ARG A 968 15.45 27.04 -22.93
CA ARG A 968 15.34 27.83 -24.14
C ARG A 968 13.97 27.68 -24.79
N HIS A 969 13.49 26.43 -24.82
CA HIS A 969 12.21 26.10 -25.43
C HIS A 969 11.28 25.54 -24.37
N LEU A 970 10.67 26.41 -23.57
CA LEU A 970 9.85 25.97 -22.45
C LEU A 970 8.55 25.32 -22.91
N VAL A 971 8.39 24.02 -22.61
CA VAL A 971 7.19 23.29 -22.97
C VAL A 971 6.71 22.63 -21.69
N CYS A 972 5.52 23.03 -21.21
CA CYS A 972 5.09 22.61 -19.87
CA CYS A 972 5.06 22.62 -19.87
C CYS A 972 3.79 21.80 -19.85
N SER A 973 3.41 21.21 -20.98
CA SER A 973 2.23 20.36 -20.98
C SER A 973 2.47 19.10 -21.80
N CYS A 974 1.53 18.15 -21.67
CA CYS A 974 1.60 16.86 -22.36
C CYS A 974 1.67 16.94 -23.88
N GLU A 975 1.28 18.07 -24.45
CA GLU A 975 1.39 18.24 -25.91
C GLU A 975 2.84 18.08 -26.39
N GLY A 976 3.79 18.45 -25.54
CA GLY A 976 5.19 18.37 -25.91
C GLY A 976 5.79 16.99 -25.70
N MET A 977 5.17 16.20 -24.83
CA MET A 977 5.70 14.87 -24.51
C MET A 977 4.68 13.77 -24.83
N ALA B 15 -41.21 2.48 -0.94
CA ALA B 15 -42.15 3.56 -1.24
C ALA B 15 -41.39 4.86 -1.48
N ILE B 16 -40.78 5.38 -0.43
CA ILE B 16 -39.91 6.55 -0.51
C ILE B 16 -38.58 6.16 -1.16
N ALA B 17 -38.13 4.94 -0.88
CA ALA B 17 -36.89 4.41 -1.42
C ALA B 17 -36.99 4.17 -2.93
N VAL B 18 -38.15 3.68 -3.36
CA VAL B 18 -38.40 3.43 -4.78
C VAL B 18 -38.38 4.76 -5.53
N ASP B 19 -38.88 5.80 -4.89
CA ASP B 19 -38.93 7.12 -5.50
C ASP B 19 -37.54 7.72 -5.66
N LEU B 20 -36.66 7.43 -4.70
CA LEU B 20 -35.28 7.93 -4.77
C LEU B 20 -34.50 7.25 -5.90
N THR B 21 -34.77 5.97 -6.13
CA THR B 21 -34.10 5.23 -7.18
C THR B 21 -34.48 5.78 -8.56
N LYS B 22 -35.76 6.07 -8.74
CA LYS B 22 -36.23 6.72 -9.96
C LYS B 22 -35.45 8.01 -10.22
N LEU B 23 -35.40 8.86 -9.20
CA LEU B 23 -34.74 10.16 -9.28
C LEU B 23 -33.24 10.02 -9.57
N GLU B 24 -32.60 9.09 -8.87
CA GLU B 24 -31.16 8.86 -9.05
C GLU B 24 -30.85 8.49 -10.50
N GLU B 25 -31.72 7.67 -11.10
CA GLU B 25 -31.50 7.22 -12.48
C GLU B 25 -31.60 8.35 -13.50
N LYS B 26 -32.10 9.51 -13.06
CA LYS B 26 -32.20 10.68 -13.93
C LYS B 26 -30.90 11.48 -13.99
N LEU B 27 -30.05 11.28 -12.99
CA LEU B 27 -28.81 12.05 -12.83
C LEU B 27 -27.76 11.68 -13.88
N ALA B 28 -26.80 12.57 -14.10
CA ALA B 28 -25.65 12.25 -14.94
C ALA B 28 -25.01 10.97 -14.42
N PRO B 29 -24.51 10.13 -15.33
CA PRO B 29 -23.96 8.82 -14.93
C PRO B 29 -22.79 8.96 -13.95
N ALA B 30 -22.81 8.17 -12.89
CA ALA B 30 -21.72 8.18 -11.91
C ALA B 30 -20.69 7.10 -12.24
N ASP B 31 -19.53 7.16 -11.57
CA ASP B 31 -18.47 6.17 -11.73
C ASP B 31 -19.05 4.78 -11.49
N SER B 32 -18.99 3.93 -12.51
CA SER B 32 -19.53 2.58 -12.40
C SER B 32 -18.39 1.60 -12.27
N PHE B 33 -18.42 0.75 -11.24
CA PHE B 33 -17.30 -0.17 -11.03
C PHE B 33 -17.09 -1.10 -12.23
N LEU B 34 -18.20 -1.46 -12.89
CA LEU B 34 -18.11 -2.34 -14.07
C LEU B 34 -17.11 -1.79 -15.08
N ASP B 35 -17.12 -0.46 -15.26
CA ASP B 35 -16.23 0.15 -16.25
C ASP B 35 -14.78 0.16 -15.81
N ARG B 36 -14.52 -0.05 -14.52
CA ARG B 36 -13.15 -0.19 -14.04
C ARG B 36 -12.70 -1.65 -14.08
N HIS B 37 -13.65 -2.56 -13.90
CA HIS B 37 -13.36 -3.99 -13.87
C HIS B 37 -13.09 -4.53 -15.29
N LEU B 38 -13.91 -4.13 -16.24
CA LEU B 38 -13.70 -4.53 -17.63
C LEU B 38 -12.48 -3.86 -18.21
N GLY B 39 -11.75 -4.59 -19.06
CA GLY B 39 -10.68 -4.01 -19.84
C GLY B 39 -11.20 -3.28 -21.05
N PRO B 40 -11.86 -4.00 -21.97
CA PRO B 40 -12.35 -3.37 -23.19
C PRO B 40 -13.62 -2.55 -22.93
N GLY B 41 -13.62 -1.26 -23.29
CA GLY B 41 -14.83 -0.48 -23.25
C GLY B 41 -15.69 -0.77 -24.48
N GLU B 42 -16.79 -0.02 -24.65
CA GLU B 42 -17.72 -0.33 -25.73
C GLU B 42 -17.09 -0.22 -27.12
N THR B 43 -16.22 0.77 -27.31
CA THR B 43 -15.56 0.96 -28.59
C THR B 43 -14.65 -0.22 -28.93
N GLU B 44 -13.86 -0.62 -27.93
CA GLU B 44 -12.95 -1.74 -28.09
C GLU B 44 -13.73 -3.04 -28.31
N GLN B 45 -14.82 -3.23 -27.57
CA GLN B 45 -15.70 -4.40 -27.78
C GLN B 45 -16.22 -4.47 -29.21
N ARG B 46 -16.69 -3.35 -29.74
CA ARG B 46 -17.20 -3.32 -31.12
C ARG B 46 -16.12 -3.69 -32.13
N GLN B 47 -14.89 -3.23 -31.89
CA GLN B 47 -13.77 -3.55 -32.77
C GLN B 47 -13.51 -5.04 -32.75
N MET B 48 -13.47 -5.62 -31.56
CA MET B 48 -13.26 -7.06 -31.40
C MET B 48 -14.38 -7.84 -32.09
N LEU B 49 -15.62 -7.42 -31.88
CA LEU B 49 -16.76 -8.10 -32.49
C LEU B 49 -16.66 -8.09 -34.01
N GLN B 50 -16.24 -6.97 -34.57
CA GLN B 50 -16.16 -6.89 -36.03
C GLN B 50 -15.12 -7.87 -36.59
N THR B 51 -14.03 -8.09 -35.86
CA THR B 51 -13.05 -9.07 -36.34
C THR B 51 -13.64 -10.48 -36.30
N LEU B 52 -14.64 -10.68 -35.44
CA LEU B 52 -15.28 -11.98 -35.27
C LEU B 52 -16.51 -12.17 -36.17
N GLY B 53 -16.93 -11.09 -36.83
CA GLY B 53 -18.04 -11.17 -37.76
C GLY B 53 -19.39 -11.09 -37.08
N PHE B 54 -19.43 -10.46 -35.91
CA PHE B 54 -20.68 -10.18 -35.22
C PHE B 54 -20.83 -8.68 -34.97
N ASP B 55 -22.07 -8.19 -35.00
CA ASP B 55 -22.32 -6.78 -34.73
C ASP B 55 -22.42 -6.49 -33.24
N THR B 56 -22.98 -7.43 -32.47
CA THR B 56 -23.17 -7.20 -31.04
C THR B 56 -22.73 -8.38 -30.19
N LEU B 57 -22.36 -8.08 -28.95
CA LEU B 57 -21.95 -9.11 -28.01
C LEU B 57 -23.11 -10.05 -27.68
N GLY B 58 -24.31 -9.50 -27.53
CA GLY B 58 -25.47 -10.34 -27.25
C GLY B 58 -25.69 -11.38 -28.34
N ASP B 59 -25.54 -10.97 -29.58
CA ASP B 59 -25.72 -11.87 -30.69
C ASP B 59 -24.64 -12.96 -30.71
N LEU B 60 -23.40 -12.59 -30.37
CA LEU B 60 -22.31 -13.57 -30.31
C LEU B 60 -22.58 -14.58 -29.21
N ILE B 61 -23.00 -14.09 -28.05
CA ILE B 61 -23.23 -14.96 -26.90
C ILE B 61 -24.35 -15.96 -27.18
N ASP B 62 -25.36 -15.53 -27.94
CA ASP B 62 -26.44 -16.44 -28.32
C ASP B 62 -25.92 -17.62 -29.14
N GLN B 63 -24.80 -17.43 -29.84
CA GLN B 63 -24.22 -18.51 -30.63
C GLN B 63 -23.22 -19.31 -29.81
N ALA B 64 -22.63 -18.70 -28.78
CA ALA B 64 -21.62 -19.39 -27.96
C ALA B 64 -22.26 -20.37 -26.98
N VAL B 65 -23.35 -19.96 -26.36
CA VAL B 65 -23.99 -20.73 -25.31
C VAL B 65 -25.16 -21.52 -25.87
N PRO B 66 -25.18 -22.86 -25.64
CA PRO B 66 -26.28 -23.69 -26.12
C PRO B 66 -27.62 -23.21 -25.57
N PRO B 67 -28.59 -22.96 -26.47
CA PRO B 67 -29.87 -22.39 -26.06
C PRO B 67 -30.57 -23.19 -24.97
N ALA B 68 -30.43 -24.51 -24.99
CA ALA B 68 -31.13 -25.37 -24.03
C ALA B 68 -30.72 -25.12 -22.58
N ILE B 69 -29.51 -24.61 -22.37
CA ILE B 69 -29.03 -24.36 -21.02
C ILE B 69 -28.93 -22.87 -20.68
N ARG B 70 -29.35 -22.01 -21.61
CA ARG B 70 -29.26 -20.58 -21.40
C ARG B 70 -30.22 -20.11 -20.31
N PHE B 71 -29.69 -19.49 -19.26
CA PHE B 71 -30.49 -18.91 -18.19
C PHE B 71 -31.40 -17.85 -18.78
N PRO B 72 -32.73 -18.03 -18.66
CA PRO B 72 -33.70 -17.23 -19.41
C PRO B 72 -34.13 -15.91 -18.77
N ARG B 73 -33.39 -15.43 -17.76
CA ARG B 73 -33.76 -14.18 -17.10
C ARG B 73 -32.57 -13.52 -16.46
N SER B 74 -32.77 -12.36 -15.84
CA SER B 74 -31.71 -11.66 -15.14
C SER B 74 -31.50 -12.31 -13.79
N LEU B 75 -30.26 -12.27 -13.31
CA LEU B 75 -29.96 -12.71 -11.96
C LEU B 75 -30.71 -11.83 -10.95
N GLN B 76 -31.27 -12.47 -9.93
CA GLN B 76 -31.98 -11.77 -8.87
C GLN B 76 -30.98 -11.40 -7.77
N LEU B 77 -30.29 -10.27 -7.97
CA LEU B 77 -29.24 -9.77 -7.08
C LEU B 77 -29.44 -8.27 -6.90
N PRO B 78 -28.94 -7.71 -5.78
CA PRO B 78 -29.06 -6.27 -5.51
C PRO B 78 -28.44 -5.42 -6.62
N ALA B 79 -29.07 -4.29 -6.93
CA ALA B 79 -28.53 -3.37 -7.94
C ALA B 79 -27.12 -2.96 -7.56
N SER B 80 -26.29 -2.73 -8.58
CA SER B 80 -24.88 -2.42 -8.35
C SER B 80 -24.72 -1.17 -7.50
N GLN B 81 -23.67 -1.16 -6.69
CA GLN B 81 -23.30 0.03 -5.91
C GLN B 81 -21.96 0.52 -6.39
N SER B 82 -21.69 1.82 -6.21
CA SER B 82 -20.37 2.35 -6.50
C SER B 82 -19.35 1.76 -5.53
N GLU B 83 -18.06 1.94 -5.84
CA GLU B 83 -17.02 1.52 -4.90
C GLU B 83 -17.25 2.17 -3.55
N TYR B 84 -17.50 3.47 -3.55
CA TYR B 84 -17.71 4.24 -2.32
C TYR B 84 -18.92 3.74 -1.55
N GLY B 85 -20.02 3.51 -2.26
CA GLY B 85 -21.25 3.05 -1.62
C GLY B 85 -21.14 1.62 -1.08
N ALA B 86 -20.48 0.74 -1.82
CA ALA B 86 -20.31 -0.64 -1.35
C ALA B 86 -19.39 -0.71 -0.14
N ILE B 87 -18.31 0.06 -0.15
CA ILE B 87 -17.43 0.15 1.02
C ILE B 87 -18.24 0.64 2.23
N ALA B 88 -19.05 1.67 2.02
CA ALA B 88 -19.85 2.19 3.13
C ALA B 88 -20.83 1.14 3.66
N GLN B 89 -21.44 0.37 2.75
CA GLN B 89 -22.40 -0.65 3.17
C GLN B 89 -21.67 -1.73 3.97
N LEU B 90 -20.52 -2.16 3.48
CA LEU B 90 -19.80 -3.24 4.17
C LEU B 90 -19.25 -2.72 5.49
N LYS B 91 -18.86 -1.45 5.52
CA LYS B 91 -18.40 -0.87 6.79
C LYS B 91 -19.48 -0.92 7.86
N SER B 92 -20.73 -0.65 7.47
CA SER B 92 -21.82 -0.70 8.43
C SER B 92 -22.05 -2.13 8.92
N ILE B 93 -21.90 -3.10 8.02
CA ILE B 93 -21.99 -4.50 8.43
C ILE B 93 -20.83 -4.87 9.37
N ALA B 94 -19.63 -4.47 9.02
CA ALA B 94 -18.45 -4.80 9.79
C ALA B 94 -18.53 -4.24 11.21
N SER B 95 -19.18 -3.08 11.34
CA SER B 95 -19.28 -2.42 12.63
C SER B 95 -20.10 -3.24 13.62
N LYS B 96 -20.82 -4.24 13.11
CA LYS B 96 -21.63 -5.09 13.98
C LYS B 96 -20.79 -6.18 14.65
N ASN B 97 -19.62 -6.45 14.10
CA ASN B 97 -18.68 -7.35 14.78
C ASN B 97 -18.06 -6.64 15.99
N GLN B 98 -17.64 -7.39 17.00
CA GLN B 98 -16.95 -6.79 18.14
C GLN B 98 -15.54 -7.37 18.25
N VAL B 99 -14.55 -6.50 18.35
CA VAL B 99 -13.17 -6.95 18.46
C VAL B 99 -12.81 -7.10 19.94
N PHE B 100 -12.81 -8.34 20.42
CA PHE B 100 -12.44 -8.61 21.81
C PHE B 100 -10.97 -8.96 21.88
N ARG B 101 -10.45 -8.99 23.11
CA ARG B 101 -9.19 -9.65 23.37
C ARG B 101 -9.55 -11.11 23.60
N SER B 102 -9.33 -11.96 22.59
CA SER B 102 -9.68 -13.36 22.74
C SER B 102 -8.46 -14.13 23.21
N TYR B 103 -8.59 -14.79 24.35
CA TYR B 103 -7.55 -15.67 24.88
C TYR B 103 -8.07 -17.10 24.78
N ILE B 104 -8.85 -17.37 23.74
CA ILE B 104 -9.50 -18.67 23.53
C ILE B 104 -8.50 -19.74 23.14
N GLY B 105 -7.49 -19.38 22.37
CA GLY B 105 -6.49 -20.37 21.99
C GLY B 105 -7.06 -21.31 20.95
N MET B 106 -6.93 -22.61 21.19
CA MET B 106 -7.44 -23.63 20.28
C MET B 106 -6.89 -23.48 18.87
N GLY B 107 -5.63 -23.06 18.73
CA GLY B 107 -5.00 -23.03 17.42
C GLY B 107 -4.98 -21.68 16.72
N TYR B 108 -5.51 -20.65 17.37
CA TYR B 108 -5.52 -19.29 16.82
C TYR B 108 -5.19 -18.34 17.95
N TYR B 109 -4.18 -17.49 17.73
CA TYR B 109 -3.64 -16.61 18.80
C TYR B 109 -3.37 -15.27 18.16
N ASP B 110 -3.86 -14.19 18.77
CA ASP B 110 -3.65 -12.87 18.18
C ASP B 110 -2.16 -12.63 18.05
N THR B 111 -1.77 -11.82 17.09
CA THR B 111 -0.36 -11.65 16.77
C THR B 111 -0.21 -10.28 16.15
N ILE B 112 0.99 -9.74 16.20
CA ILE B 112 1.21 -8.41 15.65
C ILE B 112 1.82 -8.56 14.28
N THR B 113 1.07 -8.18 13.25
CA THR B 113 1.60 -8.14 11.90
C THR B 113 2.45 -6.87 11.82
N PRO B 114 3.76 -7.02 11.56
CA PRO B 114 4.57 -5.80 11.45
C PRO B 114 4.00 -4.90 10.36
N PRO B 115 3.73 -3.63 10.70
CA PRO B 115 3.16 -2.69 9.74
C PRO B 115 3.84 -2.71 8.38
N VAL B 116 5.18 -2.79 8.35
CA VAL B 116 5.89 -2.76 7.07
C VAL B 116 5.50 -3.96 6.20
N ILE B 117 5.22 -5.10 6.83
CA ILE B 117 4.74 -6.28 6.11
C ILE B 117 3.27 -6.15 5.69
N GLN B 118 2.43 -5.63 6.58
CA GLN B 118 1.05 -5.39 6.21
C GLN B 118 0.94 -4.49 4.98
N ARG B 119 1.69 -3.39 4.97
CA ARG B 119 1.55 -2.41 3.90
C ARG B 119 2.19 -2.91 2.61
N ASN B 120 3.38 -3.50 2.70
CA ASN B 120 4.16 -3.77 1.50
C ASN B 120 4.10 -5.19 1.00
N ILE B 121 3.36 -6.05 1.70
CA ILE B 121 3.07 -7.37 1.17
C ILE B 121 1.56 -7.58 1.09
N LEU B 122 0.88 -7.58 2.23
CA LEU B 122 -0.54 -7.92 2.25
C LEU B 122 -1.41 -6.91 1.48
N GLU B 123 -0.97 -5.66 1.46
CA GLU B 123 -1.71 -4.60 0.77
C GLU B 123 -0.95 -4.13 -0.48
N ASN B 124 -0.18 -5.03 -1.07
CA ASN B 124 0.62 -4.68 -2.24
C ASN B 124 0.30 -5.65 -3.39
N PRO B 125 -0.38 -5.16 -4.44
CA PRO B 125 -0.75 -6.09 -5.52
C PRO B 125 0.44 -6.71 -6.23
N GLY B 126 1.63 -6.13 -6.07
CA GLY B 126 2.82 -6.75 -6.61
C GLY B 126 3.11 -8.09 -5.94
N TRP B 127 2.62 -8.26 -4.72
CA TRP B 127 2.79 -9.54 -4.03
C TRP B 127 1.57 -10.46 -4.11
N TYR B 128 0.36 -9.93 -4.29
CA TYR B 128 -0.80 -10.84 -4.21
C TYR B 128 -1.48 -11.18 -5.54
N THR B 129 -1.03 -10.60 -6.64
CA THR B 129 -1.75 -10.83 -7.90
C THR B 129 -1.23 -11.95 -8.80
N ALA B 130 0.03 -12.35 -8.71
CA ALA B 130 0.49 -13.47 -9.53
C ALA B 130 -0.06 -14.79 -8.97
N TYR B 131 0.17 -15.90 -9.68
CA TYR B 131 -0.33 -17.19 -9.20
C TYR B 131 0.86 -18.13 -8.93
N THR B 132 0.60 -19.43 -9.02
CA THR B 132 1.62 -20.45 -8.77
C THR B 132 2.85 -20.17 -9.63
N PRO B 133 4.04 -20.32 -9.05
CA PRO B 133 5.25 -19.98 -9.82
C PRO B 133 5.58 -21.03 -10.89
N TYR B 134 4.66 -21.26 -11.83
CA TYR B 134 4.86 -22.22 -12.93
C TYR B 134 6.02 -21.78 -13.83
N GLN B 135 6.22 -20.47 -13.92
CA GLN B 135 7.30 -19.94 -14.75
C GLN B 135 8.37 -19.38 -13.84
N ALA B 136 9.29 -20.24 -13.42
CA ALA B 136 10.18 -19.91 -12.30
C ALA B 136 11.06 -18.70 -12.53
N GLU B 137 11.47 -18.49 -13.78
CA GLU B 137 12.44 -17.44 -14.07
C GLU B 137 11.89 -16.05 -13.79
N ILE B 138 10.56 -15.92 -13.76
CA ILE B 138 9.91 -14.65 -13.46
C ILE B 138 9.13 -14.73 -12.14
N ALA B 139 9.58 -15.61 -11.25
CA ALA B 139 8.95 -15.76 -9.94
C ALA B 139 9.98 -15.99 -8.83
N GLN B 140 11.22 -15.57 -9.06
CA GLN B 140 12.29 -15.84 -8.10
C GLN B 140 12.06 -15.16 -6.75
N GLY B 141 11.28 -14.08 -6.75
CA GLY B 141 11.02 -13.34 -5.52
C GLY B 141 10.18 -14.13 -4.54
N ARG B 142 8.98 -14.53 -4.96
CA ARG B 142 8.16 -15.33 -4.05
C ARG B 142 8.75 -16.74 -3.84
N LEU B 143 9.46 -17.26 -4.84
CA LEU B 143 10.15 -18.53 -4.64
C LEU B 143 11.18 -18.45 -3.49
N GLU B 144 11.91 -17.34 -3.44
CA GLU B 144 12.87 -17.13 -2.34
C GLU B 144 12.19 -17.00 -0.98
N ALA B 145 11.10 -16.24 -0.93
CA ALA B 145 10.34 -16.10 0.31
C ALA B 145 9.84 -17.46 0.76
N LEU B 146 9.44 -18.30 -0.19
CA LEU B 146 8.97 -19.64 0.14
C LEU B 146 10.12 -20.53 0.59
N LEU B 147 11.31 -20.32 0.01
CA LEU B 147 12.48 -21.05 0.48
C LEU B 147 12.78 -20.68 1.93
N ASN B 148 12.65 -19.38 2.24
CA ASN B 148 12.84 -18.91 3.61
C ASN B 148 11.81 -19.56 4.55
N PHE B 149 10.58 -19.70 4.07
CA PHE B 149 9.51 -20.34 4.85
C PHE B 149 9.88 -21.79 5.15
N GLN B 150 10.29 -22.52 4.12
CA GLN B 150 10.71 -23.91 4.30
C GLN B 150 11.87 -24.01 5.29
N THR B 151 12.83 -23.11 5.16
CA THR B 151 14.00 -23.12 6.05
C THR B 151 13.58 -22.87 7.50
N MET B 152 12.70 -21.90 7.69
CA MET B 152 12.20 -21.57 9.02
C MET B 152 11.54 -22.79 9.65
N VAL B 153 10.70 -23.48 8.88
CA VAL B 153 9.98 -24.65 9.36
C VAL B 153 10.94 -25.80 9.68
N MET B 154 11.90 -26.05 8.79
CA MET B 154 12.89 -27.09 9.01
C MET B 154 13.69 -26.82 10.28
N ASP B 155 14.15 -25.58 10.42
CA ASP B 155 14.96 -25.19 11.58
C ASP B 155 14.19 -25.36 12.89
N LEU B 156 12.95 -24.89 12.89
CA LEU B 156 12.16 -24.94 14.13
C LEU B 156 11.72 -26.36 14.49
N THR B 157 11.34 -27.14 13.49
CA THR B 157 10.83 -28.50 13.76
C THR B 157 11.95 -29.50 13.97
N GLY B 158 13.14 -29.15 13.46
CA GLY B 158 14.27 -30.05 13.54
C GLY B 158 14.15 -31.21 12.56
N LEU B 159 13.28 -31.05 11.56
CA LEU B 159 13.09 -32.09 10.55
C LEU B 159 13.74 -31.72 9.21
N GLU B 160 13.89 -32.71 8.33
CA GLU B 160 14.82 -32.60 7.20
C GLU B 160 14.26 -31.87 5.98
N ILE B 161 12.95 -31.93 5.79
CA ILE B 161 12.33 -31.29 4.63
C ILE B 161 10.98 -30.69 5.01
N ALA B 162 10.60 -29.60 4.34
CA ALA B 162 9.32 -28.97 4.62
C ALA B 162 8.74 -28.49 3.30
N ASN B 163 7.43 -28.45 3.17
CA ASN B 163 6.86 -27.94 1.94
C ASN B 163 6.56 -26.45 1.95
N ALA B 164 5.94 -25.98 0.86
CA ALA B 164 5.66 -24.56 0.67
C ALA B 164 4.26 -24.16 1.14
N SER B 165 3.75 -24.91 2.13
CA SER B 165 2.51 -24.63 2.90
C SER B 165 1.32 -25.57 2.61
N LEU B 166 0.51 -25.80 3.63
CA LEU B 166 -0.76 -26.52 3.45
C LEU B 166 -1.87 -25.58 3.90
N LEU B 167 -3.12 -26.06 3.85
CA LEU B 167 -4.27 -25.16 3.94
C LEU B 167 -4.58 -24.68 5.36
N ASP B 168 -4.54 -25.59 6.33
CA ASP B 168 -4.74 -25.21 7.74
C ASP B 168 -4.22 -26.35 8.60
N GLU B 169 -4.24 -26.18 9.93
CA GLU B 169 -3.59 -27.16 10.79
C GLU B 169 -4.25 -28.54 10.70
N GLY B 170 -5.57 -28.58 10.76
CA GLY B 170 -6.28 -29.86 10.79
C GLY B 170 -6.10 -30.63 9.48
N THR B 171 -6.20 -29.94 8.35
CA THR B 171 -6.03 -30.67 7.10
C THR B 171 -4.57 -31.11 6.94
N ALA B 172 -3.63 -30.32 7.46
CA ALA B 172 -2.23 -30.75 7.41
C ALA B 172 -2.05 -32.03 8.20
N ALA B 173 -2.73 -32.10 9.34
CA ALA B 173 -2.69 -33.31 10.17
C ALA B 173 -3.31 -34.49 9.42
N ALA B 174 -4.40 -34.23 8.70
CA ALA B 174 -5.01 -35.27 7.89
C ALA B 174 -4.07 -35.73 6.77
N GLU B 175 -3.29 -34.81 6.22
CA GLU B 175 -2.31 -35.17 5.21
C GLU B 175 -1.22 -36.03 5.83
N ALA B 176 -0.89 -35.76 7.08
CA ALA B 176 0.07 -36.57 7.81
C ALA B 176 -0.47 -37.98 8.02
N MET B 177 -1.76 -38.08 8.34
CA MET B 177 -2.39 -39.38 8.48
C MET B 177 -2.31 -40.15 7.17
N ALA B 178 -2.63 -39.47 6.07
CA ALA B 178 -2.58 -40.11 4.74
C ALA B 178 -1.17 -40.57 4.38
N LEU B 179 -0.16 -39.73 4.64
CA LEU B 179 1.23 -40.11 4.40
C LEU B 179 1.56 -41.36 5.21
N SER B 180 1.19 -41.33 6.49
CA SER B 180 1.50 -42.45 7.39
C SER B 180 0.84 -43.75 6.91
N TYR B 181 -0.37 -43.63 6.37
CA TYR B 181 -1.10 -44.79 5.87
C TYR B 181 -0.40 -45.37 4.65
N GLY B 182 0.12 -44.49 3.79
CA GLY B 182 0.78 -44.92 2.57
C GLY B 182 2.05 -45.70 2.81
N VAL B 183 2.87 -45.25 3.76
CA VAL B 183 4.14 -45.93 4.00
C VAL B 183 4.02 -47.13 4.93
N SER B 184 2.88 -47.30 5.58
CA SER B 184 2.66 -48.47 6.42
C SER B 184 2.59 -49.75 5.60
N LYS B 185 3.31 -50.79 6.04
CA LYS B 185 3.29 -52.06 5.34
C LYS B 185 2.44 -53.09 6.09
N SER B 186 1.90 -52.69 7.23
CA SER B 186 1.07 -53.60 8.02
C SER B 186 -0.39 -53.53 7.59
N LYS B 187 -1.20 -54.39 8.17
CA LYS B 187 -2.64 -54.36 7.91
C LYS B 187 -3.34 -53.46 8.92
N ALA B 188 -2.55 -52.73 9.70
CA ALA B 188 -3.09 -51.78 10.70
C ALA B 188 -4.02 -50.76 10.03
N ASN B 189 -5.18 -50.55 10.65
CA ASN B 189 -6.20 -49.72 10.05
C ASN B 189 -6.57 -48.56 10.97
N ALA B 190 -5.90 -48.48 12.13
CA ALA B 190 -6.25 -47.45 13.12
C ALA B 190 -5.22 -46.34 13.19
N PHE B 191 -5.71 -45.13 13.43
CA PHE B 191 -4.86 -43.96 13.58
C PHE B 191 -5.21 -43.37 14.94
N PHE B 192 -4.22 -43.27 15.83
CA PHE B 192 -4.47 -42.72 17.16
C PHE B 192 -4.36 -41.20 17.16
N VAL B 193 -5.37 -40.54 17.73
CA VAL B 193 -5.37 -39.08 17.83
C VAL B 193 -5.50 -38.72 19.31
N ALA B 194 -4.50 -38.05 19.87
CA ALA B 194 -4.57 -37.67 21.28
C ALA B 194 -5.79 -36.80 21.55
N GLN B 195 -6.49 -37.04 22.64
CA GLN B 195 -7.72 -36.33 22.93
C GLN B 195 -7.47 -34.86 23.27
N ASP B 196 -6.22 -34.50 23.52
CA ASP B 196 -5.93 -33.09 23.72
C ASP B 196 -5.33 -32.41 22.49
N CYS B 197 -5.57 -32.99 21.31
CA CYS B 197 -5.42 -32.20 20.09
C CYS B 197 -6.56 -31.18 20.07
N HIS B 198 -6.39 -30.10 19.29
CA HIS B 198 -7.50 -29.15 19.16
C HIS B 198 -8.72 -29.87 18.61
N PRO B 199 -9.90 -29.56 19.15
CA PRO B 199 -11.08 -30.37 18.82
C PRO B 199 -11.45 -30.28 17.35
N GLN B 200 -11.23 -29.14 16.70
CA GLN B 200 -11.48 -29.05 15.26
C GLN B 200 -10.52 -29.94 14.45
N THR B 201 -9.29 -30.09 14.94
CA THR B 201 -8.35 -31.01 14.29
C THR B 201 -8.90 -32.42 14.34
N ILE B 202 -9.41 -32.80 15.51
CA ILE B 202 -9.95 -34.14 15.65
C ILE B 202 -11.09 -34.35 14.65
N GLU B 203 -11.98 -33.36 14.53
CA GLU B 203 -13.12 -33.53 13.64
C GLU B 203 -12.71 -33.60 12.17
N VAL B 204 -11.73 -32.78 11.77
CA VAL B 204 -11.22 -32.82 10.40
C VAL B 204 -10.63 -34.20 10.10
N ILE B 205 -9.87 -34.75 11.05
CA ILE B 205 -9.29 -36.07 10.89
C ILE B 205 -10.35 -37.15 10.78
N LYS B 206 -11.32 -37.12 11.69
CA LYS B 206 -12.41 -38.09 11.62
C LYS B 206 -13.16 -38.00 10.31
N THR B 207 -13.37 -36.78 9.83
CA THR B 207 -14.07 -36.60 8.56
C THR B 207 -13.29 -37.17 7.38
N ARG B 208 -11.97 -37.00 7.39
CA ARG B 208 -11.12 -37.59 6.34
C ARG B 208 -10.99 -39.10 6.47
N ALA B 209 -11.02 -39.61 7.70
CA ALA B 209 -10.88 -41.05 7.90
C ALA B 209 -12.11 -41.83 7.45
N ASN B 210 -13.29 -41.24 7.63
CA ASN B 210 -14.56 -41.95 7.41
C ASN B 210 -14.67 -42.65 6.04
N PRO B 211 -14.46 -41.92 4.93
CA PRO B 211 -14.70 -42.60 3.64
C PRO B 211 -13.63 -43.66 3.30
N LEU B 212 -12.53 -43.65 4.04
CA LEU B 212 -11.44 -44.59 3.81
C LEU B 212 -11.52 -45.81 4.72
N GLY B 213 -12.50 -45.83 5.62
CA GLY B 213 -12.66 -46.94 6.53
C GLY B 213 -11.58 -47.00 7.60
N ILE B 214 -10.87 -45.89 7.79
CA ILE B 214 -9.82 -45.82 8.80
C ILE B 214 -10.44 -45.61 10.18
N GLU B 215 -10.04 -46.42 11.15
CA GLU B 215 -10.53 -46.25 12.53
C GLU B 215 -9.73 -45.18 13.25
N VAL B 216 -10.41 -44.15 13.75
CA VAL B 216 -9.72 -43.12 14.52
C VAL B 216 -9.97 -43.40 15.99
N ILE B 217 -8.89 -43.60 16.73
CA ILE B 217 -9.00 -43.84 18.16
C ILE B 217 -8.60 -42.54 18.84
N VAL B 218 -9.51 -41.96 19.61
CA VAL B 218 -9.25 -40.69 20.28
C VAL B 218 -9.18 -40.92 21.79
N GLY B 219 -8.06 -40.58 22.41
CA GLY B 219 -7.89 -40.86 23.83
C GLY B 219 -6.66 -40.22 24.46
N ASP B 220 -6.49 -40.40 25.75
CA ASP B 220 -5.34 -39.87 26.47
C ASP B 220 -4.08 -40.59 25.98
N HIS B 221 -3.09 -39.83 25.53
CA HIS B 221 -1.85 -40.46 25.06
C HIS B 221 -1.16 -41.21 26.19
N HIS B 222 -1.35 -40.75 27.44
CA HIS B 222 -0.68 -41.41 28.58
C HIS B 222 -1.10 -42.86 28.76
N THR B 223 -2.36 -43.16 28.42
CA THR B 223 -2.94 -44.45 28.74
C THR B 223 -3.23 -45.30 27.49
N PHE B 224 -2.81 -44.84 26.32
CA PHE B 224 -2.99 -45.64 25.11
C PHE B 224 -2.20 -46.93 25.22
N SER B 225 -2.86 -48.05 24.97
CA SER B 225 -2.28 -49.35 25.33
C SER B 225 -1.44 -49.98 24.21
N PHE B 226 -1.63 -49.49 22.98
CA PHE B 226 -0.98 -50.04 21.79
C PHE B 226 -1.41 -51.49 21.54
N SER B 227 -2.56 -51.87 22.09
CA SER B 227 -3.12 -53.21 21.85
C SER B 227 -3.70 -53.32 20.46
N THR B 228 -4.45 -52.29 20.05
CA THR B 228 -4.98 -52.22 18.70
C THR B 228 -3.88 -51.69 17.79
N SER B 229 -3.60 -52.40 16.70
CA SER B 229 -2.56 -52.01 15.77
C SER B 229 -2.88 -50.66 15.14
N ILE B 230 -1.88 -49.76 15.16
CA ILE B 230 -2.05 -48.46 14.53
C ILE B 230 -0.97 -48.25 13.50
N PHE B 231 -1.24 -47.41 12.51
CA PHE B 231 -0.23 -47.09 11.51
C PHE B 231 0.38 -45.72 11.77
N GLY B 232 -0.26 -44.96 12.66
CA GLY B 232 0.21 -43.63 12.97
C GLY B 232 -0.46 -43.09 14.22
N ALA B 233 0.13 -42.02 14.76
CA ALA B 233 -0.44 -41.35 15.92
C ALA B 233 -0.19 -39.85 15.81
N LEU B 234 -1.16 -39.07 16.29
CA LEU B 234 -1.04 -37.61 16.28
C LEU B 234 -1.06 -37.07 17.71
N LEU B 235 -0.07 -36.25 18.05
CA LEU B 235 0.03 -35.68 19.39
C LEU B 235 0.15 -34.17 19.27
N GLN B 236 -0.38 -33.42 20.25
CA GLN B 236 -0.44 -31.95 20.16
C GLN B 236 0.58 -31.35 21.12
N TYR B 237 1.37 -30.37 20.67
CA TYR B 237 2.54 -29.90 21.42
C TYR B 237 2.71 -28.40 21.28
N PRO B 238 2.37 -27.63 22.34
CA PRO B 238 1.73 -28.06 23.59
C PRO B 238 0.29 -28.48 23.31
N ALA B 239 -0.34 -29.12 24.29
CA ALA B 239 -1.69 -29.64 24.12
C ALA B 239 -2.72 -28.52 24.03
N THR B 240 -3.96 -28.86 23.67
CA THR B 240 -4.98 -27.84 23.48
C THR B 240 -5.36 -27.15 24.79
N ASP B 241 -5.17 -27.83 25.91
CA ASP B 241 -5.44 -27.20 27.20
C ASP B 241 -4.17 -26.57 27.77
N GLY B 242 -3.09 -26.62 26.99
CA GLY B 242 -1.86 -25.92 27.34
C GLY B 242 -0.70 -26.76 27.84
N ALA B 243 -0.99 -27.99 28.26
CA ALA B 243 0.02 -28.80 28.93
C ALA B 243 1.15 -29.19 27.98
N VAL B 244 2.38 -29.07 28.47
CA VAL B 244 3.56 -29.52 27.72
C VAL B 244 4.00 -30.86 28.27
N TYR B 245 4.01 -31.87 27.40
CA TYR B 245 4.38 -33.22 27.81
C TYR B 245 5.67 -33.62 27.14
N ASP B 246 6.40 -34.53 27.79
CA ASP B 246 7.54 -35.19 27.17
C ASP B 246 7.00 -36.41 26.41
N TYR B 247 7.05 -36.35 25.08
CA TYR B 247 6.46 -37.38 24.26
C TYR B 247 7.42 -38.49 23.82
N ARG B 248 8.66 -38.47 24.32
CA ARG B 248 9.66 -39.44 23.86
C ARG B 248 9.22 -40.89 24.07
N SER B 249 8.75 -41.19 25.27
CA SER B 249 8.33 -42.54 25.60
C SER B 249 7.22 -43.05 24.68
N PHE B 250 6.21 -42.22 24.44
CA PHE B 250 5.12 -42.59 23.54
C PHE B 250 5.65 -42.86 22.14
N ILE B 251 6.48 -41.94 21.65
CA ILE B 251 7.06 -42.06 20.30
C ILE B 251 7.86 -43.35 20.16
N ASP B 252 8.63 -43.69 21.19
CA ASP B 252 9.42 -44.92 21.16
C ASP B 252 8.53 -46.15 21.06
N LYS B 253 7.46 -46.17 21.86
CA LYS B 253 6.51 -47.29 21.82
C LYS B 253 5.81 -47.37 20.47
N ALA B 254 5.40 -46.22 19.93
CA ALA B 254 4.76 -46.20 18.63
C ALA B 254 5.67 -46.78 17.55
N HIS B 255 6.95 -46.44 17.62
CA HIS B 255 7.90 -46.96 16.65
C HIS B 255 8.07 -48.47 16.79
N GLN B 256 8.05 -48.96 18.03
CA GLN B 256 8.12 -50.39 18.27
C GLN B 256 6.89 -51.10 17.68
N HIS B 257 5.81 -50.34 17.50
CA HIS B 257 4.60 -50.87 16.88
C HIS B 257 4.46 -50.44 15.42
N GLN B 258 5.59 -50.09 14.80
CA GLN B 258 5.66 -49.74 13.37
C GLN B 258 4.75 -48.58 12.95
N ALA B 259 4.54 -47.62 13.85
CA ALA B 259 3.67 -46.49 13.52
C ALA B 259 4.51 -45.23 13.41
N LEU B 260 4.12 -44.34 12.50
CA LEU B 260 4.74 -43.02 12.40
C LEU B 260 4.04 -42.06 13.36
N VAL B 261 4.81 -41.20 14.02
CA VAL B 261 4.22 -40.21 14.93
C VAL B 261 4.30 -38.81 14.35
N THR B 262 3.16 -38.11 14.34
CA THR B 262 3.09 -36.74 13.89
C THR B 262 2.87 -35.89 15.12
N LEU B 263 3.65 -34.82 15.26
CA LEU B 263 3.37 -33.80 16.27
C LEU B 263 2.76 -32.58 15.59
N ALA B 264 1.60 -32.16 16.06
CA ALA B 264 1.04 -30.87 15.68
C ALA B 264 1.67 -29.89 16.66
N ALA B 265 2.65 -29.12 16.18
CA ALA B 265 3.50 -28.36 17.10
C ALA B 265 3.43 -26.86 16.84
N ASP B 266 3.16 -26.11 17.89
CA ASP B 266 3.09 -24.65 17.80
C ASP B 266 4.52 -24.15 17.49
N PRO B 267 4.70 -23.51 16.33
CA PRO B 267 6.07 -23.18 15.90
C PRO B 267 6.71 -22.06 16.72
N LEU B 268 5.90 -21.18 17.32
CA LEU B 268 6.46 -20.18 18.21
C LEU B 268 6.97 -20.85 19.49
N SER B 269 6.22 -21.84 19.97
CA SER B 269 6.66 -22.56 21.18
C SER B 269 7.98 -23.28 20.95
N LEU B 270 8.28 -23.62 19.70
CA LEU B 270 9.51 -24.36 19.39
C LEU B 270 10.76 -23.51 19.48
N THR B 271 10.62 -22.20 19.72
CA THR B 271 11.81 -21.40 20.02
C THR B 271 12.33 -21.72 21.42
N LEU B 272 11.47 -22.31 22.25
CA LEU B 272 11.82 -22.64 23.64
C LEU B 272 11.84 -24.15 23.90
N LEU B 273 10.95 -24.90 23.26
CA LEU B 273 10.75 -26.31 23.58
C LEU B 273 11.54 -27.23 22.66
N THR B 274 12.00 -28.36 23.18
CA THR B 274 12.68 -29.37 22.37
C THR B 274 11.78 -29.73 21.20
N PRO B 275 12.31 -29.63 19.97
CA PRO B 275 11.50 -29.77 18.76
C PRO B 275 11.21 -31.21 18.37
N PRO B 276 10.16 -31.41 17.56
CA PRO B 276 9.73 -32.73 17.12
C PRO B 276 10.87 -33.62 16.58
N GLY B 277 11.76 -33.06 15.78
CA GLY B 277 12.86 -33.85 15.21
C GLY B 277 13.72 -34.48 16.29
N GLU B 278 14.01 -33.71 17.34
CA GLU B 278 14.83 -34.21 18.43
C GLU B 278 14.09 -35.17 19.35
N LEU B 279 12.76 -35.12 19.35
CA LEU B 279 11.96 -36.02 20.17
C LEU B 279 11.77 -37.39 19.48
N GLY B 280 12.10 -37.46 18.19
CA GLY B 280 11.98 -38.70 17.43
C GLY B 280 10.76 -38.75 16.55
N ALA B 281 10.02 -37.64 16.48
CA ALA B 281 8.83 -37.58 15.64
C ALA B 281 9.18 -37.74 14.18
N ASP B 282 8.26 -38.32 13.41
CA ASP B 282 8.48 -38.56 11.99
C ASP B 282 7.95 -37.44 11.11
N ILE B 283 6.91 -36.78 11.58
CA ILE B 283 6.27 -35.69 10.84
C ILE B 283 5.92 -34.58 11.84
N ALA B 284 5.99 -33.34 11.41
CA ALA B 284 5.46 -32.23 12.22
C ALA B 284 4.55 -31.38 11.35
N VAL B 285 3.41 -30.98 11.91
CA VAL B 285 2.49 -30.08 11.23
C VAL B 285 2.07 -29.00 12.22
N GLY B 286 1.45 -27.94 11.71
CA GLY B 286 0.93 -26.91 12.61
C GLY B 286 0.56 -25.68 11.79
N SER B 287 0.16 -24.62 12.47
CA SER B 287 -0.16 -23.39 11.77
C SER B 287 0.97 -22.38 11.94
N THR B 288 1.25 -21.59 10.90
CA THR B 288 2.17 -20.47 11.10
C THR B 288 1.42 -19.16 11.30
N GLN B 289 0.13 -19.25 11.63
CA GLN B 289 -0.70 -18.07 11.85
C GLN B 289 -0.09 -17.07 12.83
N ARG B 290 0.50 -17.55 13.91
CA ARG B 290 0.98 -16.58 14.89
C ARG B 290 2.36 -16.02 14.55
N PHE B 291 2.83 -16.29 13.33
CA PHE B 291 3.96 -15.55 12.79
C PHE B 291 3.43 -14.34 12.03
N GLY B 292 2.63 -13.53 12.72
CA GLY B 292 2.18 -12.25 12.17
C GLY B 292 1.05 -12.28 11.15
N ILE B 293 0.24 -13.33 11.17
CA ILE B 293 -0.88 -13.42 10.21
C ILE B 293 -2.17 -13.13 10.96
N PRO B 294 -3.02 -12.24 10.43
CA PRO B 294 -4.26 -11.90 11.15
C PRO B 294 -5.11 -13.14 11.49
N LEU B 295 -5.78 -13.11 12.64
CA LEU B 295 -6.74 -14.15 13.02
C LEU B 295 -7.71 -14.47 11.89
N GLY B 296 -8.25 -13.43 11.26
CA GLY B 296 -8.99 -13.61 10.01
C GLY B 296 -10.31 -14.35 10.16
N TYR B 297 -10.80 -14.47 11.39
CA TYR B 297 -11.99 -15.27 11.68
C TYR B 297 -11.85 -16.68 11.07
N GLY B 298 -10.62 -17.19 11.09
CA GLY B 298 -10.37 -18.53 10.60
C GLY B 298 -9.26 -18.65 9.58
N GLY B 299 -9.01 -17.58 8.83
CA GLY B 299 -7.93 -17.65 7.86
C GLY B 299 -7.99 -16.47 6.90
N PRO B 300 -7.10 -16.49 5.90
CA PRO B 300 -6.17 -17.57 5.54
C PRO B 300 -4.88 -17.57 6.36
N HIS B 301 -4.36 -18.77 6.67
CA HIS B 301 -3.06 -18.92 7.32
C HIS B 301 -2.34 -20.08 6.67
N ALA B 302 -1.02 -19.99 6.53
CA ALA B 302 -0.26 -21.13 6.00
C ALA B 302 0.02 -22.17 7.07
N ALA B 303 -0.40 -23.40 6.83
CA ALA B 303 0.01 -24.50 7.69
C ALA B 303 1.34 -25.02 7.20
N TYR B 304 2.11 -25.60 8.10
CA TYR B 304 3.37 -26.22 7.70
C TYR B 304 3.30 -27.74 7.75
N PHE B 305 4.22 -28.38 7.04
CA PHE B 305 4.31 -29.83 7.00
C PHE B 305 5.79 -30.18 6.81
N ALA B 306 6.37 -30.86 7.81
CA ALA B 306 7.78 -31.20 7.77
C ALA B 306 7.96 -32.68 8.07
N THR B 307 8.93 -33.32 7.42
CA THR B 307 9.16 -34.73 7.68
C THR B 307 10.59 -35.14 7.36
N LYS B 308 10.84 -36.44 7.37
CA LYS B 308 12.16 -36.99 7.05
C LYS B 308 12.39 -37.02 5.53
N ALA B 309 13.65 -36.89 5.11
CA ALA B 309 13.98 -36.83 3.69
C ALA B 309 13.57 -38.10 2.95
N GLU B 310 13.48 -39.20 3.69
CA GLU B 310 13.12 -40.49 3.11
C GLU B 310 11.68 -40.55 2.62
N TYR B 311 10.87 -39.59 3.05
CA TYR B 311 9.45 -39.54 2.66
C TYR B 311 9.18 -38.42 1.65
N GLN B 312 10.25 -37.86 1.09
CA GLN B 312 10.14 -36.67 0.25
C GLN B 312 9.27 -36.89 -1.01
N ARG B 313 9.28 -38.11 -1.54
CA ARG B 313 8.45 -38.40 -2.70
C ARG B 313 7.00 -38.59 -2.29
N LYS B 314 6.78 -38.72 -0.97
CA LYS B 314 5.44 -38.93 -0.43
C LYS B 314 4.83 -37.63 0.07
N MET B 315 5.64 -36.57 0.16
CA MET B 315 5.16 -35.29 0.68
C MET B 315 4.03 -34.67 -0.13
N PRO B 316 3.01 -34.13 0.56
CA PRO B 316 1.91 -33.47 -0.16
C PRO B 316 2.30 -32.04 -0.53
N GLY B 317 1.63 -31.49 -1.54
CA GLY B 317 1.81 -30.09 -1.90
C GLY B 317 3.09 -29.76 -2.65
N ARG B 318 3.42 -28.48 -2.69
CA ARG B 318 4.55 -28.01 -3.48
C ARG B 318 5.79 -27.82 -2.62
N ILE B 319 6.95 -27.96 -3.24
CA ILE B 319 8.21 -27.77 -2.54
C ILE B 319 9.13 -26.93 -3.41
N VAL B 320 9.77 -25.93 -2.80
CA VAL B 320 10.74 -25.11 -3.53
C VAL B 320 12.12 -25.74 -3.41
N GLY B 321 12.82 -25.88 -4.52
CA GLY B 321 14.16 -26.43 -4.49
C GLY B 321 15.16 -25.54 -5.18
N VAL B 322 16.41 -25.61 -4.73
CA VAL B 322 17.48 -24.83 -5.35
C VAL B 322 18.04 -25.58 -6.55
N SER B 323 18.12 -24.90 -7.68
CA SER B 323 18.74 -25.47 -8.88
C SER B 323 19.76 -24.48 -9.43
N LYS B 324 20.04 -24.56 -10.71
CA LYS B 324 20.93 -23.58 -11.34
C LYS B 324 20.39 -23.17 -12.69
N ASP B 325 20.78 -22.00 -13.18
CA ASP B 325 20.31 -21.56 -14.49
C ASP B 325 21.31 -21.88 -15.59
N ALA B 326 21.02 -21.39 -16.80
CA ALA B 326 21.85 -21.71 -17.95
C ALA B 326 23.25 -21.11 -17.84
N HIS B 327 23.41 -20.11 -16.96
CA HIS B 327 24.71 -19.47 -16.76
C HIS B 327 25.46 -20.08 -15.57
N GLY B 328 24.89 -21.10 -14.95
CA GLY B 328 25.49 -21.75 -13.80
C GLY B 328 25.18 -21.10 -12.46
N ASN B 329 24.34 -20.06 -12.48
CA ASN B 329 24.00 -19.32 -11.27
C ASN B 329 22.85 -19.96 -10.49
N PRO B 330 22.81 -19.74 -9.16
CA PRO B 330 21.75 -20.32 -8.35
C PRO B 330 20.39 -19.80 -8.77
N ALA B 331 19.39 -20.69 -8.75
CA ALA B 331 18.05 -20.28 -9.14
C ALA B 331 17.05 -21.27 -8.54
N LEU B 332 15.88 -20.76 -8.21
CA LEU B 332 14.88 -21.56 -7.51
C LEU B 332 13.78 -22.01 -8.46
N ARG B 333 13.15 -23.14 -8.13
CA ARG B 333 12.01 -23.64 -8.90
C ARG B 333 11.17 -24.57 -8.03
N LEU B 334 9.92 -24.78 -8.41
CA LEU B 334 9.12 -25.84 -7.78
C LEU B 334 9.70 -27.19 -8.17
N ALA B 335 9.88 -28.07 -7.18
CA ALA B 335 10.60 -29.32 -7.40
C ALA B 335 9.70 -30.52 -7.30
N LEU B 336 10.17 -31.64 -7.88
CA LEU B 336 9.48 -32.92 -7.82
C LEU B 336 8.01 -32.78 -8.19
N GLN B 337 7.74 -32.09 -9.29
CA GLN B 337 6.37 -31.79 -9.69
C GLN B 337 5.62 -33.00 -10.20
N SER B 350 -2.32 -36.54 -2.49
CA SER B 350 -3.27 -35.50 -2.06
C SER B 350 -3.93 -34.82 -3.24
N ASN B 351 -5.09 -34.21 -3.01
CA ASN B 351 -5.77 -33.46 -4.05
C ASN B 351 -5.39 -31.98 -4.06
N ILE B 352 -4.49 -31.58 -3.16
CA ILE B 352 -4.21 -30.16 -3.00
C ILE B 352 -3.60 -29.50 -4.25
N CYS B 353 -4.12 -28.33 -4.60
CA CYS B 353 -3.60 -27.52 -5.71
C CYS B 353 -3.24 -26.14 -5.15
N THR B 354 -4.16 -25.18 -5.25
CA THR B 354 -3.96 -23.88 -4.60
C THR B 354 -3.69 -24.12 -3.11
N ALA B 355 -2.72 -23.38 -2.57
CA ALA B 355 -2.33 -23.54 -1.18
C ALA B 355 -2.51 -22.23 -0.41
N GLN B 356 -1.45 -21.80 0.29
CA GLN B 356 -1.46 -20.55 1.08
C GLN B 356 -0.20 -19.71 0.89
N VAL B 357 0.30 -19.62 -0.35
CA VAL B 357 1.58 -18.96 -0.60
C VAL B 357 1.72 -17.54 -0.02
N LEU B 358 0.73 -16.67 -0.24
CA LEU B 358 0.87 -15.29 0.22
C LEU B 358 1.12 -15.26 1.73
N LEU B 359 0.43 -16.14 2.44
CA LEU B 359 0.52 -16.15 3.90
C LEU B 359 1.80 -16.84 4.36
N ALA B 360 2.34 -17.75 3.55
CA ALA B 360 3.64 -18.32 3.84
C ALA B 360 4.73 -17.25 3.67
N VAL B 361 4.57 -16.41 2.65
CA VAL B 361 5.51 -15.29 2.45
C VAL B 361 5.46 -14.37 3.67
N MET B 362 4.26 -14.03 4.14
CA MET B 362 4.16 -13.18 5.31
C MET B 362 4.79 -13.81 6.54
N ALA B 363 4.54 -15.10 6.75
CA ALA B 363 5.10 -15.77 7.92
C ALA B 363 6.62 -15.82 7.85
N SER B 364 7.16 -16.05 6.66
CA SER B 364 8.62 -16.09 6.52
C SER B 364 9.23 -14.70 6.70
N MET B 365 8.56 -13.66 6.21
CA MET B 365 9.06 -12.31 6.43
C MET B 365 9.01 -11.90 7.90
N TYR B 366 8.04 -12.44 8.64
CA TYR B 366 8.00 -12.24 10.09
C TYR B 366 9.25 -12.84 10.72
N GLY B 367 9.62 -14.04 10.29
CA GLY B 367 10.85 -14.65 10.75
C GLY B 367 12.10 -13.88 10.35
N VAL B 368 12.13 -13.41 9.11
CA VAL B 368 13.23 -12.55 8.65
C VAL B 368 13.33 -11.26 9.49
N TYR B 369 12.19 -10.64 9.79
CA TYR B 369 12.23 -9.33 10.46
C TYR B 369 12.57 -9.45 11.94
N HIS B 370 12.08 -10.52 12.58
CA HIS B 370 12.35 -10.71 14.00
C HIS B 370 13.67 -11.43 14.24
N GLY B 371 14.03 -12.35 13.35
CA GLY B 371 15.24 -13.13 13.53
C GLY B 371 15.06 -14.11 14.67
N SER B 372 16.08 -14.92 14.91
CA SER B 372 15.99 -15.93 15.97
C SER B 372 15.87 -15.32 17.36
N THR B 373 16.66 -14.29 17.63
CA THR B 373 16.61 -13.62 18.93
C THR B 373 15.24 -12.96 19.16
N GLY B 374 14.75 -12.26 18.15
CA GLY B 374 13.48 -11.57 18.25
C GLY B 374 12.31 -12.52 18.46
N LEU B 375 12.31 -13.64 17.72
CA LEU B 375 11.27 -14.64 17.84
C LEU B 375 11.29 -15.25 19.23
N LYS B 376 12.49 -15.57 19.70
CA LYS B 376 12.61 -16.20 21.01
C LYS B 376 12.14 -15.22 22.09
N ASN B 377 12.49 -13.94 21.94
CA ASN B 377 12.05 -12.95 22.92
C ASN B 377 10.54 -12.80 22.96
N ILE B 378 9.89 -12.91 21.79
CA ILE B 378 8.43 -12.87 21.75
C ILE B 378 7.84 -14.04 22.54
N ALA B 379 8.36 -15.24 22.30
CA ALA B 379 7.92 -16.43 23.02
C ALA B 379 8.24 -16.38 24.52
N LEU B 380 9.44 -15.91 24.87
CA LEU B 380 9.84 -15.83 26.27
C LEU B 380 8.93 -14.88 27.03
N ARG B 381 8.61 -13.76 26.40
CA ARG B 381 7.75 -12.77 27.03
C ARG B 381 6.34 -13.33 27.23
N ILE B 382 5.78 -13.97 26.21
CA ILE B 382 4.49 -14.63 26.35
C ILE B 382 4.53 -15.63 27.50
N HIS B 383 5.58 -16.44 27.54
CA HIS B 383 5.68 -17.45 28.59
C HIS B 383 5.81 -16.82 29.97
N GLN B 384 6.63 -15.76 30.10
CA GLN B 384 6.79 -15.08 31.37
C GLN B 384 5.46 -14.52 31.87
N LEU B 385 4.71 -13.90 30.97
CA LEU B 385 3.38 -13.36 31.30
C LEU B 385 2.42 -14.46 31.75
N THR B 386 2.52 -15.62 31.12
CA THR B 386 1.64 -16.73 31.47
C THR B 386 2.01 -17.28 32.85
N VAL B 387 3.30 -17.36 33.14
CA VAL B 387 3.75 -17.79 34.47
C VAL B 387 3.27 -16.80 35.54
N LEU B 388 3.46 -15.51 35.27
CA LEU B 388 2.96 -14.46 36.17
C LEU B 388 1.45 -14.60 36.40
N LEU B 389 0.73 -14.77 35.31
CA LEU B 389 -0.72 -14.96 35.38
C LEU B 389 -1.04 -16.13 36.31
N ALA B 390 -0.37 -17.25 36.11
CA ALA B 390 -0.61 -18.44 36.93
C ALA B 390 -0.31 -18.24 38.42
N ILE B 391 0.81 -17.59 38.73
CA ILE B 391 1.16 -17.32 40.12
C ILE B 391 0.07 -16.49 40.81
N GLY B 392 -0.43 -15.47 40.11
CA GLY B 392 -1.48 -14.63 40.66
C GLY B 392 -2.80 -15.38 40.85
N LEU B 393 -3.15 -16.22 39.88
CA LEU B 393 -4.35 -17.05 40.02
C LEU B 393 -4.23 -18.02 41.19
N LYS B 394 -3.03 -18.53 41.43
CA LYS B 394 -2.80 -19.38 42.60
C LYS B 394 -3.07 -18.62 43.89
N ARG B 395 -2.58 -17.37 43.94
CA ARG B 395 -2.77 -16.52 45.12
C ARG B 395 -4.26 -16.31 45.37
N LEU B 396 -5.04 -16.38 44.29
CA LEU B 396 -6.50 -16.22 44.40
C LEU B 396 -7.18 -17.55 44.66
N ASN B 397 -6.36 -18.58 44.94
CA ASN B 397 -6.82 -19.91 45.35
C ASN B 397 -7.51 -20.73 44.27
N TYR B 398 -7.13 -20.50 43.02
CA TYR B 398 -7.59 -21.34 41.92
C TYR B 398 -6.60 -22.47 41.72
N SER B 399 -7.05 -23.56 41.09
CA SER B 399 -6.14 -24.68 40.88
C SER B 399 -5.59 -24.65 39.47
N LEU B 400 -4.28 -24.84 39.33
CA LEU B 400 -3.68 -24.81 38.01
C LEU B 400 -3.19 -26.19 37.58
N ASN B 401 -3.80 -26.71 36.52
CA ASN B 401 -3.68 -28.12 36.15
C ASN B 401 -2.40 -28.48 35.41
N ASN B 402 -1.93 -27.57 34.56
CA ASN B 402 -0.74 -27.84 33.76
C ASN B 402 0.55 -27.77 34.56
N ASP B 403 1.27 -28.88 34.62
CA ASP B 403 2.60 -28.90 35.23
C ASP B 403 3.50 -27.91 34.50
N TYR B 404 3.57 -28.07 33.19
CA TYR B 404 4.33 -27.13 32.33
C TYR B 404 3.45 -26.63 31.20
N PHE B 405 3.74 -25.43 30.73
CA PHE B 405 2.93 -24.82 29.68
C PHE B 405 3.78 -23.82 28.92
N PHE B 406 3.33 -23.46 27.73
CA PHE B 406 3.95 -22.37 27.01
C PHE B 406 3.16 -21.10 27.29
N ASP B 407 1.98 -20.99 26.67
CA ASP B 407 1.20 -19.77 26.75
C ASP B 407 -0.21 -19.98 27.28
N THR B 408 -0.51 -21.20 27.69
CA THR B 408 -1.91 -21.57 27.94
C THR B 408 -2.09 -22.26 29.29
N LEU B 409 -3.03 -21.73 30.08
CA LEU B 409 -3.31 -22.24 31.41
C LEU B 409 -4.66 -22.96 31.40
N ARG B 410 -4.71 -24.04 32.17
CA ARG B 410 -5.97 -24.72 32.48
C ARG B 410 -6.28 -24.38 33.93
N VAL B 411 -7.38 -23.66 34.15
CA VAL B 411 -7.66 -23.13 35.48
C VAL B 411 -8.90 -23.74 36.10
N GLY B 412 -8.75 -24.40 37.25
CA GLY B 412 -9.88 -24.98 37.95
C GLY B 412 -10.58 -23.95 38.80
N VAL B 413 -11.83 -23.65 38.48
CA VAL B 413 -12.54 -22.60 39.20
C VAL B 413 -13.78 -23.13 39.92
N GLY B 414 -14.21 -24.33 39.55
CA GLY B 414 -15.44 -24.90 40.10
C GLY B 414 -16.63 -24.53 39.22
N GLU B 415 -17.62 -25.41 39.18
CA GLU B 415 -18.79 -25.20 38.32
C GLU B 415 -19.52 -23.89 38.64
N GLN B 416 -19.58 -23.54 39.92
CA GLN B 416 -20.33 -22.36 40.32
C GLN B 416 -19.70 -21.06 39.81
N SER B 417 -18.37 -21.00 39.83
CA SER B 417 -17.66 -19.77 39.50
C SER B 417 -17.40 -19.57 38.01
N ALA B 418 -17.29 -20.67 37.26
CA ALA B 418 -16.96 -20.59 35.83
C ALA B 418 -17.85 -19.65 34.99
N PRO B 419 -19.19 -19.73 35.14
CA PRO B 419 -20.05 -18.83 34.36
C PRO B 419 -19.83 -17.35 34.69
N ALA B 420 -19.72 -17.01 35.97
CA ALA B 420 -19.53 -15.62 36.38
C ALA B 420 -18.18 -15.05 35.91
N ILE B 421 -17.15 -15.89 35.94
CA ILE B 421 -15.83 -15.46 35.47
C ILE B 421 -15.87 -15.19 33.97
N LEU B 422 -16.46 -16.10 33.21
CA LEU B 422 -16.56 -15.92 31.75
C LEU B 422 -17.35 -14.67 31.41
N LYS B 423 -18.37 -14.37 32.19
CA LYS B 423 -19.22 -13.21 31.96
C LYS B 423 -18.50 -11.91 32.35
N ALA B 424 -17.85 -11.93 33.50
CA ALA B 424 -17.07 -10.77 33.92
C ALA B 424 -15.98 -10.46 32.90
N ALA B 425 -15.36 -11.51 32.37
CA ALA B 425 -14.37 -11.37 31.31
C ALA B 425 -14.97 -10.68 30.10
N GLU B 426 -16.15 -11.17 29.69
CA GLU B 426 -16.82 -10.60 28.54
CA GLU B 426 -16.86 -10.61 28.55
C GLU B 426 -17.17 -9.14 28.77
N GLY B 427 -17.46 -8.79 30.02
CA GLY B 427 -17.75 -7.41 30.38
C GLY B 427 -16.57 -6.48 30.12
N ARG B 428 -15.36 -7.03 30.18
CA ARG B 428 -14.16 -6.24 29.88
C ARG B 428 -13.69 -6.45 28.46
N GLY B 429 -14.52 -7.10 27.65
CA GLY B 429 -14.16 -7.34 26.27
C GLY B 429 -13.08 -8.41 26.12
N ILE B 430 -13.14 -9.43 26.98
CA ILE B 430 -12.18 -10.54 26.95
C ILE B 430 -12.93 -11.87 26.78
N ASN B 431 -12.45 -12.72 25.86
CA ASN B 431 -12.97 -14.09 25.74
C ASN B 431 -12.03 -15.11 26.31
N LEU B 432 -12.53 -15.97 27.19
CA LEU B 432 -11.75 -17.09 27.69
C LEU B 432 -12.30 -18.36 27.05
N ARG B 433 -11.62 -19.49 27.27
CA ARG B 433 -12.10 -20.74 26.71
C ARG B 433 -12.83 -21.61 27.73
N PRO B 434 -14.11 -21.90 27.48
CA PRO B 434 -14.73 -22.87 28.39
C PRO B 434 -14.21 -24.25 28.03
N LEU B 435 -13.66 -24.95 29.01
CA LEU B 435 -13.07 -26.27 28.76
C LEU B 435 -14.04 -27.38 29.09
N VAL B 436 -14.30 -27.54 30.38
CA VAL B 436 -15.30 -28.45 30.89
C VAL B 436 -15.96 -27.63 31.98
N PRO B 437 -17.14 -28.07 32.45
CA PRO B 437 -17.75 -27.34 33.56
C PRO B 437 -16.75 -27.13 34.70
N GLY B 438 -16.60 -25.89 35.15
CA GLY B 438 -15.70 -25.64 36.27
C GLY B 438 -14.24 -25.44 35.91
N GLU B 439 -13.91 -25.51 34.63
CA GLU B 439 -12.53 -25.22 34.20
C GLU B 439 -12.54 -24.25 33.04
N VAL B 440 -11.60 -23.31 33.09
CA VAL B 440 -11.51 -22.25 32.10
C VAL B 440 -10.10 -22.28 31.54
N GLY B 441 -9.97 -22.08 30.23
CA GLY B 441 -8.67 -22.02 29.60
C GLY B 441 -8.31 -20.60 29.20
N ILE B 442 -7.03 -20.26 29.32
CA ILE B 442 -6.57 -18.93 28.94
C ILE B 442 -5.29 -19.08 28.13
N SER B 443 -5.29 -18.56 26.90
CA SER B 443 -4.09 -18.57 26.06
C SER B 443 -3.59 -17.15 25.82
N LEU B 444 -2.38 -16.84 26.28
CA LEU B 444 -1.83 -15.50 26.06
C LEU B 444 -1.09 -15.46 24.73
N ASP B 445 -0.73 -14.27 24.29
CA ASP B 445 -0.16 -14.12 22.96
C ASP B 445 0.68 -12.86 22.85
N GLU B 446 1.18 -12.58 21.66
CA GLU B 446 2.11 -11.48 21.44
C GLU B 446 1.52 -10.11 21.79
N THR B 447 0.19 -10.00 21.78
CA THR B 447 -0.42 -8.70 22.03
C THR B 447 -0.55 -8.39 23.52
N VAL B 448 -0.34 -9.39 24.37
CA VAL B 448 -0.66 -9.27 25.79
C VAL B 448 0.32 -8.37 26.54
N THR B 449 -0.23 -7.49 27.37
CA THR B 449 0.56 -6.57 28.17
C THR B 449 0.31 -6.83 29.65
N VAL B 450 1.12 -6.22 30.52
CA VAL B 450 0.89 -6.36 31.95
C VAL B 450 -0.48 -5.79 32.34
N GLN B 451 -0.97 -4.81 31.57
CA GLN B 451 -2.30 -4.28 31.81
C GLN B 451 -3.41 -5.31 31.54
N ASP B 452 -3.22 -6.14 30.52
CA ASP B 452 -4.16 -7.23 30.25
C ASP B 452 -4.12 -8.26 31.38
N LEU B 453 -2.93 -8.52 31.90
CA LEU B 453 -2.75 -9.43 33.03
C LEU B 453 -3.57 -8.97 34.22
N LEU B 454 -3.52 -7.67 34.49
CA LEU B 454 -4.27 -7.09 35.59
C LEU B 454 -5.78 -7.27 35.43
N ASP B 455 -6.28 -7.05 34.22
CA ASP B 455 -7.69 -7.30 33.93
C ASP B 455 -8.05 -8.75 34.24
N LEU B 456 -7.19 -9.67 33.83
CA LEU B 456 -7.45 -11.09 34.06
C LEU B 456 -7.51 -11.45 35.55
N TRP B 457 -6.57 -10.92 36.32
CA TRP B 457 -6.55 -11.17 37.75
C TRP B 457 -7.81 -10.60 38.40
N GLN B 458 -8.20 -9.40 38.00
CA GLN B 458 -9.36 -8.76 38.60
C GLN B 458 -10.65 -9.48 38.25
N VAL B 459 -10.72 -9.98 37.01
CA VAL B 459 -11.85 -10.79 36.58
C VAL B 459 -11.94 -12.05 37.43
N PHE B 460 -10.82 -12.72 37.65
CA PHE B 460 -10.82 -13.94 38.45
C PHE B 460 -10.99 -13.66 39.94
N ALA B 461 -10.52 -12.50 40.40
CA ALA B 461 -10.65 -12.14 41.80
C ALA B 461 -12.08 -11.75 42.13
N GLY B 462 -12.80 -11.22 41.14
CA GLY B 462 -14.14 -10.73 41.35
C GLY B 462 -14.13 -9.33 41.95
N LYS B 463 -12.94 -8.76 42.03
CA LYS B 463 -12.77 -7.37 42.47
C LYS B 463 -11.43 -6.82 41.98
N ASP B 464 -11.23 -5.51 42.15
CA ASP B 464 -10.07 -4.84 41.60
C ASP B 464 -8.86 -4.79 42.54
N ASN B 465 -9.12 -4.74 43.84
CA ASN B 465 -8.04 -4.75 44.81
C ASN B 465 -7.55 -6.18 45.04
N LEU B 466 -6.34 -6.46 44.56
CA LEU B 466 -5.77 -7.79 44.62
C LEU B 466 -4.97 -7.98 45.90
N PRO B 467 -4.89 -9.23 46.39
CA PRO B 467 -4.14 -9.55 47.61
C PRO B 467 -2.64 -9.68 47.35
N PHE B 468 -2.18 -9.07 46.26
CA PHE B 468 -0.77 -9.04 45.90
C PHE B 468 -0.50 -7.87 44.96
N THR B 469 0.76 -7.46 44.88
CA THR B 469 1.16 -6.50 43.84
C THR B 469 1.76 -7.28 42.68
N PRO B 470 1.45 -6.84 41.45
CA PRO B 470 1.99 -7.42 40.22
C PRO B 470 3.51 -7.63 40.29
N GLU B 471 4.27 -6.59 40.64
CA GLU B 471 5.73 -6.69 40.65
C GLU B 471 6.25 -7.66 41.71
N GLU B 472 5.53 -7.77 42.83
CA GLU B 472 5.89 -8.70 43.91
C GLU B 472 6.01 -10.15 43.44
N LEU B 473 5.24 -10.50 42.42
CA LEU B 473 5.16 -11.87 41.93
C LEU B 473 6.38 -12.27 41.12
N TRP B 474 7.10 -11.28 40.58
CA TRP B 474 8.21 -11.58 39.68
C TRP B 474 9.28 -12.45 40.32
N SER B 475 9.52 -12.23 41.62
CA SER B 475 10.52 -12.99 42.35
C SER B 475 10.22 -14.49 42.35
N GLU B 476 8.94 -14.85 42.22
CA GLU B 476 8.53 -16.24 42.20
C GLU B 476 8.59 -16.85 40.80
N VAL B 477 8.60 -15.98 39.80
CA VAL B 477 8.53 -16.42 38.42
C VAL B 477 9.70 -17.32 38.06
N LYS B 478 9.40 -18.60 37.91
CA LYS B 478 10.34 -19.57 37.37
C LYS B 478 9.79 -19.97 36.00
N THR B 479 10.56 -19.67 34.96
CA THR B 479 10.10 -19.83 33.59
C THR B 479 10.84 -20.91 32.82
N SER B 480 11.76 -21.60 33.47
CA SER B 480 12.50 -22.63 32.77
C SER B 480 11.65 -23.89 32.66
N PHE B 481 12.03 -24.75 31.73
CA PHE B 481 11.38 -26.03 31.59
C PHE B 481 12.39 -27.07 32.07
N PRO B 482 11.94 -28.30 32.34
CA PRO B 482 12.91 -29.34 32.68
C PRO B 482 13.91 -29.50 31.52
N ALA B 483 15.07 -30.05 31.79
CA ALA B 483 16.10 -30.17 30.75
C ALA B 483 15.60 -30.99 29.57
N ASP B 484 14.78 -32.00 29.84
CA ASP B 484 14.25 -32.87 28.79
C ASP B 484 13.31 -32.12 27.82
N LEU B 485 12.86 -30.94 28.21
CA LEU B 485 11.96 -30.15 27.33
C LEU B 485 12.58 -28.83 26.91
N THR B 486 13.82 -28.57 27.35
CA THR B 486 14.48 -27.30 27.07
C THR B 486 15.33 -27.39 25.80
N ARG B 487 14.94 -26.62 24.80
CA ARG B 487 15.67 -26.62 23.54
C ARG B 487 17.08 -26.04 23.69
N GLN B 488 18.06 -26.72 23.07
CA GLN B 488 19.43 -26.23 23.00
C GLN B 488 19.87 -25.89 21.58
N SER B 489 19.26 -26.54 20.59
CA SER B 489 19.68 -26.36 19.19
C SER B 489 19.26 -24.99 18.66
N LEU B 490 20.05 -24.46 17.73
CA LEU B 490 19.79 -23.13 17.18
C LEU B 490 18.87 -23.19 15.97
N TYR B 491 18.37 -22.02 15.55
CA TYR B 491 17.45 -21.94 14.43
C TYR B 491 17.56 -20.55 13.79
N LEU B 492 17.18 -20.46 12.52
CA LEU B 492 17.21 -19.20 11.78
C LEU B 492 18.60 -18.56 11.80
N GLN B 493 19.63 -19.41 11.71
CA GLN B 493 21.00 -18.93 11.73
C GLN B 493 21.51 -18.44 10.37
N ASP B 494 20.76 -18.73 9.30
CA ASP B 494 21.17 -18.28 7.97
C ASP B 494 21.13 -16.77 7.90
N ALA B 495 22.05 -16.19 7.12
CA ALA B 495 22.19 -14.74 7.00
C ALA B 495 20.89 -14.00 6.74
N VAL B 496 20.00 -14.61 5.96
CA VAL B 496 18.77 -13.94 5.57
C VAL B 496 17.91 -13.54 6.79
N PHE B 497 18.04 -14.27 7.88
CA PHE B 497 17.26 -14.01 9.09
C PHE B 497 17.96 -13.02 10.01
N ASN B 498 19.14 -12.56 9.61
CA ASN B 498 19.88 -11.60 10.43
C ASN B 498 20.08 -10.21 9.82
N GLN B 499 19.99 -10.12 8.49
CA GLN B 499 20.50 -8.95 7.78
C GLN B 499 19.49 -7.83 7.54
N TYR B 500 18.22 -8.07 7.87
CA TYR B 500 17.17 -7.14 7.46
C TYR B 500 16.27 -6.74 8.63
N HIS B 501 16.89 -6.26 9.70
CA HIS B 501 16.13 -5.96 10.91
C HIS B 501 15.71 -4.50 11.06
N SER B 502 16.33 -3.59 10.30
CA SER B 502 15.78 -2.22 10.27
C SER B 502 14.59 -2.19 9.32
N GLU B 503 13.67 -1.25 9.52
CA GLU B 503 12.52 -1.19 8.64
C GLU B 503 12.95 -0.88 7.21
N THR B 504 13.97 -0.03 7.09
CA THR B 504 14.49 0.34 5.79
C THR B 504 15.10 -0.87 5.08
N GLU B 505 15.86 -1.67 5.82
CA GLU B 505 16.43 -2.89 5.24
C GLU B 505 15.34 -3.84 4.75
N LEU B 506 14.31 -4.06 5.56
CA LEU B 506 13.27 -5.00 5.15
C LEU B 506 12.49 -4.46 3.97
N LEU B 507 12.17 -3.17 4.00
CA LEU B 507 11.51 -2.52 2.86
C LEU B 507 12.26 -2.77 1.56
N ARG B 508 13.59 -2.64 1.61
CA ARG B 508 14.41 -2.83 0.42
C ARG B 508 14.52 -4.29 0.00
N TYR B 509 14.61 -5.19 0.97
CA TYR B 509 14.60 -6.62 0.66
C TYR B 509 13.30 -7.02 -0.03
N LEU B 510 12.17 -6.60 0.54
CA LEU B 510 10.86 -6.88 -0.05
C LEU B 510 10.78 -6.33 -1.47
N HIS B 511 11.24 -5.10 -1.63
CA HIS B 511 11.18 -4.46 -2.94
C HIS B 511 12.03 -5.18 -3.98
N GLN B 512 13.22 -5.63 -3.57
CA GLN B 512 14.08 -6.37 -4.49
C GLN B 512 13.47 -7.69 -4.92
N LEU B 513 12.89 -8.43 -3.98
CA LEU B 513 12.23 -9.69 -4.33
C LEU B 513 11.02 -9.43 -5.23
N GLU B 514 10.24 -8.42 -4.87
CA GLU B 514 9.03 -8.09 -5.63
C GLU B 514 9.38 -7.75 -7.08
N SER B 515 10.48 -7.05 -7.26
CA SER B 515 10.88 -6.57 -8.58
CA SER B 515 10.88 -6.57 -8.58
C SER B 515 11.24 -7.70 -9.53
N LYS B 516 11.58 -8.86 -8.98
CA LYS B 516 11.92 -10.04 -9.79
C LYS B 516 10.69 -10.73 -10.36
N ASP B 517 9.52 -10.42 -9.80
CA ASP B 517 8.34 -11.21 -10.12
C ASP B 517 7.39 -10.45 -11.02
N LEU B 518 6.92 -11.14 -12.06
CA LEU B 518 5.95 -10.56 -12.98
C LEU B 518 4.54 -10.85 -12.45
N ALA B 519 3.84 -9.79 -12.03
CA ALA B 519 2.49 -9.89 -11.50
C ALA B 519 1.51 -9.04 -12.33
N LEU B 520 0.25 -8.95 -11.89
CA LEU B 520 -0.76 -8.27 -12.70
C LEU B 520 -0.58 -6.76 -12.76
N ASN B 521 0.34 -6.22 -11.96
CA ASN B 521 0.65 -4.79 -12.05
C ASN B 521 1.67 -4.51 -13.15
N THR B 522 2.04 -5.55 -13.90
CA THR B 522 2.94 -5.39 -15.05
C THR B 522 2.22 -5.69 -16.37
N SER B 523 1.70 -6.90 -16.52
CA SER B 523 1.02 -7.27 -17.77
C SER B 523 0.06 -8.44 -17.58
N MET B 524 -0.75 -8.72 -18.60
CA MET B 524 -1.73 -9.80 -18.53
C MET B 524 -1.05 -11.14 -18.35
N ILE B 525 -1.61 -11.98 -17.47
CA ILE B 525 -1.12 -13.33 -17.25
C ILE B 525 -2.24 -14.28 -17.67
N PRO B 526 -2.27 -14.66 -18.96
CA PRO B 526 -3.48 -15.31 -19.47
C PRO B 526 -3.53 -16.81 -19.21
N LEU B 527 -3.39 -17.20 -17.94
CA LEU B 527 -3.36 -18.62 -17.58
C LEU B 527 -4.73 -19.27 -17.72
N GLY B 528 -4.85 -20.18 -18.69
CA GLY B 528 -6.06 -20.97 -18.83
C GLY B 528 -6.34 -21.74 -17.56
N SER B 529 -7.63 -21.86 -17.24
CA SER B 529 -8.11 -22.55 -16.03
C SER B 529 -7.83 -21.78 -14.75
N CYS B 530 -7.41 -20.52 -14.86
CA CYS B 530 -7.02 -19.78 -13.64
C CYS B 530 -7.76 -18.45 -13.44
N THR B 531 -8.33 -17.90 -14.52
CA THR B 531 -9.09 -16.66 -14.46
C THR B 531 -8.34 -15.52 -13.74
N MET B 532 -7.27 -15.06 -14.36
CA MET B 532 -6.44 -13.99 -13.79
C MET B 532 -7.06 -12.60 -14.03
N LYS B 533 -8.24 -12.39 -13.44
CA LYS B 533 -8.99 -11.14 -13.61
C LYS B 533 -8.61 -10.10 -12.54
N LEU B 534 -9.24 -8.93 -12.61
CA LEU B 534 -8.93 -7.85 -11.68
C LEU B 534 -9.21 -8.18 -10.22
N ASN B 535 -8.21 -7.98 -9.36
CA ASN B 535 -8.42 -8.03 -7.93
C ASN B 535 -8.49 -6.57 -7.48
N ALA B 536 -9.71 -6.03 -7.42
CA ALA B 536 -9.89 -4.59 -7.32
C ALA B 536 -9.52 -4.12 -5.93
N THR B 537 -8.94 -2.93 -5.85
CA THR B 537 -8.54 -2.38 -4.56
C THR B 537 -9.72 -2.34 -3.59
N ALA B 538 -10.89 -1.93 -4.07
CA ALA B 538 -12.05 -1.80 -3.18
C ALA B 538 -12.43 -3.17 -2.60
N GLU B 539 -12.20 -4.23 -3.37
CA GLU B 539 -12.52 -5.57 -2.88
C GLU B 539 -11.55 -6.00 -1.79
N MET B 540 -10.28 -5.61 -1.94
CA MET B 540 -9.21 -6.05 -1.05
C MET B 540 -9.22 -5.27 0.24
N MET B 541 -9.57 -3.99 0.17
CA MET B 541 -9.53 -3.11 1.33
C MET B 541 -10.11 -3.69 2.64
N PRO B 542 -11.32 -4.28 2.60
CA PRO B 542 -11.92 -4.66 3.88
C PRO B 542 -11.26 -5.84 4.55
N VAL B 543 -10.44 -6.61 3.81
CA VAL B 543 -9.75 -7.76 4.40
C VAL B 543 -8.95 -7.36 5.63
N THR B 544 -8.36 -6.18 5.58
CA THR B 544 -7.52 -5.72 6.69
C THR B 544 -8.19 -4.76 7.67
N TRP B 545 -9.51 -4.60 7.56
CA TRP B 545 -10.26 -3.92 8.63
C TRP B 545 -10.23 -4.83 9.85
N PRO B 546 -9.89 -4.28 11.03
CA PRO B 546 -9.83 -5.11 12.24
C PRO B 546 -11.14 -5.85 12.53
N GLU B 547 -12.26 -5.27 12.15
CA GLU B 547 -13.55 -5.91 12.43
C GLU B 547 -13.76 -7.18 11.61
N PHE B 548 -12.93 -7.36 10.58
CA PHE B 548 -12.87 -8.65 9.89
C PHE B 548 -11.60 -9.42 10.24
N GLY B 549 -10.47 -8.73 10.32
CA GLY B 549 -9.18 -9.42 10.43
C GLY B 549 -8.78 -9.87 11.83
N LYS B 550 -9.37 -9.22 12.84
CA LYS B 550 -8.90 -9.41 14.22
C LYS B 550 -9.90 -10.20 15.06
N ILE B 551 -10.72 -11.04 14.42
CA ILE B 551 -11.72 -11.83 15.14
C ILE B 551 -11.27 -13.28 15.20
N HIS B 552 -11.32 -13.88 16.40
CA HIS B 552 -10.99 -15.29 16.58
C HIS B 552 -12.14 -16.13 16.00
N PRO B 553 -11.81 -17.21 15.25
CA PRO B 553 -12.87 -18.01 14.61
C PRO B 553 -13.87 -18.64 15.57
N PHE B 554 -13.49 -18.79 16.84
CA PHE B 554 -14.39 -19.40 17.83
C PHE B 554 -14.89 -18.40 18.86
N ALA B 555 -14.84 -17.13 18.51
CA ALA B 555 -15.44 -16.09 19.33
C ALA B 555 -16.94 -16.35 19.43
N PRO B 556 -17.55 -15.97 20.56
CA PRO B 556 -18.99 -16.13 20.74
C PRO B 556 -19.79 -15.47 19.62
N ALA B 557 -20.90 -16.10 19.24
CA ALA B 557 -21.73 -15.66 18.11
C ALA B 557 -22.20 -14.21 18.27
N GLY B 558 -22.39 -13.77 19.52
CA GLY B 558 -22.85 -12.43 19.81
C GLY B 558 -21.90 -11.34 19.36
N GLN B 559 -20.67 -11.74 19.05
CA GLN B 559 -19.63 -10.77 18.65
C GLN B 559 -19.37 -10.81 17.16
N THR B 560 -20.06 -11.70 16.45
CA THR B 560 -19.74 -11.90 15.05
C THR B 560 -20.95 -11.69 14.13
N GLU B 561 -21.86 -10.81 14.53
CA GLU B 561 -23.09 -10.63 13.77
C GLU B 561 -22.82 -10.01 12.40
N GLY B 562 -21.75 -9.23 12.28
CA GLY B 562 -21.35 -8.69 10.99
C GLY B 562 -20.98 -9.81 10.02
N TYR B 563 -20.16 -10.75 10.49
CA TYR B 563 -19.84 -11.92 9.68
C TYR B 563 -21.09 -12.73 9.35
N GLN B 564 -22.02 -12.85 10.30
CA GLN B 564 -23.24 -13.59 10.03
CA GLN B 564 -23.27 -13.56 10.07
C GLN B 564 -24.01 -12.97 8.86
N ILE B 565 -24.06 -11.65 8.82
CA ILE B 565 -24.75 -10.96 7.72
C ILE B 565 -24.01 -11.19 6.41
N LEU B 566 -22.69 -11.03 6.44
CA LEU B 566 -21.84 -11.28 5.26
C LEU B 566 -22.09 -12.67 4.67
N PHE B 567 -22.06 -13.68 5.54
CA PHE B 567 -22.25 -15.05 5.09
C PHE B 567 -23.64 -15.25 4.52
N ALA B 568 -24.66 -14.74 5.20
CA ALA B 568 -26.03 -14.91 4.73
C ALA B 568 -26.22 -14.31 3.34
N GLN B 569 -25.69 -13.09 3.17
CA GLN B 569 -25.77 -12.46 1.85
C GLN B 569 -25.00 -13.26 0.79
N LEU B 570 -23.74 -13.60 1.07
CA LEU B 570 -22.94 -14.35 0.09
C LEU B 570 -23.61 -15.69 -0.27
N GLU B 571 -24.16 -16.37 0.74
CA GLU B 571 -24.88 -17.63 0.50
C GLU B 571 -26.08 -17.41 -0.42
N ALA B 572 -26.86 -16.38 -0.15
CA ALA B 572 -28.01 -16.09 -1.00
C ALA B 572 -27.56 -15.76 -2.41
N TRP B 573 -26.54 -14.91 -2.55
CA TRP B 573 -26.07 -14.49 -3.88
C TRP B 573 -25.45 -15.65 -4.67
N LEU B 574 -24.57 -16.43 -4.05
CA LEU B 574 -23.98 -17.56 -4.76
C LEU B 574 -25.04 -18.62 -5.07
N GLY B 575 -26.04 -18.73 -4.20
CA GLY B 575 -27.16 -19.62 -4.48
C GLY B 575 -27.90 -19.19 -5.74
N GLU B 576 -28.16 -17.90 -5.87
CA GLU B 576 -28.84 -17.37 -7.06
C GLU B 576 -27.99 -17.54 -8.33
N ILE B 577 -26.69 -17.31 -8.22
CA ILE B 577 -25.79 -17.47 -9.36
C ILE B 577 -25.71 -18.92 -9.85
N THR B 578 -25.65 -19.86 -8.91
CA THR B 578 -25.53 -21.27 -9.26
C THR B 578 -26.87 -21.97 -9.42
N GLY B 579 -27.91 -21.39 -8.83
CA GLY B 579 -29.22 -22.02 -8.82
C GLY B 579 -29.42 -23.04 -7.71
N PHE B 580 -28.43 -23.20 -6.82
CA PHE B 580 -28.56 -24.17 -5.73
C PHE B 580 -29.34 -23.65 -4.54
N ASP B 581 -29.86 -24.57 -3.74
CA ASP B 581 -30.73 -24.25 -2.61
C ASP B 581 -29.97 -23.94 -1.33
N ALA B 582 -28.71 -24.36 -1.28
CA ALA B 582 -27.91 -24.16 -0.07
C ALA B 582 -26.44 -24.03 -0.45
N ILE B 583 -25.71 -23.21 0.32
CA ILE B 583 -24.30 -22.97 0.06
C ILE B 583 -23.51 -23.24 1.34
N SER B 584 -22.38 -23.92 1.23
CA SER B 584 -21.45 -24.01 2.35
C SER B 584 -20.22 -23.22 2.00
N LEU B 585 -19.90 -22.24 2.85
CA LEU B 585 -18.75 -21.39 2.62
C LEU B 585 -17.48 -21.97 3.25
N GLN B 586 -17.58 -23.14 3.86
CA GLN B 586 -16.43 -23.69 4.60
C GLN B 586 -15.18 -24.09 3.80
N PRO B 587 -15.35 -24.83 2.69
CA PRO B 587 -14.12 -25.39 2.09
C PRO B 587 -13.14 -24.34 1.60
N ASN B 588 -11.86 -24.51 1.93
CA ASN B 588 -10.88 -23.43 1.76
C ASN B 588 -9.92 -23.64 0.59
N ALA B 589 -10.39 -24.37 -0.42
CA ALA B 589 -9.71 -24.46 -1.72
C ALA B 589 -10.68 -25.12 -2.69
N GLY B 590 -10.38 -25.04 -3.98
CA GLY B 590 -11.16 -25.80 -4.96
C GLY B 590 -11.13 -27.28 -4.65
N SER B 591 -9.94 -27.80 -4.34
CA SER B 591 -9.78 -29.21 -4.00
C SER B 591 -10.67 -29.60 -2.82
N GLN B 592 -10.76 -28.70 -1.85
CA GLN B 592 -11.57 -28.95 -0.67
C GLN B 592 -13.07 -28.94 -1.00
N GLY B 593 -13.46 -28.08 -1.94
CA GLY B 593 -14.83 -28.03 -2.39
C GLY B 593 -15.22 -29.33 -3.07
N GLU B 594 -14.36 -29.83 -3.96
CA GLU B 594 -14.60 -31.10 -4.63
C GLU B 594 -14.75 -32.22 -3.62
N TYR B 595 -13.84 -32.23 -2.65
CA TYR B 595 -13.83 -33.26 -1.62
C TYR B 595 -15.09 -33.20 -0.75
N ALA B 596 -15.49 -31.98 -0.38
CA ALA B 596 -16.70 -31.79 0.40
C ALA B 596 -17.92 -32.23 -0.40
N GLY B 597 -17.95 -31.88 -1.69
CA GLY B 597 -19.06 -32.26 -2.55
C GLY B 597 -19.21 -33.77 -2.68
N LEU B 598 -18.09 -34.46 -2.88
CA LEU B 598 -18.14 -35.91 -2.96
C LEU B 598 -18.52 -36.54 -1.62
N GLN B 599 -18.07 -35.94 -0.51
CA GLN B 599 -18.47 -36.46 0.81
C GLN B 599 -19.97 -36.34 1.02
N VAL B 600 -20.54 -35.23 0.59
CA VAL B 600 -21.98 -35.03 0.71
C VAL B 600 -22.75 -36.04 -0.15
N ILE B 601 -22.28 -36.30 -1.37
CA ILE B 601 -22.89 -37.32 -2.21
C ILE B 601 -22.81 -38.70 -1.56
N ARG B 602 -21.64 -39.02 -1.01
CA ARG B 602 -21.46 -40.31 -0.34
C ARG B 602 -22.43 -40.46 0.82
N GLN B 603 -22.57 -39.40 1.62
CA GLN B 603 -23.45 -39.42 2.78
C GLN B 603 -24.91 -39.57 2.33
N TYR B 604 -25.24 -38.95 1.21
CA TYR B 604 -26.58 -39.08 0.64
C TYR B 604 -26.91 -40.53 0.30
N HIS B 605 -26.00 -41.19 -0.40
CA HIS B 605 -26.26 -42.60 -0.76
C HIS B 605 -26.39 -43.45 0.50
N LEU B 606 -25.58 -43.18 1.51
CA LEU B 606 -25.66 -43.92 2.76
C LEU B 606 -27.03 -43.70 3.40
N SER B 607 -27.54 -42.47 3.33
CA SER B 607 -28.84 -42.13 3.94
C SER B 607 -30.00 -42.84 3.25
N ARG B 608 -29.77 -43.35 2.04
CA ARG B 608 -30.82 -44.09 1.35
C ARG B 608 -30.64 -45.59 1.52
N GLY B 609 -29.63 -45.99 2.27
CA GLY B 609 -29.33 -47.40 2.43
C GLY B 609 -28.63 -47.99 1.20
N GLU B 610 -27.92 -47.15 0.46
CA GLU B 610 -27.21 -47.60 -0.75
C GLU B 610 -25.68 -47.54 -0.56
N GLU B 611 -25.16 -48.39 0.33
CA GLU B 611 -23.73 -48.40 0.67
C GLU B 611 -22.81 -48.78 -0.48
N GLN B 612 -23.34 -49.55 -1.42
CA GLN B 612 -22.53 -50.10 -2.49
C GLN B 612 -22.19 -49.11 -3.60
N ARG B 613 -22.72 -47.89 -3.51
CA ARG B 613 -22.46 -46.89 -4.55
C ARG B 613 -21.15 -46.17 -4.29
N ASN B 614 -20.09 -46.61 -4.97
CA ASN B 614 -18.76 -46.04 -4.79
C ASN B 614 -18.05 -45.77 -6.11
N ILE B 615 -18.73 -45.98 -7.23
CA ILE B 615 -18.13 -45.69 -8.53
C ILE B 615 -18.25 -44.21 -8.86
N CYS B 616 -17.14 -43.58 -9.25
CA CYS B 616 -17.16 -42.20 -9.69
C CYS B 616 -16.69 -42.12 -11.14
N LEU B 617 -17.61 -41.76 -12.03
CA LEU B 617 -17.28 -41.57 -13.44
C LEU B 617 -16.56 -40.24 -13.63
N ILE B 618 -15.41 -40.25 -14.31
CA ILE B 618 -14.66 -39.02 -14.54
C ILE B 618 -14.11 -38.98 -15.96
N PRO B 619 -14.48 -37.94 -16.72
CA PRO B 619 -13.97 -37.82 -18.10
C PRO B 619 -12.45 -37.57 -18.09
N GLU B 620 -11.75 -38.16 -19.07
CA GLU B 620 -10.27 -38.10 -19.12
C GLU B 620 -9.69 -36.69 -19.15
N SER B 621 -10.50 -35.71 -19.52
CA SER B 621 -10.03 -34.34 -19.64
C SER B 621 -10.01 -33.60 -18.30
N ALA B 622 -10.55 -34.23 -17.26
CA ALA B 622 -10.76 -33.55 -15.98
C ALA B 622 -9.49 -33.04 -15.29
N HIS B 623 -9.64 -31.98 -14.50
CA HIS B 623 -8.57 -31.51 -13.62
C HIS B 623 -8.16 -32.66 -12.71
N GLY B 624 -6.85 -32.80 -12.49
CA GLY B 624 -6.33 -33.90 -11.71
C GLY B 624 -6.82 -33.91 -10.27
N THR B 625 -7.27 -32.75 -9.80
CA THR B 625 -7.85 -32.67 -8.46
C THR B 625 -9.08 -33.57 -8.35
N ASN B 626 -9.80 -33.75 -9.46
CA ASN B 626 -11.03 -34.55 -9.44
C ASN B 626 -10.83 -36.01 -9.00
N PRO B 627 -10.02 -36.78 -9.75
CA PRO B 627 -9.88 -38.18 -9.31
C PRO B 627 -9.16 -38.33 -7.97
N ALA B 628 -8.23 -37.42 -7.66
CA ALA B 628 -7.60 -37.45 -6.35
C ALA B 628 -8.64 -37.29 -5.25
N SER B 629 -9.56 -36.35 -5.44
CA SER B 629 -10.64 -36.11 -4.49
C SER B 629 -11.56 -37.33 -4.38
N ALA B 630 -11.90 -37.94 -5.51
CA ALA B 630 -12.73 -39.14 -5.51
C ALA B 630 -12.11 -40.26 -4.70
N VAL B 631 -10.82 -40.49 -4.91
CA VAL B 631 -10.12 -41.56 -4.21
C VAL B 631 -10.08 -41.29 -2.69
N MET B 632 -9.83 -40.04 -2.32
CA MET B 632 -9.86 -39.62 -0.91
C MET B 632 -11.24 -39.89 -0.32
N CYS B 633 -12.27 -39.85 -1.17
CA CYS B 633 -13.63 -40.12 -0.71
C CYS B 633 -14.03 -41.59 -0.82
N GLY B 634 -13.05 -42.48 -0.95
CA GLY B 634 -13.32 -43.90 -0.96
C GLY B 634 -14.00 -44.41 -2.24
N MET B 635 -13.97 -43.58 -3.28
CA MET B 635 -14.60 -43.96 -4.55
C MET B 635 -13.61 -44.61 -5.49
N GLN B 636 -14.12 -45.44 -6.38
CA GLN B 636 -13.29 -46.05 -7.43
C GLN B 636 -13.52 -45.27 -8.71
N VAL B 637 -12.46 -44.70 -9.26
CA VAL B 637 -12.57 -43.86 -10.45
C VAL B 637 -12.71 -44.71 -11.72
N VAL B 638 -13.73 -44.39 -12.52
CA VAL B 638 -13.91 -45.01 -13.84
C VAL B 638 -13.83 -43.93 -14.91
N PRO B 639 -12.80 -43.98 -15.76
CA PRO B 639 -12.67 -42.93 -16.77
C PRO B 639 -13.79 -43.01 -17.82
N VAL B 640 -14.20 -41.85 -18.33
CA VAL B 640 -15.13 -41.77 -19.44
C VAL B 640 -14.41 -41.14 -20.63
N LYS B 641 -14.42 -41.82 -21.77
CA LYS B 641 -13.72 -41.35 -22.96
C LYS B 641 -14.24 -39.99 -23.40
N CYS B 642 -13.35 -39.20 -24.01
CA CYS B 642 -13.79 -37.99 -24.69
C CYS B 642 -13.59 -38.21 -26.20
N ASP B 643 -14.48 -37.65 -27.01
CA ASP B 643 -14.53 -37.99 -28.44
C ASP B 643 -13.45 -37.33 -29.31
N GLY B 644 -13.64 -37.42 -30.62
CA GLY B 644 -12.71 -36.86 -31.59
C GLY B 644 -12.76 -35.34 -31.67
N GLU B 645 -13.82 -34.75 -31.12
CA GLU B 645 -13.91 -33.31 -31.04
C GLU B 645 -13.45 -32.85 -29.66
N GLY B 646 -13.01 -33.81 -28.84
CA GLY B 646 -12.54 -33.53 -27.50
C GLY B 646 -13.66 -33.47 -26.46
N ASN B 647 -14.88 -33.76 -26.88
CA ASN B 647 -16.05 -33.72 -26.00
C ASN B 647 -16.35 -35.04 -25.30
N ILE B 648 -17.09 -34.97 -24.21
CA ILE B 648 -17.55 -36.17 -23.51
C ILE B 648 -18.32 -37.10 -24.45
N ASP B 649 -17.85 -38.35 -24.53
CA ASP B 649 -18.46 -39.36 -25.38
C ASP B 649 -19.71 -39.89 -24.69
N VAL B 650 -20.89 -39.48 -25.16
CA VAL B 650 -22.16 -39.83 -24.54
C VAL B 650 -22.45 -41.34 -24.58
N GLU B 651 -22.07 -41.99 -25.68
CA GLU B 651 -22.24 -43.44 -25.78
C GLU B 651 -21.40 -44.18 -24.73
N ASP B 652 -20.16 -43.75 -24.54
CA ASP B 652 -19.27 -44.37 -23.57
C ASP B 652 -19.80 -44.12 -22.16
N LEU B 653 -20.24 -42.89 -21.89
CA LEU B 653 -20.83 -42.55 -20.60
C LEU B 653 -22.02 -43.45 -20.29
N THR B 654 -22.91 -43.61 -21.26
CA THR B 654 -24.09 -44.45 -21.10
C THR B 654 -23.73 -45.91 -20.81
N SER B 655 -22.77 -46.43 -21.56
CA SER B 655 -22.30 -47.79 -21.38
C SER B 655 -21.68 -48.02 -20.00
N LYS B 656 -20.87 -47.07 -19.54
CA LYS B 656 -20.24 -47.20 -18.22
C LYS B 656 -21.29 -47.06 -17.13
N ALA B 657 -22.20 -46.10 -17.29
CA ALA B 657 -23.29 -45.91 -16.32
C ALA B 657 -24.15 -47.17 -16.19
N GLU B 658 -24.45 -47.80 -17.33
CA GLU B 658 -25.21 -49.04 -17.35
C GLU B 658 -24.47 -50.14 -16.62
N LYS B 659 -23.19 -50.29 -16.96
CA LYS B 659 -22.34 -51.33 -16.41
C LYS B 659 -22.24 -51.22 -14.89
N TYR B 660 -22.06 -50.00 -14.41
CA TYR B 660 -21.91 -49.76 -12.98
C TYR B 660 -23.20 -49.20 -12.35
N GLY B 661 -24.34 -49.51 -12.97
CA GLY B 661 -25.63 -49.02 -12.53
C GLY B 661 -25.89 -49.17 -11.04
N ASP B 662 -25.66 -50.36 -10.52
CA ASP B 662 -25.94 -50.64 -9.11
C ASP B 662 -24.93 -50.00 -8.17
N ARG B 663 -23.79 -49.58 -8.71
CA ARG B 663 -22.68 -49.09 -7.90
C ARG B 663 -22.33 -47.62 -8.17
N LEU B 664 -23.09 -46.98 -9.06
CA LEU B 664 -22.76 -45.63 -9.50
C LEU B 664 -23.00 -44.58 -8.41
N ALA B 665 -21.93 -43.95 -7.95
CA ALA B 665 -22.06 -42.89 -6.95
C ALA B 665 -22.23 -41.53 -7.60
N ALA B 666 -21.38 -41.23 -8.58
CA ALA B 666 -21.29 -39.86 -9.08
C ALA B 666 -20.64 -39.77 -10.45
N LEU B 667 -20.91 -38.66 -11.12
CA LEU B 667 -20.12 -38.22 -12.26
C LEU B 667 -19.54 -36.90 -11.83
N MET B 668 -18.24 -36.68 -12.06
CA MET B 668 -17.65 -35.36 -11.87
C MET B 668 -17.42 -34.74 -13.24
N VAL B 669 -18.01 -33.59 -13.49
CA VAL B 669 -17.92 -32.99 -14.81
C VAL B 669 -17.51 -31.53 -14.68
N THR B 670 -16.67 -31.05 -15.60
CA THR B 670 -16.33 -29.63 -15.61
C THR B 670 -17.13 -28.99 -16.74
N TYR B 671 -17.78 -27.87 -16.46
CA TYR B 671 -18.58 -27.19 -17.48
C TYR B 671 -18.33 -25.68 -17.49
N PRO B 672 -17.99 -25.12 -18.67
CA PRO B 672 -17.63 -25.81 -19.91
C PRO B 672 -16.41 -26.68 -19.67
N SER B 673 -16.06 -27.53 -20.64
CA SER B 673 -15.04 -28.55 -20.41
C SER B 673 -13.66 -27.94 -20.15
N THR B 674 -12.73 -28.77 -19.69
CA THR B 674 -11.34 -28.33 -19.52
C THR B 674 -10.71 -27.95 -20.86
N HIS B 675 -11.39 -28.31 -21.96
CA HIS B 675 -10.98 -27.91 -23.30
C HIS B 675 -11.57 -26.57 -23.71
N GLY B 676 -12.33 -25.94 -22.82
CA GLY B 676 -12.88 -24.63 -23.05
C GLY B 676 -14.09 -24.60 -23.99
N VAL B 677 -14.88 -25.67 -23.96
CA VAL B 677 -15.98 -25.84 -24.90
C VAL B 677 -17.34 -26.01 -24.19
N PHE B 678 -18.34 -25.26 -24.66
CA PHE B 678 -19.72 -25.46 -24.20
C PHE B 678 -20.35 -26.65 -24.88
N GLU B 679 -20.32 -27.82 -24.24
CA GLU B 679 -20.94 -29.00 -24.84
C GLU B 679 -22.46 -28.87 -24.74
N ALA B 680 -23.16 -29.13 -25.84
CA ALA B 680 -24.61 -29.01 -25.87
C ALA B 680 -25.28 -30.18 -25.15
N THR B 681 -24.51 -31.21 -24.89
CA THR B 681 -25.01 -32.47 -24.35
C THR B 681 -25.11 -32.51 -22.82
N ILE B 682 -24.70 -31.44 -22.15
CA ILE B 682 -24.55 -31.50 -20.69
C ILE B 682 -25.83 -31.92 -19.96
N GLY B 683 -26.99 -31.44 -20.42
CA GLY B 683 -28.25 -31.78 -19.77
C GLY B 683 -28.56 -33.25 -19.91
N THR B 684 -28.36 -33.76 -21.14
CA THR B 684 -28.56 -35.17 -21.41
C THR B 684 -27.65 -36.03 -20.54
N ILE B 685 -26.40 -35.58 -20.42
CA ILE B 685 -25.40 -36.27 -19.63
C ILE B 685 -25.84 -36.41 -18.16
N CYS B 686 -26.35 -35.33 -17.59
CA CYS B 686 -26.89 -35.39 -16.23
C CYS B 686 -28.09 -36.33 -16.10
N ASP B 687 -28.97 -36.30 -17.10
CA ASP B 687 -30.13 -37.18 -17.08
C ASP B 687 -29.70 -38.65 -17.02
N ILE B 688 -28.67 -38.98 -17.80
CA ILE B 688 -28.19 -40.36 -17.87
C ILE B 688 -27.65 -40.81 -16.51
N VAL B 689 -26.84 -39.96 -15.88
CA VAL B 689 -26.30 -40.30 -14.57
C VAL B 689 -27.41 -40.51 -13.54
N HIS B 690 -28.39 -39.62 -13.56
CA HIS B 690 -29.53 -39.73 -12.65
C HIS B 690 -30.35 -40.99 -12.89
N ARG B 691 -30.52 -41.35 -14.17
CA ARG B 691 -31.25 -42.55 -14.57
C ARG B 691 -30.63 -43.79 -13.93
N PHE B 692 -29.32 -43.77 -13.77
CA PHE B 692 -28.64 -44.93 -13.19
C PHE B 692 -28.29 -44.76 -11.72
N GLY B 693 -28.87 -43.74 -11.09
CA GLY B 693 -28.83 -43.60 -9.64
C GLY B 693 -27.66 -42.82 -9.08
N GLY B 694 -26.88 -42.19 -9.95
CA GLY B 694 -25.77 -41.39 -9.48
C GLY B 694 -26.15 -39.94 -9.24
N GLU B 695 -25.28 -39.22 -8.52
CA GLU B 695 -25.40 -37.78 -8.38
C GLU B 695 -24.43 -37.12 -9.33
N VAL B 696 -24.70 -35.89 -9.73
CA VAL B 696 -23.78 -35.16 -10.59
C VAL B 696 -23.05 -34.06 -9.82
N TYR B 697 -21.72 -34.15 -9.79
CA TYR B 697 -20.90 -33.12 -9.20
C TYR B 697 -20.28 -32.28 -10.32
N MET B 698 -20.43 -30.96 -10.23
CA MET B 698 -19.77 -30.11 -11.21
C MET B 698 -18.61 -29.32 -10.62
N ASP B 699 -17.45 -29.51 -11.21
CA ASP B 699 -16.26 -28.71 -10.92
C ASP B 699 -16.53 -27.32 -11.51
N GLY B 700 -16.49 -26.29 -10.66
CA GLY B 700 -16.87 -24.95 -11.08
C GLY B 700 -15.72 -24.01 -11.39
N ALA B 701 -14.58 -24.56 -11.77
CA ALA B 701 -13.42 -23.72 -12.09
C ALA B 701 -13.66 -22.88 -13.33
N ASN B 702 -14.54 -23.35 -14.22
CA ASN B 702 -14.81 -22.61 -15.45
C ASN B 702 -16.07 -21.76 -15.34
N MET B 703 -16.43 -21.38 -14.11
CA MET B 703 -17.65 -20.58 -13.91
C MET B 703 -17.58 -19.18 -14.52
N ASN B 704 -16.39 -18.71 -14.87
CA ASN B 704 -16.31 -17.40 -15.52
C ASN B 704 -16.91 -17.38 -16.91
N ALA B 705 -17.21 -18.55 -17.47
CA ALA B 705 -17.95 -18.63 -18.73
C ALA B 705 -19.45 -18.77 -18.48
N GLN B 706 -19.84 -18.89 -17.22
CA GLN B 706 -21.23 -19.19 -16.89
C GLN B 706 -22.05 -18.07 -16.23
N VAL B 707 -21.43 -17.22 -15.41
CA VAL B 707 -22.21 -16.36 -14.51
C VAL B 707 -23.20 -15.48 -15.28
N GLY B 708 -24.49 -15.69 -14.99
CA GLY B 708 -25.56 -14.97 -15.64
C GLY B 708 -26.03 -15.60 -16.95
N LEU B 709 -25.27 -16.56 -17.47
CA LEU B 709 -25.59 -17.19 -18.75
C LEU B 709 -26.10 -18.61 -18.60
N CYS B 710 -25.65 -19.30 -17.56
CA CYS B 710 -26.26 -20.58 -17.24
C CYS B 710 -25.98 -20.91 -15.79
N ARG B 711 -26.76 -21.83 -15.25
CA ARG B 711 -26.70 -22.16 -13.83
C ARG B 711 -26.62 -23.67 -13.72
N PRO B 712 -25.57 -24.17 -13.06
CA PRO B 712 -25.34 -25.62 -12.91
C PRO B 712 -26.54 -26.36 -12.38
N ALA B 713 -27.19 -25.81 -11.36
CA ALA B 713 -28.36 -26.50 -10.79
C ALA B 713 -29.46 -26.67 -11.84
N ASP B 714 -29.59 -25.70 -12.74
CA ASP B 714 -30.66 -25.74 -13.74
C ASP B 714 -30.47 -26.83 -14.78
N PHE B 715 -29.24 -27.17 -15.13
CA PHE B 715 -29.09 -28.17 -16.18
C PHE B 715 -28.82 -29.61 -15.69
N GLY B 716 -28.77 -29.79 -14.38
CA GLY B 716 -28.80 -31.14 -13.83
C GLY B 716 -27.75 -31.48 -12.79
N ALA B 717 -26.89 -30.52 -12.45
CA ALA B 717 -25.91 -30.76 -11.39
C ALA B 717 -26.58 -30.82 -10.02
N ASP B 718 -26.12 -31.71 -9.14
CA ASP B 718 -26.66 -31.79 -7.78
C ASP B 718 -25.84 -31.01 -6.80
N VAL B 719 -24.57 -30.82 -7.13
CA VAL B 719 -23.63 -30.08 -6.29
C VAL B 719 -22.52 -29.54 -7.18
N CYS B 720 -22.02 -28.36 -6.84
CA CYS B 720 -20.85 -27.83 -7.53
C CYS B 720 -19.99 -27.11 -6.52
N HIS B 721 -18.73 -26.85 -6.86
CA HIS B 721 -17.97 -25.88 -6.07
C HIS B 721 -17.67 -24.69 -6.94
N LEU B 722 -17.36 -23.57 -6.29
CA LEU B 722 -16.92 -22.37 -6.99
C LEU B 722 -15.51 -22.09 -6.52
N ASN B 723 -14.64 -21.61 -7.42
CA ASN B 723 -13.34 -21.10 -6.99
C ASN B 723 -13.43 -19.60 -6.86
N LEU B 724 -13.47 -19.10 -5.63
CA LEU B 724 -13.66 -17.66 -5.45
C LEU B 724 -12.42 -16.91 -5.90
N HIS B 725 -11.28 -17.60 -5.87
CA HIS B 725 -9.99 -17.04 -6.32
C HIS B 725 -9.80 -17.13 -7.83
N THR B 727 -13.16 -17.12 -10.35
CA THR B 727 -14.28 -16.35 -10.86
C THR B 727 -14.63 -15.08 -10.07
N PHE B 728 -14.38 -15.09 -8.76
CA PHE B 728 -14.93 -14.06 -7.88
C PHE B 728 -13.89 -13.20 -7.17
N CYS B 729 -12.72 -13.07 -7.80
CA CYS B 729 -11.75 -12.00 -7.53
C CYS B 729 -10.83 -12.13 -6.31
N ILE B 730 -10.96 -13.20 -5.53
CA ILE B 730 -9.96 -13.38 -4.48
C ILE B 730 -8.61 -13.49 -5.20
N PRO B 731 -7.59 -12.78 -4.72
CA PRO B 731 -6.34 -12.74 -5.51
C PRO B 731 -5.60 -14.08 -5.51
N HIS B 732 -4.77 -14.29 -6.54
CA HIS B 732 -4.10 -15.56 -6.71
C HIS B 732 -2.96 -15.79 -5.72
N GLY B 733 -2.49 -14.71 -5.11
CA GLY B 733 -1.64 -14.80 -3.93
C GLY B 733 -0.26 -15.38 -4.14
N GLY B 734 0.10 -15.61 -5.39
CA GLY B 734 1.37 -16.25 -5.69
C GLY B 734 1.23 -17.76 -5.59
N GLY B 735 0.00 -18.25 -5.48
CA GLY B 735 -0.27 -19.67 -5.28
C GLY B 735 -1.16 -19.98 -4.08
N GLY B 736 -2.07 -19.06 -3.75
CA GLY B 736 -2.92 -19.17 -2.56
C GLY B 736 -2.97 -17.82 -1.83
N PRO B 737 -4.09 -17.48 -1.16
CA PRO B 737 -5.18 -18.35 -0.71
C PRO B 737 -6.34 -18.43 -1.67
N GLY B 738 -7.14 -19.47 -1.50
CA GLY B 738 -8.40 -19.56 -2.20
C GLY B 738 -9.54 -19.91 -1.26
N MET B 739 -10.74 -19.98 -1.83
CA MET B 739 -11.92 -20.49 -1.14
C MET B 739 -12.73 -21.26 -2.17
N GLY B 740 -13.28 -22.38 -1.75
CA GLY B 740 -14.02 -23.27 -2.65
C GLY B 740 -15.39 -23.64 -2.11
N PRO B 741 -16.28 -22.64 -2.01
CA PRO B 741 -17.61 -22.93 -1.46
C PRO B 741 -18.37 -23.90 -2.35
N ILE B 742 -19.25 -24.71 -1.76
CA ILE B 742 -20.07 -25.59 -2.56
C ILE B 742 -21.55 -25.20 -2.49
N GLY B 743 -22.26 -25.43 -3.59
CA GLY B 743 -23.70 -25.27 -3.61
C GLY B 743 -24.32 -26.64 -3.78
N VAL B 744 -25.44 -26.90 -3.11
CA VAL B 744 -26.10 -28.19 -3.25
C VAL B 744 -27.59 -28.05 -3.42
N LYS B 745 -28.21 -29.06 -4.02
CA LYS B 745 -29.66 -29.12 -4.05
C LYS B 745 -30.18 -29.49 -2.67
N SER B 746 -31.47 -29.23 -2.42
CA SER B 746 -32.07 -29.48 -1.11
C SER B 746 -31.81 -30.87 -0.54
N HIS B 747 -31.89 -31.90 -1.38
CA HIS B 747 -31.74 -33.28 -0.91
C HIS B 747 -30.35 -33.59 -0.32
N LEU B 748 -29.40 -32.68 -0.50
CA LEU B 748 -28.04 -32.84 0.01
C LEU B 748 -27.71 -31.92 1.18
N GLN B 749 -28.63 -31.00 1.47
CA GLN B 749 -28.31 -29.90 2.39
C GLN B 749 -28.03 -30.39 3.82
N ALA B 750 -28.68 -31.49 4.20
CA ALA B 750 -28.59 -31.99 5.57
C ALA B 750 -27.17 -32.44 5.90
N PHE B 751 -26.38 -32.71 4.85
CA PHE B 751 -25.07 -33.33 5.03
C PHE B 751 -23.92 -32.33 5.05
N LEU B 752 -24.22 -31.06 4.85
CA LEU B 752 -23.19 -30.02 4.75
C LEU B 752 -22.32 -29.93 6.01
N PRO B 753 -21.06 -29.50 5.84
CA PRO B 753 -20.13 -29.37 6.98
C PRO B 753 -20.68 -28.47 8.08
N ARG B 754 -20.33 -28.81 9.31
CA ARG B 754 -20.79 -28.06 10.48
C ARG B 754 -20.21 -26.65 10.52
N THR B 755 -21.04 -25.70 10.94
CA THR B 755 -20.62 -24.33 11.14
C THR B 755 -20.53 -24.03 12.64
N ASP B 767 -26.26 -35.36 13.95
CA ASP B 767 -27.06 -36.47 13.44
C ASP B 767 -26.81 -36.75 11.97
N GLN B 768 -26.44 -35.71 11.21
CA GLN B 768 -26.37 -35.85 9.76
C GLN B 768 -25.21 -35.20 9.01
N SER B 769 -24.52 -34.23 9.63
CA SER B 769 -23.43 -33.54 8.92
C SER B 769 -22.25 -34.50 8.64
N ILE B 770 -21.52 -34.26 7.55
CA ILE B 770 -20.32 -35.05 7.26
C ILE B 770 -19.21 -34.70 8.24
N GLY B 771 -19.37 -33.60 8.97
CA GLY B 771 -18.39 -33.17 9.95
C GLY B 771 -17.72 -31.86 9.56
N MET B 772 -16.39 -31.84 9.57
CA MET B 772 -15.65 -30.63 9.17
C MET B 772 -14.64 -30.91 8.06
N ILE B 773 -14.69 -30.06 7.02
CA ILE B 773 -13.78 -30.15 5.88
C ILE B 773 -12.57 -29.21 6.07
N SER B 774 -12.83 -28.02 6.61
CA SER B 774 -11.76 -27.08 6.96
C SER B 774 -11.69 -27.03 8.48
N ALA B 775 -10.56 -26.56 9.01
CA ALA B 775 -10.36 -26.43 10.45
C ALA B 775 -11.29 -25.38 11.07
N ALA B 776 -11.55 -24.30 10.33
CA ALA B 776 -12.44 -23.25 10.80
C ALA B 776 -13.80 -23.37 10.12
N PRO B 777 -14.86 -23.05 10.86
CA PRO B 777 -16.24 -23.29 10.39
C PRO B 777 -16.52 -22.56 9.08
N TYR B 778 -15.91 -21.39 8.89
CA TYR B 778 -16.08 -20.68 7.61
C TYR B 778 -14.78 -20.54 6.85
N GLY B 779 -13.87 -21.49 7.06
CA GLY B 779 -12.59 -21.52 6.37
C GLY B 779 -11.87 -20.20 6.55
N SER B 780 -11.33 -19.66 5.46
CA SER B 780 -10.64 -18.38 5.52
C SER B 780 -11.66 -17.27 5.40
N ALA B 781 -12.37 -16.99 6.48
CA ALA B 781 -13.56 -16.15 6.41
C ALA B 781 -13.25 -14.72 5.99
N SER B 782 -12.09 -14.20 6.42
CA SER B 782 -11.75 -12.80 6.16
C SER B 782 -11.65 -12.46 4.68
N ILE B 783 -11.29 -13.43 3.82
CA ILE B 783 -11.17 -13.11 2.40
C ILE B 783 -12.49 -13.26 1.65
N LEU B 784 -13.53 -13.72 2.33
CA LEU B 784 -14.85 -13.81 1.70
C LEU B 784 -15.39 -12.42 1.39
N VAL B 785 -14.89 -11.39 2.09
CA VAL B 785 -15.38 -10.03 1.83
C VAL B 785 -15.04 -9.59 0.42
N ILE B 786 -14.00 -10.17 -0.17
CA ILE B 786 -13.58 -9.80 -1.53
C ILE B 786 -14.67 -10.13 -2.54
N SER B 787 -15.18 -11.35 -2.46
CA SER B 787 -16.23 -11.77 -3.39
C SER B 787 -17.56 -11.07 -3.08
N TRP B 788 -17.81 -10.77 -1.81
CA TRP B 788 -18.98 -9.96 -1.45
C TRP B 788 -18.88 -8.60 -2.16
N MET B 789 -17.73 -7.94 -2.02
CA MET B 789 -17.54 -6.64 -2.69
C MET B 789 -17.72 -6.74 -4.20
N TYR B 790 -17.17 -7.77 -4.82
CA TYR B 790 -17.30 -7.91 -6.28
C TYR B 790 -18.76 -7.99 -6.69
N ILE B 791 -19.52 -8.86 -6.04
CA ILE B 791 -20.92 -8.99 -6.39
C ILE B 791 -21.69 -7.70 -6.10
N ALA B 792 -21.40 -7.09 -4.96
CA ALA B 792 -22.13 -5.86 -4.61
C ALA B 792 -21.87 -4.72 -5.60
N MET B 793 -20.64 -4.62 -6.11
CA MET B 793 -20.29 -3.52 -7.00
C MET B 793 -20.69 -3.79 -8.45
N MET B 794 -20.78 -5.06 -8.83
CA MET B 794 -21.13 -5.41 -10.21
C MET B 794 -22.63 -5.48 -10.46
N GLY B 795 -23.37 -6.06 -9.53
CA GLY B 795 -24.81 -6.23 -9.70
C GLY B 795 -25.09 -7.30 -10.77
N PRO B 796 -26.37 -7.59 -10.99
CA PRO B 796 -26.68 -8.72 -11.89
C PRO B 796 -26.29 -8.45 -13.34
N GLN B 797 -26.55 -7.25 -13.86
CA GLN B 797 -26.17 -6.97 -15.23
C GLN B 797 -24.65 -6.93 -15.40
N GLY B 798 -23.96 -6.35 -14.43
CA GLY B 798 -22.51 -6.25 -14.51
C GLY B 798 -21.82 -7.61 -14.43
N LEU B 799 -22.29 -8.48 -13.54
CA LEU B 799 -21.72 -9.81 -13.44
C LEU B 799 -21.89 -10.56 -14.75
N THR B 800 -23.03 -10.38 -15.39
CA THR B 800 -23.31 -11.10 -16.64
C THR B 800 -22.48 -10.51 -17.77
N LYS B 801 -22.35 -9.19 -17.79
CA LYS B 801 -21.52 -8.54 -18.81
C LYS B 801 -20.07 -9.02 -18.71
N ALA B 802 -19.59 -9.22 -17.48
CA ALA B 802 -18.23 -9.71 -17.27
C ALA B 802 -18.03 -11.06 -17.94
N THR B 803 -18.96 -11.97 -17.71
CA THR B 803 -18.90 -13.28 -18.35
C THR B 803 -18.87 -13.14 -19.86
N GLU B 804 -19.73 -12.28 -20.38
CA GLU B 804 -19.86 -12.12 -21.82
C GLU B 804 -18.57 -11.56 -22.43
N VAL B 805 -17.96 -10.58 -21.76
CA VAL B 805 -16.72 -10.00 -22.27
C VAL B 805 -15.54 -10.99 -22.17
N ALA B 806 -15.54 -11.83 -21.13
CA ALA B 806 -14.51 -12.85 -21.01
C ALA B 806 -14.57 -13.81 -22.20
N ILE B 807 -15.78 -14.15 -22.61
CA ILE B 807 -15.97 -14.99 -23.79
C ILE B 807 -15.57 -14.25 -25.08
N LEU B 808 -15.94 -12.98 -25.17
CA LEU B 808 -15.56 -12.17 -26.33
C LEU B 808 -14.04 -12.13 -26.49
N SER B 809 -13.34 -11.85 -25.39
CA SER B 809 -11.89 -11.67 -25.48
C SER B 809 -11.15 -12.97 -25.81
N ALA B 810 -11.61 -14.09 -25.25
CA ALA B 810 -11.03 -15.39 -25.62
C ALA B 810 -11.22 -15.67 -27.10
N ASN B 811 -12.44 -15.44 -27.60
CA ASN B 811 -12.70 -15.66 -29.02
C ASN B 811 -11.92 -14.72 -29.92
N TYR B 812 -11.74 -13.47 -29.49
CA TYR B 812 -10.95 -12.51 -30.24
C TYR B 812 -9.50 -12.98 -30.40
N MET B 813 -8.91 -13.44 -29.30
CA MET B 813 -7.54 -13.91 -29.35
C MET B 813 -7.42 -15.15 -30.24
N ALA B 814 -8.38 -16.06 -30.13
CA ALA B 814 -8.38 -17.27 -30.94
C ALA B 814 -8.43 -16.92 -32.42
N LYS B 815 -9.29 -15.97 -32.76
CA LYS B 815 -9.43 -15.54 -34.14
C LYS B 815 -8.15 -14.90 -34.64
N ARG B 816 -7.50 -14.10 -33.79
CA ARG B 816 -6.26 -13.46 -34.22
C ARG B 816 -5.13 -14.46 -34.47
N LEU B 817 -5.15 -15.56 -33.72
CA LEU B 817 -4.02 -16.48 -33.68
C LEU B 817 -4.20 -17.73 -34.54
N GLU B 818 -5.45 -17.99 -34.95
CA GLU B 818 -5.81 -19.24 -35.61
C GLU B 818 -5.01 -19.59 -36.87
N ASN B 819 -4.53 -18.61 -37.62
CA ASN B 819 -3.74 -18.92 -38.81
C ASN B 819 -2.26 -19.19 -38.50
N TYR B 820 -1.88 -18.99 -37.24
CA TYR B 820 -0.51 -19.18 -36.78
C TYR B 820 -0.43 -20.41 -35.90
N TYR B 821 -1.43 -20.56 -35.03
CA TYR B 821 -1.51 -21.72 -34.14
C TYR B 821 -2.92 -22.29 -34.23
N PRO B 822 -3.04 -23.55 -34.66
CA PRO B 822 -4.37 -24.17 -34.75
C PRO B 822 -5.12 -24.09 -33.42
N ILE B 823 -6.40 -23.70 -33.46
CA ILE B 823 -7.25 -23.73 -32.27
C ILE B 823 -7.82 -25.13 -32.13
N LEU B 824 -7.51 -25.78 -31.01
CA LEU B 824 -7.63 -27.23 -30.90
C LEU B 824 -9.05 -27.74 -30.77
N PHE B 825 -9.86 -26.99 -30.03
CA PHE B 825 -11.21 -27.41 -29.71
C PHE B 825 -12.12 -26.22 -29.82
N ARG B 826 -13.09 -26.28 -30.71
CA ARG B 826 -14.08 -25.23 -30.81
C ARG B 826 -15.44 -25.85 -30.55
N GLY B 827 -16.33 -25.05 -29.98
CA GLY B 827 -17.65 -25.53 -29.66
C GLY B 827 -18.53 -25.46 -30.88
N ASN B 828 -19.82 -25.66 -30.67
CA ASN B 828 -20.79 -25.42 -31.72
C ASN B 828 -20.63 -23.99 -32.20
N ASN B 829 -20.80 -23.81 -33.51
CA ASN B 829 -20.76 -22.49 -34.14
C ASN B 829 -19.34 -21.89 -34.19
N GLU B 830 -18.34 -22.75 -34.02
CA GLU B 830 -16.92 -22.39 -34.18
C GLU B 830 -16.38 -21.43 -33.13
N LEU B 831 -17.17 -21.19 -32.09
CA LEU B 831 -16.72 -20.31 -31.01
C LEU B 831 -16.15 -21.11 -29.86
N VAL B 832 -15.24 -20.51 -29.11
CA VAL B 832 -14.80 -21.08 -27.85
C VAL B 832 -15.59 -20.42 -26.73
N ALA B 833 -15.32 -20.83 -25.50
CA ALA B 833 -15.93 -20.19 -24.33
C ALA B 833 -14.98 -19.10 -23.83
N HIS B 834 -14.47 -19.26 -22.61
CA HIS B 834 -13.67 -18.20 -21.98
C HIS B 834 -12.18 -18.42 -22.15
N GLU B 835 -11.81 -19.46 -22.89
CA GLU B 835 -10.40 -19.76 -23.07
C GLU B 835 -10.23 -20.55 -24.35
N CYS B 836 -9.02 -20.57 -24.87
CA CYS B 836 -8.79 -21.36 -26.06
C CYS B 836 -7.46 -22.08 -25.98
N ILE B 837 -7.37 -23.19 -26.70
CA ILE B 837 -6.15 -23.98 -26.71
C ILE B 837 -5.44 -23.80 -28.04
N LEU B 838 -4.20 -23.32 -27.95
CA LEU B 838 -3.35 -23.12 -29.12
C LEU B 838 -2.47 -24.36 -29.30
N ASP B 839 -2.47 -24.92 -30.50
CA ASP B 839 -1.66 -26.11 -30.76
C ASP B 839 -0.26 -25.70 -31.16
N LEU B 840 0.72 -26.02 -30.32
CA LEU B 840 2.12 -25.68 -30.62
C LEU B 840 2.90 -26.88 -31.14
N ARG B 841 2.23 -28.03 -31.21
CA ARG B 841 2.91 -29.25 -31.67
C ARG B 841 3.54 -29.17 -33.08
N PRO B 842 2.90 -28.45 -34.03
CA PRO B 842 3.61 -28.28 -35.32
C PRO B 842 5.00 -27.62 -35.21
N LEU B 843 5.19 -26.69 -34.28
CA LEU B 843 6.50 -26.05 -34.11
C LEU B 843 7.56 -27.06 -33.72
N LYS B 844 7.15 -28.08 -32.96
CA LYS B 844 8.06 -29.13 -32.54
C LYS B 844 8.50 -29.92 -33.76
N LYS B 845 7.53 -30.27 -34.60
CA LYS B 845 7.81 -31.02 -35.81
C LYS B 845 8.66 -30.21 -36.78
N GLN B 846 8.32 -28.93 -36.93
CA GLN B 846 8.94 -28.09 -37.94
C GLN B 846 10.31 -27.56 -37.53
N ALA B 847 10.42 -27.10 -36.28
CA ALA B 847 11.57 -26.30 -35.86
C ALA B 847 12.28 -26.88 -34.64
N ALA B 848 11.78 -28.02 -34.15
CA ALA B 848 12.29 -28.64 -32.92
C ALA B 848 12.14 -27.69 -31.73
N ILE B 849 11.10 -26.86 -31.80
CA ILE B 849 10.78 -25.90 -30.74
C ILE B 849 9.74 -26.51 -29.79
N GLU B 850 10.00 -26.45 -28.49
CA GLU B 850 9.10 -27.00 -27.48
C GLU B 850 8.18 -25.93 -26.92
N VAL B 851 7.10 -26.33 -26.25
CA VAL B 851 6.24 -25.33 -25.62
C VAL B 851 7.00 -24.52 -24.60
N GLU B 852 7.94 -25.17 -23.92
CA GLU B 852 8.77 -24.49 -22.94
C GLU B 852 9.59 -23.35 -23.56
N ASP B 853 10.09 -23.55 -24.79
CA ASP B 853 10.84 -22.49 -25.47
C ASP B 853 9.96 -21.27 -25.69
N VAL B 854 8.75 -21.49 -26.18
CA VAL B 854 7.82 -20.38 -26.38
C VAL B 854 7.50 -19.69 -25.06
N ALA B 855 7.28 -20.48 -24.01
CA ALA B 855 6.98 -19.91 -22.69
C ALA B 855 8.09 -18.99 -22.19
N LYS B 856 9.34 -19.41 -22.36
CA LYS B 856 10.46 -18.58 -21.91
C LYS B 856 10.65 -17.38 -22.82
N ARG B 857 10.47 -17.57 -24.12
CA ARG B 857 10.64 -16.44 -25.06
C ARG B 857 9.60 -15.35 -24.80
N LEU B 858 8.40 -15.74 -24.38
CA LEU B 858 7.41 -14.74 -24.00
C LEU B 858 7.92 -13.81 -22.89
N MET B 859 8.78 -14.32 -22.00
CA MET B 859 9.36 -13.46 -20.96
C MET B 859 10.11 -12.26 -21.54
N ASP B 860 10.80 -12.46 -22.66
CA ASP B 860 11.56 -11.39 -23.30
C ASP B 860 10.64 -10.34 -23.93
N PHE B 861 9.38 -10.72 -24.16
CA PHE B 861 8.37 -9.79 -24.66
C PHE B 861 7.59 -9.15 -23.50
N GLY B 862 7.93 -9.52 -22.27
CA GLY B 862 7.29 -8.92 -21.11
C GLY B 862 6.02 -9.64 -20.67
N PHE B 863 5.89 -10.92 -21.06
CA PHE B 863 4.71 -11.70 -20.69
C PHE B 863 5.01 -13.00 -19.93
N HIS B 864 4.16 -13.28 -18.94
CA HIS B 864 4.05 -14.59 -18.28
C HIS B 864 3.32 -15.48 -19.27
N ALA B 865 3.79 -16.70 -19.44
CA ALA B 865 3.18 -17.65 -20.38
C ALA B 865 1.76 -18.01 -19.93
N PRO B 866 0.93 -18.45 -20.88
CA PRO B 866 -0.39 -19.01 -20.52
C PRO B 866 -0.19 -20.38 -19.89
N THR B 867 -1.27 -21.12 -19.68
CA THR B 867 -1.13 -22.45 -19.11
C THR B 867 -0.47 -23.40 -20.11
N VAL B 868 0.56 -24.11 -19.65
CA VAL B 868 1.41 -24.88 -20.56
C VAL B 868 1.14 -26.39 -20.46
N SER B 869 0.88 -27.02 -21.59
CA SER B 869 0.76 -28.48 -21.68
C SER B 869 -0.34 -29.08 -20.82
N TRP B 870 -1.38 -28.30 -20.53
CA TRP B 870 -2.57 -28.82 -19.88
C TRP B 870 -3.80 -28.12 -20.44
N PRO B 871 -4.88 -28.87 -20.72
CA PRO B 871 -5.03 -30.31 -20.51
C PRO B 871 -4.35 -31.15 -21.58
N VAL B 872 -3.82 -30.52 -22.63
CA VAL B 872 -3.19 -31.27 -23.73
C VAL B 872 -1.70 -31.00 -23.82
N LEU B 873 -0.88 -32.05 -23.75
CA LEU B 873 0.57 -31.89 -23.87
C LEU B 873 0.93 -31.18 -25.16
N GLY B 874 1.88 -30.26 -25.09
CA GLY B 874 2.39 -29.66 -26.30
C GLY B 874 1.56 -28.48 -26.76
N THR B 875 0.64 -28.02 -25.92
CA THR B 875 -0.21 -26.90 -26.29
C THR B 875 -0.19 -25.81 -25.21
N MET B 876 -0.81 -24.68 -25.51
CA MET B 876 -0.97 -23.64 -24.51
C MET B 876 -2.46 -23.31 -24.40
N MET B 877 -2.95 -23.10 -23.18
CA MET B 877 -4.34 -22.69 -23.00
C MET B 877 -4.38 -21.27 -22.45
N VAL B 878 -5.04 -20.39 -23.19
CA VAL B 878 -4.97 -18.96 -22.98
C VAL B 878 -6.32 -18.48 -22.48
N GLU B 879 -6.34 -17.80 -21.34
CA GLU B 879 -7.58 -17.25 -20.82
C GLU B 879 -7.33 -15.80 -20.44
N PRO B 880 -7.79 -14.86 -21.28
CA PRO B 880 -7.49 -13.44 -21.00
C PRO B 880 -8.30 -12.86 -19.85
N THR B 881 -9.52 -13.38 -19.62
CA THR B 881 -10.52 -12.76 -18.74
C THR B 881 -11.04 -11.45 -19.33
N GLU B 882 -12.09 -10.92 -18.69
CA GLU B 882 -12.75 -9.70 -19.14
C GLU B 882 -12.02 -8.44 -18.70
N SER B 883 -10.99 -8.58 -17.87
CA SER B 883 -10.40 -7.41 -17.22
C SER B 883 -9.25 -6.78 -18.00
N GLU B 884 -8.88 -7.40 -19.12
CA GLU B 884 -7.71 -6.98 -19.88
C GLU B 884 -8.09 -6.21 -21.13
N SER B 885 -7.38 -5.12 -21.40
CA SER B 885 -7.75 -4.21 -22.47
C SER B 885 -7.42 -4.78 -23.84
N LEU B 886 -8.06 -4.25 -24.88
CA LEU B 886 -7.80 -4.68 -26.25
C LEU B 886 -6.32 -4.48 -26.58
N GLY B 887 -5.75 -3.36 -26.15
CA GLY B 887 -4.34 -3.10 -26.41
C GLY B 887 -3.46 -4.19 -25.82
N GLU B 888 -3.81 -4.64 -24.62
CA GLU B 888 -3.05 -5.70 -23.97
C GLU B 888 -3.23 -7.04 -24.70
N LEU B 889 -4.48 -7.34 -25.08
CA LEU B 889 -4.74 -8.56 -25.85
C LEU B 889 -3.94 -8.55 -27.14
N ASP B 890 -3.94 -7.40 -27.82
CA ASP B 890 -3.22 -7.29 -29.08
C ASP B 890 -1.72 -7.46 -28.87
N ARG B 891 -1.18 -6.92 -27.79
CA ARG B 891 0.24 -7.08 -27.54
C ARG B 891 0.59 -8.55 -27.34
N PHE B 892 -0.25 -9.27 -26.60
CA PHE B 892 0.02 -10.69 -26.40
C PHE B 892 -0.05 -11.47 -27.71
N CYS B 893 -1.08 -11.21 -28.53
CA CYS B 893 -1.17 -11.90 -29.82
C CYS B 893 0.01 -11.53 -30.70
N ASP B 894 0.40 -10.25 -30.68
CA ASP B 894 1.54 -9.82 -31.50
C ASP B 894 2.84 -10.51 -31.08
N ALA B 895 3.00 -10.72 -29.78
CA ALA B 895 4.14 -11.46 -29.27
C ALA B 895 4.13 -12.90 -29.80
N MET B 896 2.96 -13.54 -29.76
CA MET B 896 2.86 -14.93 -30.23
C MET B 896 3.11 -15.03 -31.73
N ILE B 897 2.66 -14.02 -32.48
CA ILE B 897 2.90 -14.00 -33.92
C ILE B 897 4.38 -13.78 -34.22
N ALA B 898 5.04 -12.90 -33.48
CA ALA B 898 6.49 -12.69 -33.65
C ALA B 898 7.28 -13.97 -33.35
N ILE B 899 6.87 -14.67 -32.29
CA ILE B 899 7.51 -15.93 -31.93
C ILE B 899 7.25 -16.97 -33.03
N TYR B 900 6.06 -16.93 -33.62
CA TYR B 900 5.78 -17.82 -34.76
C TYR B 900 6.77 -17.59 -35.89
N GLN B 901 7.06 -16.32 -36.16
CA GLN B 901 8.01 -15.99 -37.22
C GLN B 901 9.43 -16.39 -36.85
N GLU B 902 9.77 -16.31 -35.56
CA GLU B 902 11.08 -16.77 -35.11
C GLU B 902 11.23 -18.27 -35.34
N ALA B 903 10.16 -19.02 -35.07
CA ALA B 903 10.18 -20.46 -35.31
C ALA B 903 10.27 -20.74 -36.80
N GLN B 904 9.56 -19.96 -37.61
CA GLN B 904 9.63 -20.13 -39.06
C GLN B 904 11.05 -19.96 -39.56
N ALA B 905 11.79 -19.03 -38.95
CA ALA B 905 13.16 -18.77 -39.36
C ALA B 905 14.02 -20.00 -39.11
N ILE B 906 13.75 -20.69 -38.01
CA ILE B 906 14.47 -21.92 -37.72
C ILE B 906 14.10 -22.99 -38.74
N THR B 907 12.81 -23.17 -38.95
CA THR B 907 12.31 -24.14 -39.92
C THR B 907 12.95 -23.94 -41.29
N HIS B 908 13.10 -22.68 -41.68
CA HIS B 908 13.63 -22.38 -43.00
C HIS B 908 15.17 -22.26 -43.07
N GLY B 909 15.84 -22.63 -41.98
CA GLY B 909 17.29 -22.68 -41.96
C GLY B 909 17.96 -21.31 -41.93
N GLU B 910 17.16 -20.28 -41.65
CA GLU B 910 17.67 -18.91 -41.69
C GLU B 910 18.41 -18.50 -40.40
N ILE B 911 18.22 -19.29 -39.34
CA ILE B 911 18.97 -19.09 -38.11
C ILE B 911 19.30 -20.47 -37.52
N ASP B 912 20.40 -20.54 -36.76
CA ASP B 912 20.84 -21.80 -36.14
C ASP B 912 19.72 -22.40 -35.28
N PRO B 913 19.49 -23.71 -35.43
CA PRO B 913 18.37 -24.33 -34.73
C PRO B 913 18.62 -24.49 -33.23
N ALA B 914 19.87 -24.35 -32.80
CA ALA B 914 20.20 -24.50 -31.38
C ALA B 914 20.51 -23.15 -30.73
N ASP B 915 21.10 -22.25 -31.50
CA ASP B 915 21.50 -20.94 -30.97
C ASP B 915 20.60 -19.87 -31.55
N ASN B 916 19.50 -19.59 -30.86
CA ASN B 916 18.54 -18.61 -31.36
C ASN B 916 17.75 -18.07 -30.16
N PRO B 917 16.95 -17.01 -30.35
CA PRO B 917 16.34 -16.44 -29.14
C PRO B 917 15.37 -17.39 -28.42
N LEU B 918 14.70 -18.27 -29.16
CA LEU B 918 13.76 -19.20 -28.52
C LEU B 918 14.46 -20.19 -27.60
N LYS B 919 15.59 -20.73 -28.05
CA LYS B 919 16.34 -21.70 -27.23
C LYS B 919 17.07 -21.05 -26.06
N ASN B 920 17.43 -19.78 -26.22
CA ASN B 920 18.26 -19.08 -25.21
C ASN B 920 17.47 -18.21 -24.24
N ALA B 921 16.15 -18.15 -24.45
CA ALA B 921 15.29 -17.35 -23.59
C ALA B 921 15.14 -18.00 -22.21
N PRO B 922 14.92 -17.17 -21.18
CA PRO B 922 14.85 -15.71 -21.22
C PRO B 922 16.25 -15.09 -21.13
N HIS B 923 16.38 -13.87 -21.66
CA HIS B 923 17.68 -13.19 -21.70
C HIS B 923 17.80 -12.16 -20.57
N THR B 924 18.69 -12.42 -19.62
CA THR B 924 18.92 -11.45 -18.55
C THR B 924 19.72 -10.27 -19.08
N ALA B 925 19.59 -9.12 -18.42
CA ALA B 925 20.41 -7.96 -18.81
C ALA B 925 21.89 -8.28 -18.71
N GLN B 926 22.29 -8.98 -17.65
CA GLN B 926 23.70 -9.30 -17.50
C GLN B 926 24.23 -10.18 -18.62
N SER B 927 23.41 -11.10 -19.11
CA SER B 927 23.86 -12.00 -20.19
C SER B 927 24.07 -11.24 -21.49
N LEU B 928 23.37 -10.11 -21.65
CA LEU B 928 23.50 -9.32 -22.86
C LEU B 928 24.65 -8.32 -22.79
N ILE B 929 24.95 -7.87 -21.58
CA ILE B 929 25.91 -6.79 -21.37
C ILE B 929 27.30 -7.26 -21.01
N CYS B 930 27.39 -8.34 -20.23
CA CYS B 930 28.68 -8.83 -19.77
C CYS B 930 29.27 -9.92 -20.67
N GLY B 931 30.58 -9.85 -20.88
CA GLY B 931 31.30 -10.87 -21.64
C GLY B 931 31.11 -10.77 -23.13
N GLU B 932 31.56 -11.78 -23.86
CA GLU B 932 31.48 -11.78 -25.31
C GLU B 932 30.10 -12.15 -25.79
N TRP B 933 29.64 -11.48 -26.84
CA TRP B 933 28.39 -11.82 -27.49
C TRP B 933 28.69 -12.65 -28.73
N ASN B 934 28.38 -13.94 -28.66
CA ASN B 934 28.54 -14.82 -29.82
C ASN B 934 27.27 -15.59 -30.13
N HIS B 935 26.27 -14.86 -30.64
CA HIS B 935 25.02 -15.44 -31.10
C HIS B 935 24.74 -14.88 -32.48
N PRO B 936 23.96 -15.61 -33.30
CA PRO B 936 23.60 -15.15 -34.64
C PRO B 936 22.44 -14.16 -34.65
N TYR B 937 22.11 -13.60 -33.48
CA TYR B 937 21.09 -12.56 -33.40
C TYR B 937 21.65 -11.47 -32.50
N SER B 938 21.09 -10.28 -32.58
CA SER B 938 21.63 -9.15 -31.83
C SER B 938 21.08 -9.10 -30.42
N GLN B 939 21.78 -8.39 -29.52
CA GLN B 939 21.26 -8.19 -28.18
C GLN B 939 19.91 -7.47 -28.23
N GLU B 940 19.74 -6.56 -29.19
CA GLU B 940 18.45 -5.85 -29.32
C GLU B 940 17.30 -6.78 -29.71
N GLU B 941 17.58 -7.73 -30.61
CA GLU B 941 16.59 -8.74 -31.01
C GLU B 941 16.21 -9.61 -29.81
N ALA B 942 17.15 -9.84 -28.91
CA ALA B 942 16.91 -10.63 -27.70
C ALA B 942 16.04 -9.90 -26.67
N ALA B 943 16.44 -8.67 -26.33
CA ALA B 943 15.81 -7.94 -25.23
C ALA B 943 14.65 -7.03 -25.63
N TYR B 944 14.70 -6.48 -26.84
CA TYR B 944 13.63 -5.60 -27.30
C TYR B 944 12.97 -6.07 -28.58
N PRO B 945 12.37 -7.29 -28.54
CA PRO B 945 11.82 -7.85 -29.79
C PRO B 945 10.48 -7.22 -30.21
N ALA B 946 9.91 -6.35 -29.39
CA ALA B 946 8.67 -5.65 -29.72
C ALA B 946 8.72 -4.21 -29.22
N PRO B 947 7.99 -3.29 -29.86
CA PRO B 947 8.13 -1.86 -29.56
C PRO B 947 7.78 -1.49 -28.12
N TRP B 948 6.80 -2.17 -27.54
CA TRP B 948 6.41 -1.84 -26.17
C TRP B 948 7.53 -2.08 -25.16
N THR B 949 8.48 -2.97 -25.47
CA THR B 949 9.55 -3.26 -24.53
C THR B 949 10.52 -2.08 -24.43
N LYS B 950 10.48 -1.19 -25.43
CA LYS B 950 11.31 0.01 -25.38
C LYS B 950 10.63 1.15 -24.62
N GLN B 951 9.36 0.96 -24.31
CA GLN B 951 8.63 1.90 -23.46
C GLN B 951 8.73 1.49 -22.00
N PHE B 952 8.63 0.19 -21.77
CA PHE B 952 8.81 -0.35 -20.44
C PHE B 952 9.33 -1.77 -20.57
N LYS B 953 10.49 -2.03 -19.96
CA LYS B 953 11.11 -3.35 -20.06
C LYS B 953 11.05 -4.10 -18.74
N PHE B 954 10.50 -5.31 -18.76
CA PHE B 954 10.55 -6.18 -17.59
C PHE B 954 11.74 -7.10 -17.73
N TRP B 955 12.64 -7.09 -16.76
CA TRP B 955 13.85 -7.90 -16.88
C TRP B 955 13.71 -9.26 -16.18
N PRO B 956 13.87 -10.35 -16.95
CA PRO B 956 13.92 -11.67 -16.31
C PRO B 956 15.13 -11.69 -15.39
N ALA B 957 14.96 -12.17 -14.17
CA ALA B 957 16.02 -12.08 -13.16
C ALA B 957 17.10 -13.13 -13.34
N VAL B 958 16.72 -14.27 -13.91
CA VAL B 958 17.67 -15.36 -14.13
C VAL B 958 17.46 -15.94 -15.52
N GLY B 959 18.46 -16.67 -16.01
CA GLY B 959 18.34 -17.37 -17.28
C GLY B 959 17.55 -18.65 -17.08
N ARG B 960 17.40 -19.44 -18.14
CA ARG B 960 16.56 -20.64 -18.06
C ARG B 960 17.05 -21.62 -17.00
N ILE B 961 16.12 -22.06 -16.16
CA ILE B 961 16.48 -22.91 -15.03
C ILE B 961 16.50 -24.38 -15.42
N ASN B 962 17.52 -25.08 -14.95
CA ASN B 962 17.68 -26.50 -15.21
C ASN B 962 16.73 -27.25 -14.30
N ASN B 963 15.74 -27.92 -14.88
CA ASN B 963 14.73 -28.59 -14.08
C ASN B 963 15.17 -29.96 -13.58
N THR B 964 15.76 -30.76 -14.47
CA THR B 964 16.19 -32.11 -14.11
C THR B 964 17.27 -32.10 -13.02
N TYR B 965 18.20 -31.16 -13.12
CA TYR B 965 19.25 -31.03 -12.13
C TYR B 965 18.67 -30.77 -10.74
N GLY B 966 17.67 -29.89 -10.67
CA GLY B 966 17.05 -29.51 -9.41
C GLY B 966 16.34 -30.66 -8.70
N ASP B 967 15.72 -31.56 -9.48
CA ASP B 967 15.02 -32.70 -8.91
C ASP B 967 15.99 -33.80 -8.49
N ARG B 968 17.10 -33.88 -9.22
CA ARG B 968 18.13 -34.88 -8.96
C ARG B 968 18.87 -34.56 -7.66
N HIS B 969 19.14 -33.28 -7.43
CA HIS B 969 19.83 -32.83 -6.22
C HIS B 969 18.91 -31.92 -5.40
N LEU B 970 17.98 -32.54 -4.66
CA LEU B 970 16.97 -31.76 -3.94
C LEU B 970 17.57 -30.96 -2.78
N VAL B 971 17.51 -29.63 -2.90
CA VAL B 971 17.99 -28.72 -1.86
C VAL B 971 16.84 -27.76 -1.54
N CYS B 972 16.29 -27.86 -0.33
CA CYS B 972 15.06 -27.12 -0.02
CA CYS B 972 15.06 -27.14 0.01
C CYS B 972 15.21 -26.10 1.12
N SER B 973 16.45 -25.70 1.41
CA SER B 973 16.62 -24.66 2.42
C SER B 973 17.65 -23.63 1.96
N CYS B 974 17.67 -22.49 2.67
CA CYS B 974 18.62 -21.41 2.40
C CYS B 974 20.08 -21.81 2.51
N GLU B 975 20.36 -22.95 3.15
CA GLU B 975 21.75 -23.41 3.24
C GLU B 975 22.34 -23.62 1.85
N GLY B 976 21.50 -24.10 0.93
CA GLY B 976 21.91 -24.33 -0.44
C GLY B 976 21.94 -23.07 -1.29
N MET B 977 21.59 -21.93 -0.70
CA MET B 977 21.64 -20.66 -1.42
C MET B 977 21.98 -19.50 -0.48
#